data_2MC5
# 
_entry.id   2MC5 
# 
_audit_conform.dict_name       mmcif_pdbx.dic 
_audit_conform.dict_version    5.391 
_audit_conform.dict_location   http://mmcif.pdb.org/dictionaries/ascii/mmcif_pdbx.dic 
# 
loop_
_database_2.database_id 
_database_2.database_code 
_database_2.pdbx_database_accession 
_database_2.pdbx_DOI 
PDB   2MC5         pdb_00002mc5 10.2210/pdb2mc5/pdb 
RCSB  RCSB103462   ?            ?                   
BMRB  19428        ?            10.13018/BMR19428   
WWPDB D_1000103462 ?            ?                   
# 
loop_
_pdbx_audit_revision_history.ordinal 
_pdbx_audit_revision_history.data_content_type 
_pdbx_audit_revision_history.major_revision 
_pdbx_audit_revision_history.minor_revision 
_pdbx_audit_revision_history.revision_date 
1 'Structure model' 1 0 2014-03-26 
2 'Structure model' 1 1 2014-04-30 
3 'Structure model' 1 2 2024-05-01 
# 
_pdbx_audit_revision_details.ordinal             1 
_pdbx_audit_revision_details.revision_ordinal    1 
_pdbx_audit_revision_details.data_content_type   'Structure model' 
_pdbx_audit_revision_details.provider            repository 
_pdbx_audit_revision_details.type                'Initial release' 
_pdbx_audit_revision_details.description         ? 
_pdbx_audit_revision_details.details             ? 
# 
loop_
_pdbx_audit_revision_group.ordinal 
_pdbx_audit_revision_group.revision_ordinal 
_pdbx_audit_revision_group.data_content_type 
_pdbx_audit_revision_group.group 
1 2 'Structure model' 'Database references' 
2 3 'Structure model' 'Data collection'     
3 3 'Structure model' 'Database references' 
# 
loop_
_pdbx_audit_revision_category.ordinal 
_pdbx_audit_revision_category.revision_ordinal 
_pdbx_audit_revision_category.data_content_type 
_pdbx_audit_revision_category.category 
1 3 'Structure model' chem_comp_atom 
2 3 'Structure model' chem_comp_bond 
3 3 'Structure model' database_2     
# 
loop_
_pdbx_audit_revision_item.ordinal 
_pdbx_audit_revision_item.revision_ordinal 
_pdbx_audit_revision_item.data_content_type 
_pdbx_audit_revision_item.item 
1 3 'Structure model' '_database_2.pdbx_DOI'                
2 3 'Structure model' '_database_2.pdbx_database_accession' 
# 
_pdbx_database_status.deposit_site                    BMRB 
_pdbx_database_status.entry_id                        2MC5 
_pdbx_database_status.process_site                    RCSB 
_pdbx_database_status.recvd_initial_deposition_date   2013-08-14 
_pdbx_database_status.SG_entry                        ? 
_pdbx_database_status.status_code                     REL 
_pdbx_database_status.status_code_mr                  REL 
_pdbx_database_status.status_code_sf                  ? 
_pdbx_database_status.status_code_cs                  REL 
_pdbx_database_status.methods_development_category    ? 
_pdbx_database_status.pdb_format_compatible           Y 
_pdbx_database_status.status_code_nmr_data            ? 
# 
loop_
_pdbx_database_related.db_id 
_pdbx_database_related.db_name 
_pdbx_database_related.content_type 
_pdbx_database_related.details 
19428 BMRB unspecified . 
2MC6  PDB  unspecified . 
# 
loop_
_audit_author.name 
_audit_author.pdbx_ordinal 
'Liu, B.'            1 
'Shadrin, A.'        2 
'Sheppard, C.'       3 
'Xu, Y.'             4 
'Severinov, K.'      5 
'Matthews, S.'       6 
'Wigneshweraraj, S.' 7 
# 
_citation.id                        primary 
_citation.title                     
'A bacteriophage transcription regulator inhibits bacterial transcription initiation by sigma-factor displacement.' 
_citation.journal_abbrev            'Nucleic Acids Res.' 
_citation.journal_volume            42 
_citation.page_first                4294 
_citation.page_last                 4305 
_citation.year                      2014 
_citation.journal_id_ASTM           NARHAD 
_citation.country                   UK 
_citation.journal_id_ISSN           0305-1048 
_citation.journal_id_CSD            0389 
_citation.book_publisher            ? 
_citation.pdbx_database_id_PubMed   24482445 
_citation.pdbx_database_id_DOI      10.1093/nar/gku080 
# 
loop_
_citation_author.citation_id 
_citation_author.name 
_citation_author.ordinal 
_citation_author.identifier_ORCID 
primary 'Liu, B.'            1 ? 
primary 'Shadrin, A.'        2 ? 
primary 'Sheppard, C.'       3 ? 
primary 'Mekler, V.'         4 ? 
primary 'Xu, Y.'             5 ? 
primary 'Severinov, K.'      6 ? 
primary 'Matthews, S.'       7 ? 
primary 'Wigneshweraraj, S.' 8 ? 
# 
_entity.id                         1 
_entity.type                       polymer 
_entity.src_method                 man 
_entity.pdbx_description           45L 
_entity.formula_weight             8188.970 
_entity.pdbx_number_of_molecules   1 
_entity.pdbx_ec                    ? 
_entity.pdbx_mutation              ? 
_entity.pdbx_fragment              ? 
_entity.details                    ? 
# 
_entity_name_com.entity_id   1 
_entity_name_com.name        'RNA polymerase inhibitor p7' 
# 
_entity_poly.entity_id                      1 
_entity_poly.type                           'polypeptide(L)' 
_entity_poly.nstd_linkage                   no 
_entity_poly.nstd_monomer                   no 
_entity_poly.pdbx_seq_one_letter_code       MNEFTQISGYVNAFGSQRGSVLTVKVENDEGWTLVEEDFDRADYGSDPEFVAEVSSYLKRNGGIKDLTKVLTR 
_entity_poly.pdbx_seq_one_letter_code_can   MNEFTQISGYVNAFGSQRGSVLTVKVENDEGWTLVEEDFDRADYGSDPEFVAEVSSYLKRNGGIKDLTKVLTR 
_entity_poly.pdbx_strand_id                 A 
_entity_poly.pdbx_target_identifier         ? 
# 
loop_
_entity_poly_seq.entity_id 
_entity_poly_seq.num 
_entity_poly_seq.mon_id 
_entity_poly_seq.hetero 
1 1  MET n 
1 2  ASN n 
1 3  GLU n 
1 4  PHE n 
1 5  THR n 
1 6  GLN n 
1 7  ILE n 
1 8  SER n 
1 9  GLY n 
1 10 TYR n 
1 11 VAL n 
1 12 ASN n 
1 13 ALA n 
1 14 PHE n 
1 15 GLY n 
1 16 SER n 
1 17 GLN n 
1 18 ARG n 
1 19 GLY n 
1 20 SER n 
1 21 VAL n 
1 22 LEU n 
1 23 THR n 
1 24 VAL n 
1 25 LYS n 
1 26 VAL n 
1 27 GLU n 
1 28 ASN n 
1 29 ASP n 
1 30 GLU n 
1 31 GLY n 
1 32 TRP n 
1 33 THR n 
1 34 LEU n 
1 35 VAL n 
1 36 GLU n 
1 37 GLU n 
1 38 ASP n 
1 39 PHE n 
1 40 ASP n 
1 41 ARG n 
1 42 ALA n 
1 43 ASP n 
1 44 TYR n 
1 45 GLY n 
1 46 SER n 
1 47 ASP n 
1 48 PRO n 
1 49 GLU n 
1 50 PHE n 
1 51 VAL n 
1 52 ALA n 
1 53 GLU n 
1 54 VAL n 
1 55 SER n 
1 56 SER n 
1 57 TYR n 
1 58 LEU n 
1 59 LYS n 
1 60 ARG n 
1 61 ASN n 
1 62 GLY n 
1 63 GLY n 
1 64 ILE n 
1 65 LYS n 
1 66 ASP n 
1 67 LEU n 
1 68 THR n 
1 69 LYS n 
1 70 VAL n 
1 71 LEU n 
1 72 THR n 
1 73 ARG n 
# 
_entity_src_gen.entity_id                          1 
_entity_src_gen.pdbx_src_id                        1 
_entity_src_gen.pdbx_alt_source_flag               sample 
_entity_src_gen.pdbx_seq_type                      ? 
_entity_src_gen.pdbx_beg_seq_num                   ? 
_entity_src_gen.pdbx_end_seq_num                   ? 
_entity_src_gen.gene_src_common_name               ? 
_entity_src_gen.gene_src_genus                     ? 
_entity_src_gen.pdbx_gene_src_gene                 ? 
_entity_src_gen.gene_src_species                   ? 
_entity_src_gen.gene_src_strain                    ? 
_entity_src_gen.gene_src_tissue                    ? 
_entity_src_gen.gene_src_tissue_fraction           ? 
_entity_src_gen.gene_src_details                   ? 
_entity_src_gen.pdbx_gene_src_fragment             ? 
_entity_src_gen.pdbx_gene_src_scientific_name      'Xanthomonas phage Xp10' 
_entity_src_gen.pdbx_gene_src_ncbi_taxonomy_id     232237 
_entity_src_gen.pdbx_gene_src_variant              ? 
_entity_src_gen.pdbx_gene_src_cell_line            ? 
_entity_src_gen.pdbx_gene_src_atcc                 ? 
_entity_src_gen.pdbx_gene_src_organ                ? 
_entity_src_gen.pdbx_gene_src_organelle            ? 
_entity_src_gen.pdbx_gene_src_cell                 ? 
_entity_src_gen.pdbx_gene_src_cellular_location    ? 
_entity_src_gen.host_org_common_name               ? 
_entity_src_gen.pdbx_host_org_scientific_name      'Escherichia coli' 
_entity_src_gen.pdbx_host_org_ncbi_taxonomy_id     469008 
_entity_src_gen.host_org_genus                     ? 
_entity_src_gen.pdbx_host_org_gene                 ? 
_entity_src_gen.pdbx_host_org_organ                ? 
_entity_src_gen.host_org_species                   ? 
_entity_src_gen.pdbx_host_org_tissue               ? 
_entity_src_gen.pdbx_host_org_tissue_fraction      ? 
_entity_src_gen.pdbx_host_org_strain               ? 
_entity_src_gen.pdbx_host_org_variant              ? 
_entity_src_gen.pdbx_host_org_cell_line            ? 
_entity_src_gen.pdbx_host_org_atcc                 ? 
_entity_src_gen.pdbx_host_org_culture_collection   ? 
_entity_src_gen.pdbx_host_org_cell                 ? 
_entity_src_gen.pdbx_host_org_organelle            ? 
_entity_src_gen.pdbx_host_org_cellular_location    ? 
_entity_src_gen.pdbx_host_org_vector_type          ? 
_entity_src_gen.pdbx_host_org_vector               pet46 
_entity_src_gen.host_org_details                   ? 
_entity_src_gen.expression_system_id               ? 
_entity_src_gen.plasmid_name                       ? 
_entity_src_gen.plasmid_details                    ? 
_entity_src_gen.pdbx_description                   ? 
# 
loop_
_chem_comp.id 
_chem_comp.type 
_chem_comp.mon_nstd_flag 
_chem_comp.name 
_chem_comp.pdbx_synonyms 
_chem_comp.formula 
_chem_comp.formula_weight 
ALA 'L-peptide linking' y ALANINE         ? 'C3 H7 N O2'     89.093  
ARG 'L-peptide linking' y ARGININE        ? 'C6 H15 N4 O2 1' 175.209 
ASN 'L-peptide linking' y ASPARAGINE      ? 'C4 H8 N2 O3'    132.118 
ASP 'L-peptide linking' y 'ASPARTIC ACID' ? 'C4 H7 N O4'     133.103 
GLN 'L-peptide linking' y GLUTAMINE       ? 'C5 H10 N2 O3'   146.144 
GLU 'L-peptide linking' y 'GLUTAMIC ACID' ? 'C5 H9 N O4'     147.129 
GLY 'peptide linking'   y GLYCINE         ? 'C2 H5 N O2'     75.067  
ILE 'L-peptide linking' y ISOLEUCINE      ? 'C6 H13 N O2'    131.173 
LEU 'L-peptide linking' y LEUCINE         ? 'C6 H13 N O2'    131.173 
LYS 'L-peptide linking' y LYSINE          ? 'C6 H15 N2 O2 1' 147.195 
MET 'L-peptide linking' y METHIONINE      ? 'C5 H11 N O2 S'  149.211 
PHE 'L-peptide linking' y PHENYLALANINE   ? 'C9 H11 N O2'    165.189 
PRO 'L-peptide linking' y PROLINE         ? 'C5 H9 N O2'     115.130 
SER 'L-peptide linking' y SERINE          ? 'C3 H7 N O3'     105.093 
THR 'L-peptide linking' y THREONINE       ? 'C4 H9 N O3'     119.119 
TRP 'L-peptide linking' y TRYPTOPHAN      ? 'C11 H12 N2 O2'  204.225 
TYR 'L-peptide linking' y TYROSINE        ? 'C9 H11 N O3'    181.189 
VAL 'L-peptide linking' y VALINE          ? 'C5 H11 N O2'    117.146 
# 
loop_
_pdbx_poly_seq_scheme.asym_id 
_pdbx_poly_seq_scheme.entity_id 
_pdbx_poly_seq_scheme.seq_id 
_pdbx_poly_seq_scheme.mon_id 
_pdbx_poly_seq_scheme.ndb_seq_num 
_pdbx_poly_seq_scheme.pdb_seq_num 
_pdbx_poly_seq_scheme.auth_seq_num 
_pdbx_poly_seq_scheme.pdb_mon_id 
_pdbx_poly_seq_scheme.auth_mon_id 
_pdbx_poly_seq_scheme.pdb_strand_id 
_pdbx_poly_seq_scheme.pdb_ins_code 
_pdbx_poly_seq_scheme.hetero 
A 1 1  MET 1  1  1  MET MET A . n 
A 1 2  ASN 2  2  2  ASN ASN A . n 
A 1 3  GLU 3  3  3  GLU GLU A . n 
A 1 4  PHE 4  4  4  PHE PHE A . n 
A 1 5  THR 5  5  5  THR THR A . n 
A 1 6  GLN 6  6  6  GLN GLN A . n 
A 1 7  ILE 7  7  7  ILE ILE A . n 
A 1 8  SER 8  8  8  SER SER A . n 
A 1 9  GLY 9  9  9  GLY GLY A . n 
A 1 10 TYR 10 10 10 TYR TYR A . n 
A 1 11 VAL 11 11 11 VAL VAL A . n 
A 1 12 ASN 12 12 12 ASN ASN A . n 
A 1 13 ALA 13 13 13 ALA ALA A . n 
A 1 14 PHE 14 14 14 PHE PHE A . n 
A 1 15 GLY 15 15 15 GLY GLY A . n 
A 1 16 SER 16 16 16 SER SER A . n 
A 1 17 GLN 17 17 17 GLN GLN A . n 
A 1 18 ARG 18 18 18 ARG ARG A . n 
A 1 19 GLY 19 19 19 GLY GLY A . n 
A 1 20 SER 20 20 20 SER SER A . n 
A 1 21 VAL 21 21 21 VAL VAL A . n 
A 1 22 LEU 22 22 22 LEU LEU A . n 
A 1 23 THR 23 23 23 THR THR A . n 
A 1 24 VAL 24 24 24 VAL VAL A . n 
A 1 25 LYS 25 25 25 LYS LYS A . n 
A 1 26 VAL 26 26 26 VAL VAL A . n 
A 1 27 GLU 27 27 27 GLU GLU A . n 
A 1 28 ASN 28 28 28 ASN ASN A . n 
A 1 29 ASP 29 29 29 ASP ASP A . n 
A 1 30 GLU 30 30 30 GLU GLU A . n 
A 1 31 GLY 31 31 31 GLY GLY A . n 
A 1 32 TRP 32 32 32 TRP TRP A . n 
A 1 33 THR 33 33 33 THR THR A . n 
A 1 34 LEU 34 34 34 LEU LEU A . n 
A 1 35 VAL 35 35 35 VAL VAL A . n 
A 1 36 GLU 36 36 36 GLU GLU A . n 
A 1 37 GLU 37 37 37 GLU GLU A . n 
A 1 38 ASP 38 38 38 ASP ASP A . n 
A 1 39 PHE 39 39 39 PHE PHE A . n 
A 1 40 ASP 40 40 40 ASP ASP A . n 
A 1 41 ARG 41 41 41 ARG ARG A . n 
A 1 42 ALA 42 42 42 ALA ALA A . n 
A 1 43 ASP 43 43 43 ASP ASP A . n 
A 1 44 TYR 44 44 44 TYR TYR A . n 
A 1 45 GLY 45 45 45 GLY GLY A . n 
A 1 46 SER 46 46 46 SER SER A . n 
A 1 47 ASP 47 47 47 ASP ASP A . n 
A 1 48 PRO 48 48 48 PRO PRO A . n 
A 1 49 GLU 49 49 49 GLU GLU A . n 
A 1 50 PHE 50 50 50 PHE PHE A . n 
A 1 51 VAL 51 51 51 VAL VAL A . n 
A 1 52 ALA 52 52 52 ALA ALA A . n 
A 1 53 GLU 53 53 53 GLU GLU A . n 
A 1 54 VAL 54 54 54 VAL VAL A . n 
A 1 55 SER 55 55 55 SER SER A . n 
A 1 56 SER 56 56 56 SER SER A . n 
A 1 57 TYR 57 57 57 TYR TYR A . n 
A 1 58 LEU 58 58 58 LEU LEU A . n 
A 1 59 LYS 59 59 59 LYS LYS A . n 
A 1 60 ARG 60 60 60 ARG ARG A . n 
A 1 61 ASN 61 61 61 ASN ASN A . n 
A 1 62 GLY 62 62 62 GLY GLY A . n 
A 1 63 GLY 63 63 63 GLY GLY A . n 
A 1 64 ILE 64 64 64 ILE ILE A . n 
A 1 65 LYS 65 65 65 LYS LYS A . n 
A 1 66 ASP 66 66 66 ASP ASP A . n 
A 1 67 LEU 67 67 67 LEU LEU A . n 
A 1 68 THR 68 68 68 THR THR A . n 
A 1 69 LYS 69 69 69 LYS LYS A . n 
A 1 70 VAL 70 70 70 VAL VAL A . n 
A 1 71 LEU 71 71 71 LEU LEU A . n 
A 1 72 THR 72 72 72 THR THR A . n 
A 1 73 ARG 73 73 73 ARG ARG A . n 
# 
_exptl.absorpt_coefficient_mu     ? 
_exptl.absorpt_correction_T_max   ? 
_exptl.absorpt_correction_T_min   ? 
_exptl.absorpt_correction_type    ? 
_exptl.absorpt_process_details    ? 
_exptl.crystals_number            ? 
_exptl.details                    ? 
_exptl.entry_id                   2MC5 
_exptl.method                     'SOLUTION NMR' 
_exptl.method_details             ? 
# 
_struct.entry_id                  2MC5 
_struct.title                     
'A bacteriophage transcription regulator inhibits bacterial transcription initiation by -factor displacement' 
_struct.pdbx_model_details        'lowest energy, model1' 
_struct.pdbx_CASP_flag            ? 
_struct.pdbx_model_type_details   ? 
# 
_struct_keywords.entry_id        2MC5 
_struct_keywords.pdbx_keywords   'PROTEIN BINDING' 
_struct_keywords.text            'p7, RNAP, sigma factor, protein binding' 
# 
_struct_asym.id                            A 
_struct_asym.pdbx_blank_PDB_chainid_flag   N 
_struct_asym.pdbx_modified                 N 
_struct_asym.entity_id                     1 
_struct_asym.details                       ? 
# 
_struct_ref.id                         1 
_struct_ref.db_name                    UNP 
_struct_ref.db_code                    Q8LTJ5_9CAUD 
_struct_ref.pdbx_db_accession          Q8LTJ5 
_struct_ref.entity_id                  1 
_struct_ref.pdbx_seq_one_letter_code   MNEFTQISGYVNAFGSQRGSVLTVKVENDEGWTLVEEDFDRADYGSDPEFVAEVSSYLKRNGGIKDLTKVLTR 
_struct_ref.pdbx_align_begin           1 
_struct_ref.pdbx_db_isoform            ? 
# 
_struct_ref_seq.align_id                      1 
_struct_ref_seq.ref_id                        1 
_struct_ref_seq.pdbx_PDB_id_code              2MC5 
_struct_ref_seq.pdbx_strand_id                A 
_struct_ref_seq.seq_align_beg                 1 
_struct_ref_seq.pdbx_seq_align_beg_ins_code   ? 
_struct_ref_seq.seq_align_end                 73 
_struct_ref_seq.pdbx_seq_align_end_ins_code   ? 
_struct_ref_seq.pdbx_db_accession             Q8LTJ5 
_struct_ref_seq.db_align_beg                  1 
_struct_ref_seq.pdbx_db_align_beg_ins_code    ? 
_struct_ref_seq.db_align_end                  73 
_struct_ref_seq.pdbx_db_align_end_ins_code    ? 
_struct_ref_seq.pdbx_auth_seq_align_beg       1 
_struct_ref_seq.pdbx_auth_seq_align_end       73 
# 
_pdbx_struct_assembly.id                   1 
_pdbx_struct_assembly.details              author_defined_assembly 
_pdbx_struct_assembly.method_details       ? 
_pdbx_struct_assembly.oligomeric_details   monomeric 
_pdbx_struct_assembly.oligomeric_count     1 
# 
_pdbx_struct_assembly_gen.assembly_id       1 
_pdbx_struct_assembly_gen.oper_expression   1 
_pdbx_struct_assembly_gen.asym_id_list      A 
# 
_pdbx_struct_oper_list.id                   1 
_pdbx_struct_oper_list.type                 'identity operation' 
_pdbx_struct_oper_list.name                 1_555 
_pdbx_struct_oper_list.symmetry_operation   x,y,z 
_pdbx_struct_oper_list.matrix[1][1]         1.0000000000 
_pdbx_struct_oper_list.matrix[1][2]         0.0000000000 
_pdbx_struct_oper_list.matrix[1][3]         0.0000000000 
_pdbx_struct_oper_list.vector[1]            0.0000000000 
_pdbx_struct_oper_list.matrix[2][1]         0.0000000000 
_pdbx_struct_oper_list.matrix[2][2]         1.0000000000 
_pdbx_struct_oper_list.matrix[2][3]         0.0000000000 
_pdbx_struct_oper_list.vector[2]            0.0000000000 
_pdbx_struct_oper_list.matrix[3][1]         0.0000000000 
_pdbx_struct_oper_list.matrix[3][2]         0.0000000000 
_pdbx_struct_oper_list.matrix[3][3]         1.0000000000 
_pdbx_struct_oper_list.vector[3]            0.0000000000 
# 
_struct_biol.id        1 
_struct_biol.details   ? 
# 
loop_
_struct_conf.conf_type_id 
_struct_conf.id 
_struct_conf.pdbx_PDB_helix_id 
_struct_conf.beg_label_comp_id 
_struct_conf.beg_label_asym_id 
_struct_conf.beg_label_seq_id 
_struct_conf.pdbx_beg_PDB_ins_code 
_struct_conf.end_label_comp_id 
_struct_conf.end_label_asym_id 
_struct_conf.end_label_seq_id 
_struct_conf.pdbx_end_PDB_ins_code 
_struct_conf.beg_auth_comp_id 
_struct_conf.beg_auth_asym_id 
_struct_conf.beg_auth_seq_id 
_struct_conf.end_auth_comp_id 
_struct_conf.end_auth_asym_id 
_struct_conf.end_auth_seq_id 
_struct_conf.pdbx_PDB_helix_class 
_struct_conf.details 
_struct_conf.pdbx_PDB_helix_length 
HELX_P HELX_P1 1 ASP A 40 ? TYR A 44 ? ASP A 40 TYR A 44 5 ? 5  
HELX_P HELX_P2 2 SER A 46 ? GLY A 62 ? SER A 46 GLY A 62 1 ? 17 
# 
_struct_conf_type.id          HELX_P 
_struct_conf_type.criteria    ? 
_struct_conf_type.reference   ? 
# 
_struct_sheet.id               A 
_struct_sheet.type             ? 
_struct_sheet.number_strands   3 
_struct_sheet.details          ? 
# 
loop_
_struct_sheet_order.sheet_id 
_struct_sheet_order.range_id_1 
_struct_sheet_order.range_id_2 
_struct_sheet_order.offset 
_struct_sheet_order.sense 
A 1 2 ? anti-parallel 
A 2 3 ? anti-parallel 
# 
loop_
_struct_sheet_range.sheet_id 
_struct_sheet_range.id 
_struct_sheet_range.beg_label_comp_id 
_struct_sheet_range.beg_label_asym_id 
_struct_sheet_range.beg_label_seq_id 
_struct_sheet_range.pdbx_beg_PDB_ins_code 
_struct_sheet_range.end_label_comp_id 
_struct_sheet_range.end_label_asym_id 
_struct_sheet_range.end_label_seq_id 
_struct_sheet_range.pdbx_end_PDB_ins_code 
_struct_sheet_range.beg_auth_comp_id 
_struct_sheet_range.beg_auth_asym_id 
_struct_sheet_range.beg_auth_seq_id 
_struct_sheet_range.end_auth_comp_id 
_struct_sheet_range.end_auth_asym_id 
_struct_sheet_range.end_auth_seq_id 
A 1 ALA A 13 ? ARG A 18 ? ALA A 13 ARG A 18 
A 2 VAL A 21 ? GLU A 27 ? VAL A 21 GLU A 27 
A 3 THR A 33 ? PHE A 39 ? THR A 33 PHE A 39 
# 
loop_
_pdbx_struct_sheet_hbond.sheet_id 
_pdbx_struct_sheet_hbond.range_id_1 
_pdbx_struct_sheet_hbond.range_id_2 
_pdbx_struct_sheet_hbond.range_1_label_atom_id 
_pdbx_struct_sheet_hbond.range_1_label_comp_id 
_pdbx_struct_sheet_hbond.range_1_label_asym_id 
_pdbx_struct_sheet_hbond.range_1_label_seq_id 
_pdbx_struct_sheet_hbond.range_1_PDB_ins_code 
_pdbx_struct_sheet_hbond.range_1_auth_atom_id 
_pdbx_struct_sheet_hbond.range_1_auth_comp_id 
_pdbx_struct_sheet_hbond.range_1_auth_asym_id 
_pdbx_struct_sheet_hbond.range_1_auth_seq_id 
_pdbx_struct_sheet_hbond.range_2_label_atom_id 
_pdbx_struct_sheet_hbond.range_2_label_comp_id 
_pdbx_struct_sheet_hbond.range_2_label_asym_id 
_pdbx_struct_sheet_hbond.range_2_label_seq_id 
_pdbx_struct_sheet_hbond.range_2_PDB_ins_code 
_pdbx_struct_sheet_hbond.range_2_auth_atom_id 
_pdbx_struct_sheet_hbond.range_2_auth_comp_id 
_pdbx_struct_sheet_hbond.range_2_auth_asym_id 
_pdbx_struct_sheet_hbond.range_2_auth_seq_id 
A 1 2 N PHE A 14 ? N PHE A 14 O LYS A 25 ? O LYS A 25 
A 2 3 N LEU A 22 ? N LEU A 22 O PHE A 39 ? O PHE A 39 
# 
loop_
_pdbx_validate_torsion.id 
_pdbx_validate_torsion.PDB_model_num 
_pdbx_validate_torsion.auth_comp_id 
_pdbx_validate_torsion.auth_asym_id 
_pdbx_validate_torsion.auth_seq_id 
_pdbx_validate_torsion.PDB_ins_code 
_pdbx_validate_torsion.label_alt_id 
_pdbx_validate_torsion.phi 
_pdbx_validate_torsion.psi 
1 1 ASN A 12 ? ? -170.09 57.00  
2 1 SER A 20 ? ? 76.39   -50.52 
3 1 ASP A 66 ? ? -44.37  103.34 
4 1 LEU A 67 ? ? 171.41  -31.88 
5 1 THR A 68 ? ? 54.80   89.93  
6 1 LEU A 71 ? ? -121.53 -63.75 
7 1 THR A 72 ? ? 65.34   97.20  
# 
_pdbx_nmr_ensemble.average_constraint_violations_per_residue     ? 
_pdbx_nmr_ensemble.average_constraints_per_residue               ? 
_pdbx_nmr_ensemble.average_distance_constraint_violation         ? 
_pdbx_nmr_ensemble.average_torsion_angle_constraint_violation    ? 
_pdbx_nmr_ensemble.conformer_selection_criteria                  'all calculated structures submitted' 
_pdbx_nmr_ensemble.conformers_calculated_total_number            1 
_pdbx_nmr_ensemble.conformers_submitted_total_number             1 
_pdbx_nmr_ensemble.distance_constraint_violation_method          ? 
_pdbx_nmr_ensemble.entry_id                                      2MC5 
_pdbx_nmr_ensemble.maximum_distance_constraint_violation         ? 
_pdbx_nmr_ensemble.maximum_lower_distance_constraint_violation   ? 
_pdbx_nmr_ensemble.maximum_torsion_angle_constraint_violation    ? 
_pdbx_nmr_ensemble.maximum_upper_distance_constraint_violation   ? 
_pdbx_nmr_ensemble.torsion_angle_constraint_violation_method     ? 
# 
_pdbx_nmr_representative.conformer_id         1 
_pdbx_nmr_representative.entry_id             2MC5 
_pdbx_nmr_representative.selection_criteria   'lowest energy' 
# 
_pdbx_nmr_sample_details.contents         '5 mM sodium chloride, 5 mM potassium phosphate, 90% H2O/10% D2O' 
_pdbx_nmr_sample_details.solution_id      1 
_pdbx_nmr_sample_details.solvent_system   '90% H2O/10% D2O' 
# 
loop_
_pdbx_nmr_exptl_sample.component 
_pdbx_nmr_exptl_sample.concentration 
_pdbx_nmr_exptl_sample.concentration_range 
_pdbx_nmr_exptl_sample.concentration_units 
_pdbx_nmr_exptl_sample.isotopic_labeling 
_pdbx_nmr_exptl_sample.solution_id 
'sodium chloride-1'     5 ? mM ? 1 
'potassium phosphate-2' 5 ? mM ? 1 
# 
_pdbx_nmr_exptl_sample_conditions.conditions_id       1 
_pdbx_nmr_exptl_sample_conditions.ionic_strength      10 
_pdbx_nmr_exptl_sample_conditions.pH                  8.7 
_pdbx_nmr_exptl_sample_conditions.pressure            ambient 
_pdbx_nmr_exptl_sample_conditions.pressure_units      ? 
_pdbx_nmr_exptl_sample_conditions.temperature         283 
_pdbx_nmr_exptl_sample_conditions.temperature_units   K 
# 
loop_
_pdbx_nmr_exptl.conditions_id 
_pdbx_nmr_exptl.experiment_id 
_pdbx_nmr_exptl.solution_id 
_pdbx_nmr_exptl.type 
1 1 1 '2D 1H-15N HSQC'  
1 2 1 '3D CBCA(CO)NH'   
1 3 1 '3D HNCO'         
1 4 1 '3D HNCA'         
1 5 1 '3D 1H-15N NOESY' 
1 6 1 '3D HNCACB'       
1 7 1 '3D 1H-13C NOESY' 
1 8 1 '3D HBHA(CO)NH'   
1 9 1 '3D HCCH-TOCSY'   
# 
_pdbx_nmr_refine.entry_id           2MC5 
_pdbx_nmr_refine.method             'distance geometry, simulated annealing' 
_pdbx_nmr_refine.details            ? 
_pdbx_nmr_refine.software_ordinal   1 
# 
loop_
_pdbx_nmr_software.authors 
_pdbx_nmr_software.classification 
_pdbx_nmr_software.name 
_pdbx_nmr_software.version 
_pdbx_nmr_software.ordinal 
;Linge, O'Donoghue and Nilges
;
'structure solution' ARIA ? 1 
;Linge, O'Donoghue and Nilges
;
refinement           ARIA ? 2 
# 
loop_
_chem_comp_atom.comp_id 
_chem_comp_atom.atom_id 
_chem_comp_atom.type_symbol 
_chem_comp_atom.pdbx_aromatic_flag 
_chem_comp_atom.pdbx_stereo_config 
_chem_comp_atom.pdbx_ordinal 
ALA N    N N N 1   
ALA CA   C N S 2   
ALA C    C N N 3   
ALA O    O N N 4   
ALA CB   C N N 5   
ALA OXT  O N N 6   
ALA H    H N N 7   
ALA H2   H N N 8   
ALA HA   H N N 9   
ALA HB1  H N N 10  
ALA HB2  H N N 11  
ALA HB3  H N N 12  
ALA HXT  H N N 13  
ARG N    N N N 14  
ARG CA   C N S 15  
ARG C    C N N 16  
ARG O    O N N 17  
ARG CB   C N N 18  
ARG CG   C N N 19  
ARG CD   C N N 20  
ARG NE   N N N 21  
ARG CZ   C N N 22  
ARG NH1  N N N 23  
ARG NH2  N N N 24  
ARG OXT  O N N 25  
ARG H    H N N 26  
ARG H2   H N N 27  
ARG HA   H N N 28  
ARG HB2  H N N 29  
ARG HB3  H N N 30  
ARG HG2  H N N 31  
ARG HG3  H N N 32  
ARG HD2  H N N 33  
ARG HD3  H N N 34  
ARG HE   H N N 35  
ARG HH11 H N N 36  
ARG HH12 H N N 37  
ARG HH21 H N N 38  
ARG HH22 H N N 39  
ARG HXT  H N N 40  
ASN N    N N N 41  
ASN CA   C N S 42  
ASN C    C N N 43  
ASN O    O N N 44  
ASN CB   C N N 45  
ASN CG   C N N 46  
ASN OD1  O N N 47  
ASN ND2  N N N 48  
ASN OXT  O N N 49  
ASN H    H N N 50  
ASN H2   H N N 51  
ASN HA   H N N 52  
ASN HB2  H N N 53  
ASN HB3  H N N 54  
ASN HD21 H N N 55  
ASN HD22 H N N 56  
ASN HXT  H N N 57  
ASP N    N N N 58  
ASP CA   C N S 59  
ASP C    C N N 60  
ASP O    O N N 61  
ASP CB   C N N 62  
ASP CG   C N N 63  
ASP OD1  O N N 64  
ASP OD2  O N N 65  
ASP OXT  O N N 66  
ASP H    H N N 67  
ASP H2   H N N 68  
ASP HA   H N N 69  
ASP HB2  H N N 70  
ASP HB3  H N N 71  
ASP HD2  H N N 72  
ASP HXT  H N N 73  
GLN N    N N N 74  
GLN CA   C N S 75  
GLN C    C N N 76  
GLN O    O N N 77  
GLN CB   C N N 78  
GLN CG   C N N 79  
GLN CD   C N N 80  
GLN OE1  O N N 81  
GLN NE2  N N N 82  
GLN OXT  O N N 83  
GLN H    H N N 84  
GLN H2   H N N 85  
GLN HA   H N N 86  
GLN HB2  H N N 87  
GLN HB3  H N N 88  
GLN HG2  H N N 89  
GLN HG3  H N N 90  
GLN HE21 H N N 91  
GLN HE22 H N N 92  
GLN HXT  H N N 93  
GLU N    N N N 94  
GLU CA   C N S 95  
GLU C    C N N 96  
GLU O    O N N 97  
GLU CB   C N N 98  
GLU CG   C N N 99  
GLU CD   C N N 100 
GLU OE1  O N N 101 
GLU OE2  O N N 102 
GLU OXT  O N N 103 
GLU H    H N N 104 
GLU H2   H N N 105 
GLU HA   H N N 106 
GLU HB2  H N N 107 
GLU HB3  H N N 108 
GLU HG2  H N N 109 
GLU HG3  H N N 110 
GLU HE2  H N N 111 
GLU HXT  H N N 112 
GLY N    N N N 113 
GLY CA   C N N 114 
GLY C    C N N 115 
GLY O    O N N 116 
GLY OXT  O N N 117 
GLY H    H N N 118 
GLY H2   H N N 119 
GLY HA2  H N N 120 
GLY HA3  H N N 121 
GLY HXT  H N N 122 
ILE N    N N N 123 
ILE CA   C N S 124 
ILE C    C N N 125 
ILE O    O N N 126 
ILE CB   C N S 127 
ILE CG1  C N N 128 
ILE CG2  C N N 129 
ILE CD1  C N N 130 
ILE OXT  O N N 131 
ILE H    H N N 132 
ILE H2   H N N 133 
ILE HA   H N N 134 
ILE HB   H N N 135 
ILE HG12 H N N 136 
ILE HG13 H N N 137 
ILE HG21 H N N 138 
ILE HG22 H N N 139 
ILE HG23 H N N 140 
ILE HD11 H N N 141 
ILE HD12 H N N 142 
ILE HD13 H N N 143 
ILE HXT  H N N 144 
LEU N    N N N 145 
LEU CA   C N S 146 
LEU C    C N N 147 
LEU O    O N N 148 
LEU CB   C N N 149 
LEU CG   C N N 150 
LEU CD1  C N N 151 
LEU CD2  C N N 152 
LEU OXT  O N N 153 
LEU H    H N N 154 
LEU H2   H N N 155 
LEU HA   H N N 156 
LEU HB2  H N N 157 
LEU HB3  H N N 158 
LEU HG   H N N 159 
LEU HD11 H N N 160 
LEU HD12 H N N 161 
LEU HD13 H N N 162 
LEU HD21 H N N 163 
LEU HD22 H N N 164 
LEU HD23 H N N 165 
LEU HXT  H N N 166 
LYS N    N N N 167 
LYS CA   C N S 168 
LYS C    C N N 169 
LYS O    O N N 170 
LYS CB   C N N 171 
LYS CG   C N N 172 
LYS CD   C N N 173 
LYS CE   C N N 174 
LYS NZ   N N N 175 
LYS OXT  O N N 176 
LYS H    H N N 177 
LYS H2   H N N 178 
LYS HA   H N N 179 
LYS HB2  H N N 180 
LYS HB3  H N N 181 
LYS HG2  H N N 182 
LYS HG3  H N N 183 
LYS HD2  H N N 184 
LYS HD3  H N N 185 
LYS HE2  H N N 186 
LYS HE3  H N N 187 
LYS HZ1  H N N 188 
LYS HZ2  H N N 189 
LYS HZ3  H N N 190 
LYS HXT  H N N 191 
MET N    N N N 192 
MET CA   C N S 193 
MET C    C N N 194 
MET O    O N N 195 
MET CB   C N N 196 
MET CG   C N N 197 
MET SD   S N N 198 
MET CE   C N N 199 
MET OXT  O N N 200 
MET H    H N N 201 
MET H2   H N N 202 
MET HA   H N N 203 
MET HB2  H N N 204 
MET HB3  H N N 205 
MET HG2  H N N 206 
MET HG3  H N N 207 
MET HE1  H N N 208 
MET HE2  H N N 209 
MET HE3  H N N 210 
MET HXT  H N N 211 
PHE N    N N N 212 
PHE CA   C N S 213 
PHE C    C N N 214 
PHE O    O N N 215 
PHE CB   C N N 216 
PHE CG   C Y N 217 
PHE CD1  C Y N 218 
PHE CD2  C Y N 219 
PHE CE1  C Y N 220 
PHE CE2  C Y N 221 
PHE CZ   C Y N 222 
PHE OXT  O N N 223 
PHE H    H N N 224 
PHE H2   H N N 225 
PHE HA   H N N 226 
PHE HB2  H N N 227 
PHE HB3  H N N 228 
PHE HD1  H N N 229 
PHE HD2  H N N 230 
PHE HE1  H N N 231 
PHE HE2  H N N 232 
PHE HZ   H N N 233 
PHE HXT  H N N 234 
PRO N    N N N 235 
PRO CA   C N S 236 
PRO C    C N N 237 
PRO O    O N N 238 
PRO CB   C N N 239 
PRO CG   C N N 240 
PRO CD   C N N 241 
PRO OXT  O N N 242 
PRO H    H N N 243 
PRO HA   H N N 244 
PRO HB2  H N N 245 
PRO HB3  H N N 246 
PRO HG2  H N N 247 
PRO HG3  H N N 248 
PRO HD2  H N N 249 
PRO HD3  H N N 250 
PRO HXT  H N N 251 
SER N    N N N 252 
SER CA   C N S 253 
SER C    C N N 254 
SER O    O N N 255 
SER CB   C N N 256 
SER OG   O N N 257 
SER OXT  O N N 258 
SER H    H N N 259 
SER H2   H N N 260 
SER HA   H N N 261 
SER HB2  H N N 262 
SER HB3  H N N 263 
SER HG   H N N 264 
SER HXT  H N N 265 
THR N    N N N 266 
THR CA   C N S 267 
THR C    C N N 268 
THR O    O N N 269 
THR CB   C N R 270 
THR OG1  O N N 271 
THR CG2  C N N 272 
THR OXT  O N N 273 
THR H    H N N 274 
THR H2   H N N 275 
THR HA   H N N 276 
THR HB   H N N 277 
THR HG1  H N N 278 
THR HG21 H N N 279 
THR HG22 H N N 280 
THR HG23 H N N 281 
THR HXT  H N N 282 
TRP N    N N N 283 
TRP CA   C N S 284 
TRP C    C N N 285 
TRP O    O N N 286 
TRP CB   C N N 287 
TRP CG   C Y N 288 
TRP CD1  C Y N 289 
TRP CD2  C Y N 290 
TRP NE1  N Y N 291 
TRP CE2  C Y N 292 
TRP CE3  C Y N 293 
TRP CZ2  C Y N 294 
TRP CZ3  C Y N 295 
TRP CH2  C Y N 296 
TRP OXT  O N N 297 
TRP H    H N N 298 
TRP H2   H N N 299 
TRP HA   H N N 300 
TRP HB2  H N N 301 
TRP HB3  H N N 302 
TRP HD1  H N N 303 
TRP HE1  H N N 304 
TRP HE3  H N N 305 
TRP HZ2  H N N 306 
TRP HZ3  H N N 307 
TRP HH2  H N N 308 
TRP HXT  H N N 309 
TYR N    N N N 310 
TYR CA   C N S 311 
TYR C    C N N 312 
TYR O    O N N 313 
TYR CB   C N N 314 
TYR CG   C Y N 315 
TYR CD1  C Y N 316 
TYR CD2  C Y N 317 
TYR CE1  C Y N 318 
TYR CE2  C Y N 319 
TYR CZ   C Y N 320 
TYR OH   O N N 321 
TYR OXT  O N N 322 
TYR H    H N N 323 
TYR H2   H N N 324 
TYR HA   H N N 325 
TYR HB2  H N N 326 
TYR HB3  H N N 327 
TYR HD1  H N N 328 
TYR HD2  H N N 329 
TYR HE1  H N N 330 
TYR HE2  H N N 331 
TYR HH   H N N 332 
TYR HXT  H N N 333 
VAL N    N N N 334 
VAL CA   C N S 335 
VAL C    C N N 336 
VAL O    O N N 337 
VAL CB   C N N 338 
VAL CG1  C N N 339 
VAL CG2  C N N 340 
VAL OXT  O N N 341 
VAL H    H N N 342 
VAL H2   H N N 343 
VAL HA   H N N 344 
VAL HB   H N N 345 
VAL HG11 H N N 346 
VAL HG12 H N N 347 
VAL HG13 H N N 348 
VAL HG21 H N N 349 
VAL HG22 H N N 350 
VAL HG23 H N N 351 
VAL HXT  H N N 352 
# 
loop_
_chem_comp_bond.comp_id 
_chem_comp_bond.atom_id_1 
_chem_comp_bond.atom_id_2 
_chem_comp_bond.value_order 
_chem_comp_bond.pdbx_aromatic_flag 
_chem_comp_bond.pdbx_stereo_config 
_chem_comp_bond.pdbx_ordinal 
ALA N   CA   sing N N 1   
ALA N   H    sing N N 2   
ALA N   H2   sing N N 3   
ALA CA  C    sing N N 4   
ALA CA  CB   sing N N 5   
ALA CA  HA   sing N N 6   
ALA C   O    doub N N 7   
ALA C   OXT  sing N N 8   
ALA CB  HB1  sing N N 9   
ALA CB  HB2  sing N N 10  
ALA CB  HB3  sing N N 11  
ALA OXT HXT  sing N N 12  
ARG N   CA   sing N N 13  
ARG N   H    sing N N 14  
ARG N   H2   sing N N 15  
ARG CA  C    sing N N 16  
ARG CA  CB   sing N N 17  
ARG CA  HA   sing N N 18  
ARG C   O    doub N N 19  
ARG C   OXT  sing N N 20  
ARG CB  CG   sing N N 21  
ARG CB  HB2  sing N N 22  
ARG CB  HB3  sing N N 23  
ARG CG  CD   sing N N 24  
ARG CG  HG2  sing N N 25  
ARG CG  HG3  sing N N 26  
ARG CD  NE   sing N N 27  
ARG CD  HD2  sing N N 28  
ARG CD  HD3  sing N N 29  
ARG NE  CZ   sing N N 30  
ARG NE  HE   sing N N 31  
ARG CZ  NH1  sing N N 32  
ARG CZ  NH2  doub N N 33  
ARG NH1 HH11 sing N N 34  
ARG NH1 HH12 sing N N 35  
ARG NH2 HH21 sing N N 36  
ARG NH2 HH22 sing N N 37  
ARG OXT HXT  sing N N 38  
ASN N   CA   sing N N 39  
ASN N   H    sing N N 40  
ASN N   H2   sing N N 41  
ASN CA  C    sing N N 42  
ASN CA  CB   sing N N 43  
ASN CA  HA   sing N N 44  
ASN C   O    doub N N 45  
ASN C   OXT  sing N N 46  
ASN CB  CG   sing N N 47  
ASN CB  HB2  sing N N 48  
ASN CB  HB3  sing N N 49  
ASN CG  OD1  doub N N 50  
ASN CG  ND2  sing N N 51  
ASN ND2 HD21 sing N N 52  
ASN ND2 HD22 sing N N 53  
ASN OXT HXT  sing N N 54  
ASP N   CA   sing N N 55  
ASP N   H    sing N N 56  
ASP N   H2   sing N N 57  
ASP CA  C    sing N N 58  
ASP CA  CB   sing N N 59  
ASP CA  HA   sing N N 60  
ASP C   O    doub N N 61  
ASP C   OXT  sing N N 62  
ASP CB  CG   sing N N 63  
ASP CB  HB2  sing N N 64  
ASP CB  HB3  sing N N 65  
ASP CG  OD1  doub N N 66  
ASP CG  OD2  sing N N 67  
ASP OD2 HD2  sing N N 68  
ASP OXT HXT  sing N N 69  
GLN N   CA   sing N N 70  
GLN N   H    sing N N 71  
GLN N   H2   sing N N 72  
GLN CA  C    sing N N 73  
GLN CA  CB   sing N N 74  
GLN CA  HA   sing N N 75  
GLN C   O    doub N N 76  
GLN C   OXT  sing N N 77  
GLN CB  CG   sing N N 78  
GLN CB  HB2  sing N N 79  
GLN CB  HB3  sing N N 80  
GLN CG  CD   sing N N 81  
GLN CG  HG2  sing N N 82  
GLN CG  HG3  sing N N 83  
GLN CD  OE1  doub N N 84  
GLN CD  NE2  sing N N 85  
GLN NE2 HE21 sing N N 86  
GLN NE2 HE22 sing N N 87  
GLN OXT HXT  sing N N 88  
GLU N   CA   sing N N 89  
GLU N   H    sing N N 90  
GLU N   H2   sing N N 91  
GLU CA  C    sing N N 92  
GLU CA  CB   sing N N 93  
GLU CA  HA   sing N N 94  
GLU C   O    doub N N 95  
GLU C   OXT  sing N N 96  
GLU CB  CG   sing N N 97  
GLU CB  HB2  sing N N 98  
GLU CB  HB3  sing N N 99  
GLU CG  CD   sing N N 100 
GLU CG  HG2  sing N N 101 
GLU CG  HG3  sing N N 102 
GLU CD  OE1  doub N N 103 
GLU CD  OE2  sing N N 104 
GLU OE2 HE2  sing N N 105 
GLU OXT HXT  sing N N 106 
GLY N   CA   sing N N 107 
GLY N   H    sing N N 108 
GLY N   H2   sing N N 109 
GLY CA  C    sing N N 110 
GLY CA  HA2  sing N N 111 
GLY CA  HA3  sing N N 112 
GLY C   O    doub N N 113 
GLY C   OXT  sing N N 114 
GLY OXT HXT  sing N N 115 
ILE N   CA   sing N N 116 
ILE N   H    sing N N 117 
ILE N   H2   sing N N 118 
ILE CA  C    sing N N 119 
ILE CA  CB   sing N N 120 
ILE CA  HA   sing N N 121 
ILE C   O    doub N N 122 
ILE C   OXT  sing N N 123 
ILE CB  CG1  sing N N 124 
ILE CB  CG2  sing N N 125 
ILE CB  HB   sing N N 126 
ILE CG1 CD1  sing N N 127 
ILE CG1 HG12 sing N N 128 
ILE CG1 HG13 sing N N 129 
ILE CG2 HG21 sing N N 130 
ILE CG2 HG22 sing N N 131 
ILE CG2 HG23 sing N N 132 
ILE CD1 HD11 sing N N 133 
ILE CD1 HD12 sing N N 134 
ILE CD1 HD13 sing N N 135 
ILE OXT HXT  sing N N 136 
LEU N   CA   sing N N 137 
LEU N   H    sing N N 138 
LEU N   H2   sing N N 139 
LEU CA  C    sing N N 140 
LEU CA  CB   sing N N 141 
LEU CA  HA   sing N N 142 
LEU C   O    doub N N 143 
LEU C   OXT  sing N N 144 
LEU CB  CG   sing N N 145 
LEU CB  HB2  sing N N 146 
LEU CB  HB3  sing N N 147 
LEU CG  CD1  sing N N 148 
LEU CG  CD2  sing N N 149 
LEU CG  HG   sing N N 150 
LEU CD1 HD11 sing N N 151 
LEU CD1 HD12 sing N N 152 
LEU CD1 HD13 sing N N 153 
LEU CD2 HD21 sing N N 154 
LEU CD2 HD22 sing N N 155 
LEU CD2 HD23 sing N N 156 
LEU OXT HXT  sing N N 157 
LYS N   CA   sing N N 158 
LYS N   H    sing N N 159 
LYS N   H2   sing N N 160 
LYS CA  C    sing N N 161 
LYS CA  CB   sing N N 162 
LYS CA  HA   sing N N 163 
LYS C   O    doub N N 164 
LYS C   OXT  sing N N 165 
LYS CB  CG   sing N N 166 
LYS CB  HB2  sing N N 167 
LYS CB  HB3  sing N N 168 
LYS CG  CD   sing N N 169 
LYS CG  HG2  sing N N 170 
LYS CG  HG3  sing N N 171 
LYS CD  CE   sing N N 172 
LYS CD  HD2  sing N N 173 
LYS CD  HD3  sing N N 174 
LYS CE  NZ   sing N N 175 
LYS CE  HE2  sing N N 176 
LYS CE  HE3  sing N N 177 
LYS NZ  HZ1  sing N N 178 
LYS NZ  HZ2  sing N N 179 
LYS NZ  HZ3  sing N N 180 
LYS OXT HXT  sing N N 181 
MET N   CA   sing N N 182 
MET N   H    sing N N 183 
MET N   H2   sing N N 184 
MET CA  C    sing N N 185 
MET CA  CB   sing N N 186 
MET CA  HA   sing N N 187 
MET C   O    doub N N 188 
MET C   OXT  sing N N 189 
MET CB  CG   sing N N 190 
MET CB  HB2  sing N N 191 
MET CB  HB3  sing N N 192 
MET CG  SD   sing N N 193 
MET CG  HG2  sing N N 194 
MET CG  HG3  sing N N 195 
MET SD  CE   sing N N 196 
MET CE  HE1  sing N N 197 
MET CE  HE2  sing N N 198 
MET CE  HE3  sing N N 199 
MET OXT HXT  sing N N 200 
PHE N   CA   sing N N 201 
PHE N   H    sing N N 202 
PHE N   H2   sing N N 203 
PHE CA  C    sing N N 204 
PHE CA  CB   sing N N 205 
PHE CA  HA   sing N N 206 
PHE C   O    doub N N 207 
PHE C   OXT  sing N N 208 
PHE CB  CG   sing N N 209 
PHE CB  HB2  sing N N 210 
PHE CB  HB3  sing N N 211 
PHE CG  CD1  doub Y N 212 
PHE CG  CD2  sing Y N 213 
PHE CD1 CE1  sing Y N 214 
PHE CD1 HD1  sing N N 215 
PHE CD2 CE2  doub Y N 216 
PHE CD2 HD2  sing N N 217 
PHE CE1 CZ   doub Y N 218 
PHE CE1 HE1  sing N N 219 
PHE CE2 CZ   sing Y N 220 
PHE CE2 HE2  sing N N 221 
PHE CZ  HZ   sing N N 222 
PHE OXT HXT  sing N N 223 
PRO N   CA   sing N N 224 
PRO N   CD   sing N N 225 
PRO N   H    sing N N 226 
PRO CA  C    sing N N 227 
PRO CA  CB   sing N N 228 
PRO CA  HA   sing N N 229 
PRO C   O    doub N N 230 
PRO C   OXT  sing N N 231 
PRO CB  CG   sing N N 232 
PRO CB  HB2  sing N N 233 
PRO CB  HB3  sing N N 234 
PRO CG  CD   sing N N 235 
PRO CG  HG2  sing N N 236 
PRO CG  HG3  sing N N 237 
PRO CD  HD2  sing N N 238 
PRO CD  HD3  sing N N 239 
PRO OXT HXT  sing N N 240 
SER N   CA   sing N N 241 
SER N   H    sing N N 242 
SER N   H2   sing N N 243 
SER CA  C    sing N N 244 
SER CA  CB   sing N N 245 
SER CA  HA   sing N N 246 
SER C   O    doub N N 247 
SER C   OXT  sing N N 248 
SER CB  OG   sing N N 249 
SER CB  HB2  sing N N 250 
SER CB  HB3  sing N N 251 
SER OG  HG   sing N N 252 
SER OXT HXT  sing N N 253 
THR N   CA   sing N N 254 
THR N   H    sing N N 255 
THR N   H2   sing N N 256 
THR CA  C    sing N N 257 
THR CA  CB   sing N N 258 
THR CA  HA   sing N N 259 
THR C   O    doub N N 260 
THR C   OXT  sing N N 261 
THR CB  OG1  sing N N 262 
THR CB  CG2  sing N N 263 
THR CB  HB   sing N N 264 
THR OG1 HG1  sing N N 265 
THR CG2 HG21 sing N N 266 
THR CG2 HG22 sing N N 267 
THR CG2 HG23 sing N N 268 
THR OXT HXT  sing N N 269 
TRP N   CA   sing N N 270 
TRP N   H    sing N N 271 
TRP N   H2   sing N N 272 
TRP CA  C    sing N N 273 
TRP CA  CB   sing N N 274 
TRP CA  HA   sing N N 275 
TRP C   O    doub N N 276 
TRP C   OXT  sing N N 277 
TRP CB  CG   sing N N 278 
TRP CB  HB2  sing N N 279 
TRP CB  HB3  sing N N 280 
TRP CG  CD1  doub Y N 281 
TRP CG  CD2  sing Y N 282 
TRP CD1 NE1  sing Y N 283 
TRP CD1 HD1  sing N N 284 
TRP CD2 CE2  doub Y N 285 
TRP CD2 CE3  sing Y N 286 
TRP NE1 CE2  sing Y N 287 
TRP NE1 HE1  sing N N 288 
TRP CE2 CZ2  sing Y N 289 
TRP CE3 CZ3  doub Y N 290 
TRP CE3 HE3  sing N N 291 
TRP CZ2 CH2  doub Y N 292 
TRP CZ2 HZ2  sing N N 293 
TRP CZ3 CH2  sing Y N 294 
TRP CZ3 HZ3  sing N N 295 
TRP CH2 HH2  sing N N 296 
TRP OXT HXT  sing N N 297 
TYR N   CA   sing N N 298 
TYR N   H    sing N N 299 
TYR N   H2   sing N N 300 
TYR CA  C    sing N N 301 
TYR CA  CB   sing N N 302 
TYR CA  HA   sing N N 303 
TYR C   O    doub N N 304 
TYR C   OXT  sing N N 305 
TYR CB  CG   sing N N 306 
TYR CB  HB2  sing N N 307 
TYR CB  HB3  sing N N 308 
TYR CG  CD1  doub Y N 309 
TYR CG  CD2  sing Y N 310 
TYR CD1 CE1  sing Y N 311 
TYR CD1 HD1  sing N N 312 
TYR CD2 CE2  doub Y N 313 
TYR CD2 HD2  sing N N 314 
TYR CE1 CZ   doub Y N 315 
TYR CE1 HE1  sing N N 316 
TYR CE2 CZ   sing Y N 317 
TYR CE2 HE2  sing N N 318 
TYR CZ  OH   sing N N 319 
TYR OH  HH   sing N N 320 
TYR OXT HXT  sing N N 321 
VAL N   CA   sing N N 322 
VAL N   H    sing N N 323 
VAL N   H2   sing N N 324 
VAL CA  C    sing N N 325 
VAL CA  CB   sing N N 326 
VAL CA  HA   sing N N 327 
VAL C   O    doub N N 328 
VAL C   OXT  sing N N 329 
VAL CB  CG1  sing N N 330 
VAL CB  CG2  sing N N 331 
VAL CB  HB   sing N N 332 
VAL CG1 HG11 sing N N 333 
VAL CG1 HG12 sing N N 334 
VAL CG1 HG13 sing N N 335 
VAL CG2 HG21 sing N N 336 
VAL CG2 HG22 sing N N 337 
VAL CG2 HG23 sing N N 338 
VAL OXT HXT  sing N N 339 
# 
loop_
_pdbx_nmr_spectrometer.field_strength 
_pdbx_nmr_spectrometer.manufacturer 
_pdbx_nmr_spectrometer.model 
_pdbx_nmr_spectrometer.spectrometer_id 
_pdbx_nmr_spectrometer.type 
800 Bruker DRX 1 'Bruker DRX' 
600 Bruker DRX 2 'Bruker DRX' 
# 
_atom_sites.entry_id                    2MC5 
_atom_sites.fract_transf_matrix[1][1]   1.000000 
_atom_sites.fract_transf_matrix[1][2]   0.000000 
_atom_sites.fract_transf_matrix[1][3]   0.000000 
_atom_sites.fract_transf_matrix[2][1]   0.000000 
_atom_sites.fract_transf_matrix[2][2]   1.000000 
_atom_sites.fract_transf_matrix[2][3]   0.000000 
_atom_sites.fract_transf_matrix[3][1]   0.000000 
_atom_sites.fract_transf_matrix[3][2]   0.000000 
_atom_sites.fract_transf_matrix[3][3]   1.000000 
_atom_sites.fract_transf_vector[1]      0.00000 
_atom_sites.fract_transf_vector[2]      0.00000 
_atom_sites.fract_transf_vector[3]      0.00000 
# 
loop_
_atom_type.symbol 
C 
H 
N 
O 
S 
# 
loop_
_atom_site.group_PDB 
_atom_site.id 
_atom_site.type_symbol 
_atom_site.label_atom_id 
_atom_site.label_alt_id 
_atom_site.label_comp_id 
_atom_site.label_asym_id 
_atom_site.label_entity_id 
_atom_site.label_seq_id 
_atom_site.pdbx_PDB_ins_code 
_atom_site.Cartn_x 
_atom_site.Cartn_y 
_atom_site.Cartn_z 
_atom_site.occupancy 
_atom_site.B_iso_or_equiv 
_atom_site.pdbx_formal_charge 
_atom_site.auth_seq_id 
_atom_site.auth_comp_id 
_atom_site.auth_asym_id 
_atom_site.auth_atom_id 
_atom_site.pdbx_PDB_model_num 
ATOM 1    N N    . MET A 1 1  ? -11.616 9.455   -10.220 1.00 0.00 ? 1  MET A N    1 
ATOM 2    C CA   . MET A 1 1  ? -10.214 9.915   -10.065 1.00 0.00 ? 1  MET A CA   1 
ATOM 3    C C    . MET A 1 1  ? -9.388  8.886   -9.306  1.00 0.00 ? 1  MET A C    1 
ATOM 4    O O    . MET A 1 1  ? -8.355  8.428   -9.793  1.00 0.00 ? 1  MET A O    1 
ATOM 5    C CB   . MET A 1 1  ? -10.161 11.259  -9.329  1.00 0.00 ? 1  MET A CB   1 
ATOM 6    C CG   . MET A 1 1  ? -10.780 12.412  -10.102 1.00 0.00 ? 1  MET A CG   1 
ATOM 7    S SD   . MET A 1 1  ? -10.697 13.973  -9.201  1.00 0.00 ? 1  MET A SD   1 
ATOM 8    C CE   . MET A 1 1  ? -8.925  14.176  -9.036  1.00 0.00 ? 1  MET A CE   1 
ATOM 9    H H1   . MET A 1 1  ? -11.640 8.533   -10.699 1.00 0.00 ? 1  MET A H1   1 
ATOM 10   H H2   . MET A 1 1  ? -12.157 10.137  -10.788 1.00 0.00 ? 1  MET A H2   1 
ATOM 11   H H3   . MET A 1 1  ? -12.071 9.362   -9.290  1.00 0.00 ? 1  MET A H3   1 
ATOM 12   H HA   . MET A 1 1  ? -9.789  10.037  -11.049 1.00 0.00 ? 1  MET A HA   1 
ATOM 13   H HB2  . MET A 1 1  ? -10.686 11.161  -8.391  1.00 0.00 ? 1  MET A HB2  1 
ATOM 14   H HB3  . MET A 1 1  ? -9.128  11.502  -9.127  1.00 0.00 ? 1  MET A HB3  1 
ATOM 15   H HG2  . MET A 1 1  ? -10.251 12.526  -11.038 1.00 0.00 ? 1  MET A HG2  1 
ATOM 16   H HG3  . MET A 1 1  ? -11.815 12.181  -10.301 1.00 0.00 ? 1  MET A HG3  1 
ATOM 17   H HE1  . MET A 1 1  ? -8.468  14.162  -10.014 1.00 0.00 ? 1  MET A HE1  1 
ATOM 18   H HE2  . MET A 1 1  ? -8.524  13.371  -8.440  1.00 0.00 ? 1  MET A HE2  1 
ATOM 19   H HE3  . MET A 1 1  ? -8.715  15.119  -8.556  1.00 0.00 ? 1  MET A HE3  1 
ATOM 20   N N    . ASN A 1 2  ? -9.844  8.527   -8.110  1.00 0.00 ? 2  ASN A N    1 
ATOM 21   C CA   . ASN A 1 2  ? -9.153  7.535   -7.299  1.00 0.00 ? 2  ASN A CA   1 
ATOM 22   C C    . ASN A 1 2  ? -9.518  6.144   -7.796  1.00 0.00 ? 2  ASN A C    1 
ATOM 23   O O    . ASN A 1 2  ? -10.688 5.864   -8.069  1.00 0.00 ? 2  ASN A O    1 
ATOM 24   C CB   . ASN A 1 2  ? -9.527  7.686   -5.822  1.00 0.00 ? 2  ASN A CB   1 
ATOM 25   C CG   . ASN A 1 2  ? -8.494  7.091   -4.882  1.00 0.00 ? 2  ASN A CG   1 
ATOM 26   O OD1  . ASN A 1 2  ? -7.305  7.140   -5.153  1.00 0.00 ? 2  ASN A OD1  1 
ATOM 27   N ND2  . ASN A 1 2  ? -8.924  6.486   -3.786  1.00 0.00 ? 2  ASN A ND2  1 
ATOM 28   H H    . ASN A 1 2  ? -10.670 8.930   -7.767  1.00 0.00 ? 2  ASN A H    1 
ATOM 29   H HA   . ASN A 1 2  ? -8.092  7.685   -7.417  1.00 0.00 ? 2  ASN A HA   1 
ATOM 30   H HB2  . ASN A 1 2  ? -9.622  8.730   -5.598  1.00 0.00 ? 2  ASN A HB2  1 
ATOM 31   H HB3  . ASN A 1 2  ? -10.469 7.194   -5.653  1.00 0.00 ? 2  ASN A HB3  1 
ATOM 32   H HD21 . ASN A 1 2  ? -9.891  6.448   -3.621  1.00 0.00 ? 2  ASN A HD21 1 
ATOM 33   H HD22 . ASN A 1 2  ? -8.251  6.077   -3.188  1.00 0.00 ? 2  ASN A HD22 1 
ATOM 34   N N    . GLU A 1 3  ? -8.526  5.286   -7.920  1.00 0.00 ? 3  GLU A N    1 
ATOM 35   C CA   . GLU A 1 3  ? -8.735  3.954   -8.464  1.00 0.00 ? 3  GLU A CA   1 
ATOM 36   C C    . GLU A 1 3  ? -7.732  2.963   -7.884  1.00 0.00 ? 3  GLU A C    1 
ATOM 37   O O    . GLU A 1 3  ? -6.603  2.856   -8.370  1.00 0.00 ? 3  GLU A O    1 
ATOM 38   C CB   . GLU A 1 3  ? -8.619  3.984   -9.975  1.00 0.00 ? 3  GLU A CB   1 
ATOM 39   C CG   . GLU A 1 3  ? -9.023  2.679   -10.643 1.00 0.00 ? 3  GLU A CG   1 
ATOM 40   C CD   . GLU A 1 3  ? -8.843  2.706   -12.146 1.00 0.00 ? 3  GLU A CD   1 
ATOM 41   O OE1  . GLU A 1 3  ? -9.760  3.175   -12.855 1.00 0.00 ? 3  GLU A OE1  1 
ATOM 42   O OE2  . GLU A 1 3  ? -7.787  2.242   -12.631 1.00 0.00 ? 3  GLU A OE2  1 
ATOM 43   H H    . GLU A 1 3  ? -7.630  5.546   -7.626  1.00 0.00 ? 3  GLU A H    1 
ATOM 44   H HA   . GLU A 1 3  ? -9.719  3.640   -8.209  1.00 0.00 ? 3  GLU A HA   1 
ATOM 45   H HB2  . GLU A 1 3  ? -9.243  4.777   -10.357 1.00 0.00 ? 3  GLU A HB2  1 
ATOM 46   H HB3  . GLU A 1 3  ? -7.605  4.188   -10.220 1.00 0.00 ? 3  GLU A HB3  1 
ATOM 47   H HG2  . GLU A 1 3  ? -8.420  1.883   -10.236 1.00 0.00 ? 3  GLU A HG2  1 
ATOM 48   H HG3  . GLU A 1 3  ? -10.063 2.488   -10.423 1.00 0.00 ? 3  GLU A HG3  1 
ATOM 49   N N    . PHE A 1 4  ? -8.131  2.290   -6.803  1.00 0.00 ? 4  PHE A N    1 
ATOM 50   C CA   . PHE A 1 4  ? -7.326  1.244   -6.200  1.00 0.00 ? 4  PHE A CA   1 
ATOM 51   C C    . PHE A 1 4  ? -6.828  0.252   -7.237  1.00 0.00 ? 4  PHE A C    1 
ATOM 52   O O    . PHE A 1 4  ? -7.602  -0.295  -8.028  1.00 0.00 ? 4  PHE A O    1 
ATOM 53   C CB   . PHE A 1 4  ? -8.117  0.492   -5.128  1.00 0.00 ? 4  PHE A CB   1 
ATOM 54   C CG   . PHE A 1 4  ? -8.271  1.243   -3.838  1.00 0.00 ? 4  PHE A CG   1 
ATOM 55   C CD1  . PHE A 1 4  ? -7.218  1.320   -2.939  1.00 0.00 ? 4  PHE A CD1  1 
ATOM 56   C CD2  . PHE A 1 4  ? -9.460  1.880   -3.528  1.00 0.00 ? 4  PHE A CD2  1 
ATOM 57   C CE1  . PHE A 1 4  ? -7.352  2.019   -1.754  1.00 0.00 ? 4  PHE A CE1  1 
ATOM 58   C CE2  . PHE A 1 4  ? -9.599  2.581   -2.344  1.00 0.00 ? 4  PHE A CE2  1 
ATOM 59   C CZ   . PHE A 1 4  ? -8.544  2.650   -1.458  1.00 0.00 ? 4  PHE A CZ   1 
ATOM 60   H H    . PHE A 1 4  ? -8.950  2.568   -6.348  1.00 0.00 ? 4  PHE A H    1 
ATOM 61   H HA   . PHE A 1 4  ? -6.477  1.728   -5.731  1.00 0.00 ? 4  PHE A HA   1 
ATOM 62   H HB2  . PHE A 1 4  ? -9.103  0.281   -5.506  1.00 0.00 ? 4  PHE A HB2  1 
ATOM 63   H HB3  . PHE A 1 4  ? -7.617  -0.437  -4.914  1.00 0.00 ? 4  PHE A HB3  1 
ATOM 64   H HD1  . PHE A 1 4  ? -6.283  0.831   -3.174  1.00 0.00 ? 4  PHE A HD1  1 
ATOM 65   H HD2  . PHE A 1 4  ? -10.288 1.826   -4.220  1.00 0.00 ? 4  PHE A HD2  1 
ATOM 66   H HE1  . PHE A 1 4  ? -6.523  2.073   -1.062  1.00 0.00 ? 4  PHE A HE1  1 
ATOM 67   H HE2  . PHE A 1 4  ? -10.533 3.074   -2.113  1.00 0.00 ? 4  PHE A HE2  1 
ATOM 68   H HZ   . PHE A 1 4  ? -8.649  3.197   -0.533  1.00 0.00 ? 4  PHE A HZ   1 
ATOM 69   N N    . THR A 1 5  ? -5.532  0.040   -7.222  1.00 0.00 ? 5  THR A N    1 
ATOM 70   C CA   . THR A 1 5  ? -4.901  -0.929  -8.091  1.00 0.00 ? 5  THR A CA   1 
ATOM 71   C C    . THR A 1 5  ? -4.059  -1.877  -7.258  1.00 0.00 ? 5  THR A C    1 
ATOM 72   O O    . THR A 1 5  ? -3.269  -1.440  -6.422  1.00 0.00 ? 5  THR A O    1 
ATOM 73   C CB   . THR A 1 5  ? -4.024  -0.253  -9.161  1.00 0.00 ? 5  THR A CB   1 
ATOM 74   O OG1  . THR A 1 5  ? -3.240  0.792   -8.578  1.00 0.00 ? 5  THR A OG1  1 
ATOM 75   C CG2  . THR A 1 5  ? -4.872  0.310   -10.291 1.00 0.00 ? 5  THR A CG2  1 
ATOM 76   H H    . THR A 1 5  ? -4.977  0.547   -6.594  1.00 0.00 ? 5  THR A H    1 
ATOM 77   H HA   . THR A 1 5  ? -5.678  -1.492  -8.589  1.00 0.00 ? 5  THR A HA   1 
ATOM 78   H HB   . THR A 1 5  ? -3.360  -0.995  -9.569  1.00 0.00 ? 5  THR A HB   1 
ATOM 79   H HG1  . THR A 1 5  ? -3.748  1.613   -8.571  1.00 0.00 ? 5  THR A HG1  1 
ATOM 80   H HG21 . THR A 1 5  ? -4.232  0.791   -11.015 1.00 0.00 ? 5  THR A HG21 1 
ATOM 81   H HG22 . THR A 1 5  ? -5.571  1.030   -9.892  1.00 0.00 ? 5  THR A HG22 1 
ATOM 82   H HG23 . THR A 1 5  ? -5.414  -0.493  -10.770 1.00 0.00 ? 5  THR A HG23 1 
ATOM 83   N N    . GLN A 1 6  ? -4.255  -3.169  -7.463  1.00 0.00 ? 6  GLN A N    1 
ATOM 84   C CA   . GLN A 1 6  ? -3.573  -4.181  -6.676  1.00 0.00 ? 6  GLN A CA   1 
ATOM 85   C C    . GLN A 1 6  ? -2.071  -4.082  -6.889  1.00 0.00 ? 6  GLN A C    1 
ATOM 86   O O    . GLN A 1 6  ? -1.602  -3.998  -8.026  1.00 0.00 ? 6  GLN A O    1 
ATOM 87   C CB   . GLN A 1 6  ? -4.069  -5.568  -7.063  1.00 0.00 ? 6  GLN A CB   1 
ATOM 88   C CG   . GLN A 1 6  ? -3.908  -6.603  -5.961  1.00 0.00 ? 6  GLN A CG   1 
ATOM 89   C CD   . GLN A 1 6  ? -4.135  -8.018  -6.456  1.00 0.00 ? 6  GLN A CD   1 
ATOM 90   O OE1  . GLN A 1 6  ? -3.835  -8.345  -7.605  1.00 0.00 ? 6  GLN A OE1  1 
ATOM 91   N NE2  . GLN A 1 6  ? -4.679  -8.865  -5.599  1.00 0.00 ? 6  GLN A NE2  1 
ATOM 92   H H    . GLN A 1 6  ? -4.870  -3.451  -8.174  1.00 0.00 ? 6  GLN A H    1 
ATOM 93   H HA   . GLN A 1 6  ? -3.794  -4.001  -5.635  1.00 0.00 ? 6  GLN A HA   1 
ATOM 94   H HB2  . GLN A 1 6  ? -5.118  -5.497  -7.313  1.00 0.00 ? 6  GLN A HB2  1 
ATOM 95   H HB3  . GLN A 1 6  ? -3.523  -5.905  -7.930  1.00 0.00 ? 6  GLN A HB3  1 
ATOM 96   H HG2  . GLN A 1 6  ? -2.910  -6.530  -5.558  1.00 0.00 ? 6  GLN A HG2  1 
ATOM 97   H HG3  . GLN A 1 6  ? -4.626  -6.391  -5.182  1.00 0.00 ? 6  GLN A HG3  1 
ATOM 98   H HE21 . GLN A 1 6  ? -4.906  -8.535  -4.697  1.00 0.00 ? 6  GLN A HE21 1 
ATOM 99   H HE22 . GLN A 1 6  ? -4.844  -9.784  -5.893  1.00 0.00 ? 6  GLN A HE22 1 
ATOM 100  N N    . ILE A 1 7  ? -1.323  -4.093  -5.801  1.00 0.00 ? 7  ILE A N    1 
ATOM 101  C CA   . ILE A 1 7  ? 0.104   -3.872  -5.876  1.00 0.00 ? 7  ILE A CA   1 
ATOM 102  C C    . ILE A 1 7  ? 0.831   -5.172  -6.164  1.00 0.00 ? 7  ILE A C    1 
ATOM 103  O O    . ILE A 1 7  ? 0.670   -6.163  -5.442  1.00 0.00 ? 7  ILE A O    1 
ATOM 104  C CB   . ILE A 1 7  ? 0.655   -3.255  -4.578  1.00 0.00 ? 7  ILE A CB   1 
ATOM 105  C CG1  . ILE A 1 7  ? -0.113  -1.982  -4.221  1.00 0.00 ? 7  ILE A CG1  1 
ATOM 106  C CG2  . ILE A 1 7  ? 2.139   -2.958  -4.736  1.00 0.00 ? 7  ILE A CG2  1 
ATOM 107  C CD1  . ILE A 1 7  ? 0.331   -1.363  -2.917  1.00 0.00 ? 7  ILE A CD1  1 
ATOM 108  H H    . ILE A 1 7  ? -1.742  -4.276  -4.921  1.00 0.00 ? 7  ILE A H    1 
ATOM 109  H HA   . ILE A 1 7  ? 0.291   -3.182  -6.686  1.00 0.00 ? 7  ILE A HA   1 
ATOM 110  H HB   . ILE A 1 7  ? 0.533   -3.972  -3.779  1.00 0.00 ? 7  ILE A HB   1 
ATOM 111  H HG12 . ILE A 1 7  ? 0.021   -1.251  -5.002  1.00 0.00 ? 7  ILE A HG12 1 
ATOM 112  H HG13 . ILE A 1 7  ? -1.165  -2.220  -4.135  1.00 0.00 ? 7  ILE A HG13 1 
ATOM 113  H HG21 . ILE A 1 7  ? 2.667   -3.878  -4.950  1.00 0.00 ? 7  ILE A HG21 1 
ATOM 114  H HG22 . ILE A 1 7  ? 2.518   -2.523  -3.822  1.00 0.00 ? 7  ILE A HG22 1 
ATOM 115  H HG23 . ILE A 1 7  ? 2.281   -2.265  -5.552  1.00 0.00 ? 7  ILE A HG23 1 
ATOM 116  H HD11 . ILE A 1 7  ? -0.281  -0.500  -2.696  1.00 0.00 ? 7  ILE A HD11 1 
ATOM 117  H HD12 . ILE A 1 7  ? 1.371   -1.062  -2.991  1.00 0.00 ? 7  ILE A HD12 1 
ATOM 118  H HD13 . ILE A 1 7  ? 0.230   -2.087  -2.122  1.00 0.00 ? 7  ILE A HD13 1 
ATOM 119  N N    . SER A 1 8  ? 1.623   -5.161  -7.223  1.00 0.00 ? 8  SER A N    1 
ATOM 120  C CA   . SER A 1 8  ? 2.382   -6.326  -7.622  1.00 0.00 ? 8  SER A CA   1 
ATOM 121  C C    . SER A 1 8  ? 3.440   -6.661  -6.575  1.00 0.00 ? 8  SER A C    1 
ATOM 122  O O    . SER A 1 8  ? 4.332   -5.857  -6.290  1.00 0.00 ? 8  SER A O    1 
ATOM 123  C CB   . SER A 1 8  ? 3.035   -6.089  -8.990  1.00 0.00 ? 8  SER A CB   1 
ATOM 124  O OG   . SER A 1 8  ? 3.837   -7.193  -9.384  1.00 0.00 ? 8  SER A OG   1 
ATOM 125  H H    . SER A 1 8  ? 1.702   -4.336  -7.750  1.00 0.00 ? 8  SER A H    1 
ATOM 126  H HA   . SER A 1 8  ? 1.697   -7.151  -7.696  1.00 0.00 ? 8  SER A HA   1 
ATOM 127  H HB2  . SER A 1 8  ? 2.265   -5.940  -9.732  1.00 0.00 ? 8  SER A HB2  1 
ATOM 128  H HB3  . SER A 1 8  ? 3.657   -5.208  -8.941  1.00 0.00 ? 8  SER A HB3  1 
ATOM 129  H HG   . SER A 1 8  ? 3.298   -7.994  -9.401  1.00 0.00 ? 8  SER A HG   1 
ATOM 130  N N    . GLY A 1 9  ? 3.322   -7.846  -5.997  1.00 0.00 ? 9  GLY A N    1 
ATOM 131  C CA   . GLY A 1 9  ? 4.294   -8.296  -5.029  1.00 0.00 ? 9  GLY A CA   1 
ATOM 132  C C    . GLY A 1 9  ? 3.790   -8.206  -3.603  1.00 0.00 ? 9  GLY A C    1 
ATOM 133  O O    . GLY A 1 9  ? 4.588   -8.180  -2.670  1.00 0.00 ? 9  GLY A O    1 
ATOM 134  H H    . GLY A 1 9  ? 2.565   -8.424  -6.234  1.00 0.00 ? 9  GLY A H    1 
ATOM 135  H HA2  . GLY A 1 9  ? 4.548   -9.323  -5.246  1.00 0.00 ? 9  GLY A HA2  1 
ATOM 136  H HA3  . GLY A 1 9  ? 5.183   -7.690  -5.121  1.00 0.00 ? 9  GLY A HA3  1 
ATOM 137  N N    . TYR A 1 10 ? 2.473   -8.159  -3.423  1.00 0.00 ? 10 TYR A N    1 
ATOM 138  C CA   . TYR A 1 10 ? 1.891   -8.114  -2.083  1.00 0.00 ? 10 TYR A CA   1 
ATOM 139  C C    . TYR A 1 10 ? 0.668   -9.018  -1.971  1.00 0.00 ? 10 TYR A C    1 
ATOM 140  O O    . TYR A 1 10 ? 0.083   -9.399  -2.984  1.00 0.00 ? 10 TYR A O    1 
ATOM 141  C CB   . TYR A 1 10 ? 1.516   -6.680  -1.689  1.00 0.00 ? 10 TYR A CB   1 
ATOM 142  C CG   . TYR A 1 10 ? 2.695   -5.848  -1.243  1.00 0.00 ? 10 TYR A CG   1 
ATOM 143  C CD1  . TYR A 1 10 ? 3.469   -6.246  -0.163  1.00 0.00 ? 10 TYR A CD1  1 
ATOM 144  C CD2  . TYR A 1 10 ? 3.041   -4.678  -1.902  1.00 0.00 ? 10 TYR A CD2  1 
ATOM 145  C CE1  . TYR A 1 10 ? 4.553   -5.502  0.249   1.00 0.00 ? 10 TYR A CE1  1 
ATOM 146  C CE2  . TYR A 1 10 ? 4.126   -3.927  -1.500  1.00 0.00 ? 10 TYR A CE2  1 
ATOM 147  C CZ   . TYR A 1 10 ? 4.878   -4.344  -0.423  1.00 0.00 ? 10 TYR A CZ   1 
ATOM 148  O OH   . TYR A 1 10 ? 5.969   -3.612  -0.023  1.00 0.00 ? 10 TYR A OH   1 
ATOM 149  H H    . TYR A 1 10 ? 1.881   -8.157  -4.204  1.00 0.00 ? 10 TYR A H    1 
ATOM 150  H HA   . TYR A 1 10 ? 2.647   -8.477  -1.390  1.00 0.00 ? 10 TYR A HA   1 
ATOM 151  H HB2  . TYR A 1 10 ? 1.070   -6.188  -2.540  1.00 0.00 ? 10 TYR A HB2  1 
ATOM 152  H HB3  . TYR A 1 10 ? 0.802   -6.707  -0.883  1.00 0.00 ? 10 TYR A HB3  1 
ATOM 153  H HD1  . TYR A 1 10 ? 3.211   -7.154  0.361   1.00 0.00 ? 10 TYR A HD1  1 
ATOM 154  H HD2  . TYR A 1 10 ? 2.448   -4.354  -2.742  1.00 0.00 ? 10 TYR A HD2  1 
ATOM 155  H HE1  . TYR A 1 10 ? 5.143   -5.829  1.093   1.00 0.00 ? 10 TYR A HE1  1 
ATOM 156  H HE2  . TYR A 1 10 ? 4.377   -3.015  -2.024  1.00 0.00 ? 10 TYR A HE2  1 
ATOM 157  H HH   . TYR A 1 10 ? 5.691   -2.716  0.215   1.00 0.00 ? 10 TYR A HH   1 
ATOM 158  N N    . VAL A 1 11 ? 0.295   -9.355  -0.741  1.00 0.00 ? 11 VAL A N    1 
ATOM 159  C CA   . VAL A 1 11 ? -0.806  -10.280 -0.489  1.00 0.00 ? 11 VAL A CA   1 
ATOM 160  C C    . VAL A 1 11 ? -2.109  -9.806  -1.133  1.00 0.00 ? 11 VAL A C    1 
ATOM 161  O O    . VAL A 1 11 ? -2.734  -10.554 -1.892  1.00 0.00 ? 11 VAL A O    1 
ATOM 162  C CB   . VAL A 1 11 ? -1.005  -10.499 1.033   1.00 0.00 ? 11 VAL A CB   1 
ATOM 163  C CG1  . VAL A 1 11 ? -1.072  -9.173  1.779   1.00 0.00 ? 11 VAL A CG1  1 
ATOM 164  C CG2  . VAL A 1 11 ? -2.249  -11.330 1.300   1.00 0.00 ? 11 VAL A CG2  1 
ATOM 165  H H    . VAL A 1 11 ? 0.795   -8.989  0.020   1.00 0.00 ? 11 VAL A H    1 
ATOM 166  H HA   . VAL A 1 11 ? -0.536  -11.229 -0.924  1.00 0.00 ? 11 VAL A HA   1 
ATOM 167  H HB   . VAL A 1 11 ? -0.151  -11.046 1.406   1.00 0.00 ? 11 VAL A HB   1 
ATOM 168  H HG11 . VAL A 1 11 ? -1.949  -8.629  1.467   1.00 0.00 ? 11 VAL A HG11 1 
ATOM 169  H HG12 . VAL A 1 11 ? -0.190  -8.591  1.557   1.00 0.00 ? 11 VAL A HG12 1 
ATOM 170  H HG13 . VAL A 1 11 ? -1.121  -9.359  2.842   1.00 0.00 ? 11 VAL A HG13 1 
ATOM 171  H HG21 . VAL A 1 11 ? -3.112  -10.825 0.895   1.00 0.00 ? 11 VAL A HG21 1 
ATOM 172  H HG22 . VAL A 1 11 ? -2.373  -11.462 2.365   1.00 0.00 ? 11 VAL A HG22 1 
ATOM 173  H HG23 . VAL A 1 11 ? -2.144  -12.295 0.826   1.00 0.00 ? 11 VAL A HG23 1 
ATOM 174  N N    . ASN A 1 12 ? -2.491  -8.561  -0.870  1.00 0.00 ? 12 ASN A N    1 
ATOM 175  C CA   . ASN A 1 12 ? -3.664  -7.981  -1.498  1.00 0.00 ? 12 ASN A CA   1 
ATOM 176  C C    . ASN A 1 12 ? -3.693  -6.499  -1.191  1.00 0.00 ? 12 ASN A C    1 
ATOM 177  O O    . ASN A 1 12 ? -4.644  -5.981  -0.627  1.00 0.00 ? 12 ASN A O    1 
ATOM 178  C CB   . ASN A 1 12 ? -4.939  -8.654  -0.991  1.00 0.00 ? 12 ASN A CB   1 
ATOM 179  C CG   . ASN A 1 12 ? -6.089  -8.545  -1.966  1.00 0.00 ? 12 ASN A CG   1 
ATOM 180  O OD1  . ASN A 1 12 ? -5.884  -8.454  -3.175  1.00 0.00 ? 12 ASN A OD1  1 
ATOM 181  N ND2  . ASN A 1 12 ? -7.305  -8.580  -1.451  1.00 0.00 ? 12 ASN A ND2  1 
ATOM 182  H H    . ASN A 1 12 ? -1.994  -8.028  -0.206  1.00 0.00 ? 12 ASN A H    1 
ATOM 183  H HA   . ASN A 1 12 ? -3.582  -8.120  -2.566  1.00 0.00 ? 12 ASN A HA   1 
ATOM 184  H HB2  . ASN A 1 12 ? -4.740  -9.691  -0.818  1.00 0.00 ? 12 ASN A HB2  1 
ATOM 185  H HB3  . ASN A 1 12 ? -5.234  -8.195  -0.061  1.00 0.00 ? 12 ASN A HB3  1 
ATOM 186  H HD21 . ASN A 1 12 ? -7.392  -8.677  -0.482  1.00 0.00 ? 12 ASN A HD21 1 
ATOM 187  H HD22 . ASN A 1 12 ? -8.069  -8.508  -2.060  1.00 0.00 ? 12 ASN A HD22 1 
ATOM 188  N N    . ALA A 1 13 ? -2.631  -5.820  -1.557  1.00 0.00 ? 13 ALA A N    1 
ATOM 189  C CA   . ALA A 1 13 ? -2.498  -4.421  -1.237  1.00 0.00 ? 13 ALA A CA   1 
ATOM 190  C C    . ALA A 1 13 ? -2.870  -3.634  -2.459  1.00 0.00 ? 13 ALA A C    1 
ATOM 191  O O    . ALA A 1 13 ? -2.617  -4.081  -3.571  1.00 0.00 ? 13 ALA A O    1 
ATOM 192  C CB   . ALA A 1 13 ? -1.073  -4.113  -0.812  1.00 0.00 ? 13 ALA A CB   1 
ATOM 193  H H    . ALA A 1 13 ? -1.949  -6.247  -2.117  1.00 0.00 ? 13 ALA A H    1 
ATOM 194  H HA   . ALA A 1 13 ? -3.183  -4.171  -0.418  1.00 0.00 ? 13 ALA A HA   1 
ATOM 195  H HB1  . ALA A 1 13 ? -0.402  -4.307  -1.637  1.00 0.00 ? 13 ALA A HB1  1 
ATOM 196  H HB2  . ALA A 1 13 ? -0.805  -4.738  0.026   1.00 0.00 ? 13 ALA A HB2  1 
ATOM 197  H HB3  . ALA A 1 13 ? -0.999  -3.073  -0.527  1.00 0.00 ? 13 ALA A HB3  1 
ATOM 198  N N    . PHE A 1 14 ? -3.494  -2.500  -2.276  1.00 0.00 ? 14 PHE A N    1 
ATOM 199  C CA   . PHE A 1 14 ? -3.919  -1.721  -3.405  1.00 0.00 ? 14 PHE A CA   1 
ATOM 200  C C    . PHE A 1 14 ? -3.496  -0.283  -3.246  1.00 0.00 ? 14 PHE A C    1 
ATOM 201  O O    . PHE A 1 14 ? -3.651  0.310   -2.180  1.00 0.00 ? 14 PHE A O    1 
ATOM 202  C CB   . PHE A 1 14 ? -5.436  -1.777  -3.587  1.00 0.00 ? 14 PHE A CB   1 
ATOM 203  C CG   . PHE A 1 14 ? -6.007  -3.152  -3.839  1.00 0.00 ? 14 PHE A CG   1 
ATOM 204  C CD1  . PHE A 1 14 ? -6.016  -4.118  -2.842  1.00 0.00 ? 14 PHE A CD1  1 
ATOM 205  C CD2  . PHE A 1 14 ? -6.543  -3.471  -5.075  1.00 0.00 ? 14 PHE A CD2  1 
ATOM 206  C CE1  . PHE A 1 14 ? -6.550  -5.372  -3.075  1.00 0.00 ? 14 PHE A CE1  1 
ATOM 207  C CE2  . PHE A 1 14 ? -7.076  -4.723  -5.313  1.00 0.00 ? 14 PHE A CE2  1 
ATOM 208  C CZ   . PHE A 1 14 ? -7.078  -5.674  -4.313  1.00 0.00 ? 14 PHE A CZ   1 
ATOM 209  H H    . PHE A 1 14 ? -3.661  -2.173  -1.368  1.00 0.00 ? 14 PHE A H    1 
ATOM 210  H HA   . PHE A 1 14 ? -3.434  -2.131  -4.278  1.00 0.00 ? 14 PHE A HA   1 
ATOM 211  H HB2  . PHE A 1 14 ? -5.906  -1.381  -2.706  1.00 0.00 ? 14 PHE A HB2  1 
ATOM 212  H HB3  . PHE A 1 14 ? -5.696  -1.154  -4.425  1.00 0.00 ? 14 PHE A HB3  1 
ATOM 213  H HD1  . PHE A 1 14 ? -5.603  -3.881  -1.872  1.00 0.00 ? 14 PHE A HD1  1 
ATOM 214  H HD2  . PHE A 1 14 ? -6.543  -2.728  -5.859  1.00 0.00 ? 14 PHE A HD2  1 
ATOM 215  H HE1  . PHE A 1 14 ? -6.545  -6.121  -2.287  1.00 0.00 ? 14 PHE A HE1  1 
ATOM 216  H HE2  . PHE A 1 14 ? -7.488  -4.960  -6.282  1.00 0.00 ? 14 PHE A HE2  1 
ATOM 217  H HZ   . PHE A 1 14 ? -7.497  -6.651  -4.497  1.00 0.00 ? 14 PHE A HZ   1 
ATOM 218  N N    . GLY A 1 15 ? -2.970  0.268   -4.310  1.00 0.00 ? 15 GLY A N    1 
ATOM 219  C CA   . GLY A 1 15 ? -2.603  1.651   -4.314  1.00 0.00 ? 15 GLY A CA   1 
ATOM 220  C C    . GLY A 1 15 ? -3.499  2.447   -5.227  1.00 0.00 ? 15 GLY A C    1 
ATOM 221  O O    . GLY A 1 15 ? -3.369  2.401   -6.445  1.00 0.00 ? 15 GLY A O    1 
ATOM 222  H H    . GLY A 1 15 ? -2.839  -0.277  -5.117  1.00 0.00 ? 15 GLY A H    1 
ATOM 223  H HA2  . GLY A 1 15 ? -2.697  2.037   -3.311  1.00 0.00 ? 15 GLY A HA2  1 
ATOM 224  H HA3  . GLY A 1 15 ? -1.587  1.754   -4.631  1.00 0.00 ? 15 GLY A HA3  1 
ATOM 225  N N    . SER A 1 16 ? -4.424  3.163   -4.629  1.00 0.00 ? 16 SER A N    1 
ATOM 226  C CA   . SER A 1 16 ? -5.371  3.949   -5.363  1.00 0.00 ? 16 SER A CA   1 
ATOM 227  C C    . SER A 1 16 ? -4.855  5.368   -5.478  1.00 0.00 ? 16 SER A C    1 
ATOM 228  O O    . SER A 1 16 ? -4.686  6.051   -4.467  1.00 0.00 ? 16 SER A O    1 
ATOM 229  C CB   . SER A 1 16 ? -6.690  3.938   -4.618  1.00 0.00 ? 16 SER A CB   1 
ATOM 230  O OG   . SER A 1 16 ? -7.728  4.465   -5.398  1.00 0.00 ? 16 SER A OG   1 
ATOM 231  H H    . SER A 1 16 ? -4.457  3.187   -3.644  1.00 0.00 ? 16 SER A H    1 
ATOM 232  H HA   . SER A 1 16 ? -5.500  3.521   -6.345  1.00 0.00 ? 16 SER A HA   1 
ATOM 233  H HB2  . SER A 1 16 ? -6.937  2.935   -4.325  1.00 0.00 ? 16 SER A HB2  1 
ATOM 234  H HB3  . SER A 1 16 ? -6.601  4.518   -3.752  1.00 0.00 ? 16 SER A HB3  1 
ATOM 235  H HG   . SER A 1 16 ? -7.654  5.426   -5.407  1.00 0.00 ? 16 SER A HG   1 
ATOM 236  N N    . GLN A 1 17 ? -4.585  5.816   -6.686  1.00 0.00 ? 17 GLN A N    1 
ATOM 237  C CA   . GLN A 1 17 ? -4.019  7.137   -6.860  1.00 0.00 ? 17 GLN A CA   1 
ATOM 238  C C    . GLN A 1 17 ? -5.110  8.194   -6.916  1.00 0.00 ? 17 GLN A C    1 
ATOM 239  O O    . GLN A 1 17 ? -6.201  7.970   -7.438  1.00 0.00 ? 17 GLN A O    1 
ATOM 240  C CB   . GLN A 1 17 ? -3.164  7.196   -8.111  1.00 0.00 ? 17 GLN A CB   1 
ATOM 241  C CG   . GLN A 1 17 ? -3.995  7.311   -9.362  1.00 0.00 ? 17 GLN A CG   1 
ATOM 242  C CD   . GLN A 1 17 ? -3.171  7.346   -10.637 1.00 0.00 ? 17 GLN A CD   1 
ATOM 243  O OE1  . GLN A 1 17 ? -2.848  6.303   -11.209 1.00 0.00 ? 17 GLN A OE1  1 
ATOM 244  N NE2  . GLN A 1 17 ? -2.839  8.542   -11.105 1.00 0.00 ? 17 GLN A NE2  1 
ATOM 245  H H    . GLN A 1 17 ? -4.770  5.257   -7.471  1.00 0.00 ? 17 GLN A H    1 
ATOM 246  H HA   . GLN A 1 17 ? -3.397  7.342   -6.010  1.00 0.00 ? 17 GLN A HA   1 
ATOM 247  H HB2  . GLN A 1 17 ? -2.502  8.041   -8.042  1.00 0.00 ? 17 GLN A HB2  1 
ATOM 248  H HB3  . GLN A 1 17 ? -2.577  6.296   -8.170  1.00 0.00 ? 17 GLN A HB3  1 
ATOM 249  H HG2  . GLN A 1 17 ? -4.655  6.470   -9.391  1.00 0.00 ? 17 GLN A HG2  1 
ATOM 250  H HG3  . GLN A 1 17 ? -4.582  8.214   -9.294  1.00 0.00 ? 17 GLN A HG3  1 
ATOM 251  H HE21 . GLN A 1 17 ? -3.134  9.336   -10.612 1.00 0.00 ? 17 GLN A HE21 1 
ATOM 252  H HE22 . GLN A 1 17 ? -2.317  8.583   -11.935 1.00 0.00 ? 17 GLN A HE22 1 
ATOM 253  N N    . ARG A 1 18 ? -4.769  9.351   -6.404  1.00 0.00 ? 18 ARG A N    1 
ATOM 254  C CA   . ARG A 1 18 ? -5.702  10.470  -6.268  1.00 0.00 ? 18 ARG A CA   1 
ATOM 255  C C    . ARG A 1 18 ? -4.950  11.796  -6.379  1.00 0.00 ? 18 ARG A C    1 
ATOM 256  O O    . ARG A 1 18 ? -4.731  12.485  -5.384  1.00 0.00 ? 18 ARG A O    1 
ATOM 257  C CB   . ARG A 1 18 ? -6.428  10.386  -4.911  1.00 0.00 ? 18 ARG A CB   1 
ATOM 258  C CG   . ARG A 1 18 ? -7.424  11.519  -4.648  1.00 0.00 ? 18 ARG A CG   1 
ATOM 259  C CD   . ARG A 1 18 ? -8.606  11.497  -5.609  1.00 0.00 ? 18 ARG A CD   1 
ATOM 260  N NE   . ARG A 1 18 ? -9.353  12.760  -5.583  1.00 0.00 ? 18 ARG A NE   1 
ATOM 261  C CZ   . ARG A 1 18 ? -10.686 12.861  -5.539  1.00 0.00 ? 18 ARG A CZ   1 
ATOM 262  N NH1  . ARG A 1 18 ? -11.445 11.776  -5.460  1.00 0.00 ? 18 ARG A NH1  1 
ATOM 263  N NH2  . ARG A 1 18 ? -11.256 14.062  -5.556  1.00 0.00 ? 18 ARG A NH2  1 
ATOM 264  H H    . ARG A 1 18 ? -3.839  9.463   -6.126  1.00 0.00 ? 18 ARG A H    1 
ATOM 265  H HA   . ARG A 1 18 ? -6.427  10.405  -7.064  1.00 0.00 ? 18 ARG A HA   1 
ATOM 266  H HB2  . ARG A 1 18 ? -6.962  9.450   -4.860  1.00 0.00 ? 18 ARG A HB2  1 
ATOM 267  H HB3  . ARG A 1 18 ? -5.685  10.405  -4.125  1.00 0.00 ? 18 ARG A HB3  1 
ATOM 268  H HG2  . ARG A 1 18 ? -7.798  11.421  -3.642  1.00 0.00 ? 18 ARG A HG2  1 
ATOM 269  H HG3  . ARG A 1 18 ? -6.909  12.463  -4.749  1.00 0.00 ? 18 ARG A HG3  1 
ATOM 270  H HD2  . ARG A 1 18 ? -8.239  11.329  -6.610  1.00 0.00 ? 18 ARG A HD2  1 
ATOM 271  H HD3  . ARG A 1 18 ? -9.268  10.693  -5.328  1.00 0.00 ? 18 ARG A HD3  1 
ATOM 272  H HE   . ARG A 1 18 ? -8.825  13.591  -5.611  1.00 0.00 ? 18 ARG A HE   1 
ATOM 273  H HH11 . ARG A 1 18 ? -11.028 10.867  -5.425  1.00 0.00 ? 18 ARG A HH11 1 
ATOM 274  H HH12 . ARG A 1 18 ? -12.446 11.862  -5.431  1.00 0.00 ? 18 ARG A HH12 1 
ATOM 275  H HH21 . ARG A 1 18 ? -10.688 14.891  -5.598  1.00 0.00 ? 18 ARG A HH21 1 
ATOM 276  H HH22 . ARG A 1 18 ? -12.256 14.147  -5.522  1.00 0.00 ? 18 ARG A HH22 1 
ATOM 277  N N    . GLY A 1 19 ? -4.590  12.160  -7.601  1.00 0.00 ? 19 GLY A N    1 
ATOM 278  C CA   . GLY A 1 19 ? -3.860  13.393  -7.843  1.00 0.00 ? 19 GLY A CA   1 
ATOM 279  C C    . GLY A 1 19 ? -2.605  13.521  -6.994  1.00 0.00 ? 19 GLY A C    1 
ATOM 280  O O    . GLY A 1 19 ? -2.620  14.201  -5.964  1.00 0.00 ? 19 GLY A O    1 
ATOM 281  H H    . GLY A 1 19 ? -4.835  11.585  -8.359  1.00 0.00 ? 19 GLY A H    1 
ATOM 282  H HA2  . GLY A 1 19 ? -3.576  13.430  -8.883  1.00 0.00 ? 19 GLY A HA2  1 
ATOM 283  H HA3  . GLY A 1 19 ? -4.509  14.230  -7.633  1.00 0.00 ? 19 GLY A HA3  1 
ATOM 284  N N    . SER A 1 20 ? -1.529  12.855  -7.425  1.00 0.00 ? 20 SER A N    1 
ATOM 285  C CA   . SER A 1 20 ? -0.223  12.916  -6.757  1.00 0.00 ? 20 SER A CA   1 
ATOM 286  C C    . SER A 1 20 ? -0.184  12.070  -5.475  1.00 0.00 ? 20 SER A C    1 
ATOM 287  O O    . SER A 1 20 ? 0.734   11.276  -5.280  1.00 0.00 ? 20 SER A O    1 
ATOM 288  C CB   . SER A 1 20 ? 0.168   14.368  -6.458  1.00 0.00 ? 20 SER A CB   1 
ATOM 289  O OG   . SER A 1 20 ? 0.175   15.150  -7.643  1.00 0.00 ? 20 SER A OG   1 
ATOM 290  H H    . SER A 1 20 ? -1.616  12.295  -8.227  1.00 0.00 ? 20 SER A H    1 
ATOM 291  H HA   . SER A 1 20 ? 0.502   12.506  -7.445  1.00 0.00 ? 20 SER A HA   1 
ATOM 292  H HB2  . SER A 1 20 ? -0.545  14.792  -5.769  1.00 0.00 ? 20 SER A HB2  1 
ATOM 293  H HB3  . SER A 1 20 ? 1.153   14.390  -6.018  1.00 0.00 ? 20 SER A HB3  1 
ATOM 294  H HG   . SER A 1 20 ? -0.083  14.599  -8.391  1.00 0.00 ? 20 SER A HG   1 
ATOM 295  N N    . VAL A 1 21 ? -1.162  12.251  -4.598  1.00 0.00 ? 21 VAL A N    1 
ATOM 296  C CA   . VAL A 1 21 ? -1.256  11.449  -3.393  1.00 0.00 ? 21 VAL A CA   1 
ATOM 297  C C    . VAL A 1 21 ? -1.822  10.066  -3.692  1.00 0.00 ? 21 VAL A C    1 
ATOM 298  O O    . VAL A 1 21 ? -2.781  9.910   -4.449  1.00 0.00 ? 21 VAL A O    1 
ATOM 299  C CB   . VAL A 1 21 ? -2.045  12.176  -2.288  1.00 0.00 ? 21 VAL A CB   1 
ATOM 300  C CG1  . VAL A 1 21 ? -2.873  13.265  -2.872  1.00 0.00 ? 21 VAL A CG1  1 
ATOM 301  C CG2  . VAL A 1 21 ? -2.872  11.239  -1.430  1.00 0.00 ? 21 VAL A CG2  1 
ATOM 302  H H    . VAL A 1 21 ? -1.829  12.946  -4.757  1.00 0.00 ? 21 VAL A H    1 
ATOM 303  H HA   . VAL A 1 21 ? -0.263  11.327  -3.030  1.00 0.00 ? 21 VAL A HA   1 
ATOM 304  H HB   . VAL A 1 21 ? -1.334  12.654  -1.650  1.00 0.00 ? 21 VAL A HB   1 
ATOM 305  H HG11 . VAL A 1 21 ? -3.540  12.855  -3.611  1.00 0.00 ? 21 VAL A HG11 1 
ATOM 306  H HG12 . VAL A 1 21 ? -2.200  13.968  -3.332  1.00 0.00 ? 21 VAL A HG12 1 
ATOM 307  H HG13 . VAL A 1 21 ? -3.434  13.750  -2.093  1.00 0.00 ? 21 VAL A HG13 1 
ATOM 308  H HG21 . VAL A 1 21 ? -3.212  11.772  -0.555  1.00 0.00 ? 21 VAL A HG21 1 
ATOM 309  H HG22 . VAL A 1 21 ? -2.259  10.403  -1.128  1.00 0.00 ? 21 VAL A HG22 1 
ATOM 310  H HG23 . VAL A 1 21 ? -3.721  10.885  -1.993  1.00 0.00 ? 21 VAL A HG23 1 
ATOM 311  N N    . LEU A 1 22 ? -1.193  9.065   -3.106  1.00 0.00 ? 22 LEU A N    1 
ATOM 312  C CA   . LEU A 1 22 ? -1.507  7.680   -3.382  1.00 0.00 ? 22 LEU A CA   1 
ATOM 313  C C    . LEU A 1 22 ? -2.108  7.027   -2.132  1.00 0.00 ? 22 LEU A C    1 
ATOM 314  O O    . LEU A 1 22 ? -1.627  7.248   -1.018  1.00 0.00 ? 22 LEU A O    1 
ATOM 315  C CB   . LEU A 1 22 ? -0.213  6.959   -3.790  1.00 0.00 ? 22 LEU A CB   1 
ATOM 316  C CG   . LEU A 1 22 ? -0.327  5.876   -4.874  1.00 0.00 ? 22 LEU A CG   1 
ATOM 317  C CD1  . LEU A 1 22 ? -1.586  5.063   -4.712  1.00 0.00 ? 22 LEU A CD1  1 
ATOM 318  C CD2  . LEU A 1 22 ? -0.285  6.486   -6.262  1.00 0.00 ? 22 LEU A CD2  1 
ATOM 319  H H    . LEU A 1 22 ? -0.487  9.268   -2.450  1.00 0.00 ? 22 LEU A H    1 
ATOM 320  H HA   . LEU A 1 22 ? -2.217  7.639   -4.194  1.00 0.00 ? 22 LEU A HA   1 
ATOM 321  H HB2  . LEU A 1 22 ? 0.479   7.707   -4.147  1.00 0.00 ? 22 LEU A HB2  1 
ATOM 322  H HB3  . LEU A 1 22 ? 0.209   6.506   -2.905  1.00 0.00 ? 22 LEU A HB3  1 
ATOM 323  H HG   . LEU A 1 22 ? 0.512   5.204   -4.783  1.00 0.00 ? 22 LEU A HG   1 
ATOM 324  H HD11 . LEU A 1 22 ? -2.427  5.638   -5.086  1.00 0.00 ? 22 LEU A HD11 1 
ATOM 325  H HD12 . LEU A 1 22 ? -1.739  4.838   -3.666  1.00 0.00 ? 22 LEU A HD12 1 
ATOM 326  H HD13 . LEU A 1 22 ? -1.500  4.144   -5.273  1.00 0.00 ? 22 LEU A HD13 1 
ATOM 327  H HD21 . LEU A 1 22 ? 0.614   7.072   -6.374  1.00 0.00 ? 22 LEU A HD21 1 
ATOM 328  H HD22 . LEU A 1 22 ? -1.149  7.116   -6.404  1.00 0.00 ? 22 LEU A HD22 1 
ATOM 329  H HD23 . LEU A 1 22 ? -0.293  5.695   -6.998  1.00 0.00 ? 22 LEU A HD23 1 
ATOM 330  N N    . THR A 1 23 ? -3.162  6.244   -2.312  1.00 0.00 ? 23 THR A N    1 
ATOM 331  C CA   . THR A 1 23 ? -3.736  5.471   -1.213  1.00 0.00 ? 23 THR A CA   1 
ATOM 332  C C    . THR A 1 23 ? -3.216  4.050   -1.258  1.00 0.00 ? 23 THR A C    1 
ATOM 333  O O    . THR A 1 23 ? -3.533  3.302   -2.170  1.00 0.00 ? 23 THR A O    1 
ATOM 334  C CB   . THR A 1 23 ? -5.274  5.406   -1.262  1.00 0.00 ? 23 THR A CB   1 
ATOM 335  O OG1  . THR A 1 23 ? -5.826  6.731   -1.245  1.00 0.00 ? 23 THR A OG1  1 
ATOM 336  C CG2  . THR A 1 23 ? -5.810  4.599   -0.079  1.00 0.00 ? 23 THR A CG2  1 
ATOM 337  H H    . THR A 1 23 ? -3.556  6.171   -3.213  1.00 0.00 ? 23 THR A H    1 
ATOM 338  H HA   . THR A 1 23 ? -3.437  5.928   -0.284  1.00 0.00 ? 23 THR A HA   1 
ATOM 339  H HB   . THR A 1 23 ? -5.571  4.904   -2.177  1.00 0.00 ? 23 THR A HB   1 
ATOM 340  H HG1  . THR A 1 23 ? -5.382  7.268   -1.911  1.00 0.00 ? 23 THR A HG1  1 
ATOM 341  H HG21 . THR A 1 23 ? -5.234  3.683   0.031   1.00 0.00 ? 23 THR A HG21 1 
ATOM 342  H HG22 . THR A 1 23 ? -6.843  4.347   -0.261  1.00 0.00 ? 23 THR A HG22 1 
ATOM 343  H HG23 . THR A 1 23 ? -5.733  5.183   0.826   1.00 0.00 ? 23 THR A HG23 1 
ATOM 344  N N    . VAL A 1 24 ? -2.457  3.671   -0.264  1.00 0.00 ? 24 VAL A N    1 
ATOM 345  C CA   . VAL A 1 24 ? -1.825  2.375   -0.250  1.00 0.00 ? 24 VAL A CA   1 
ATOM 346  C C    . VAL A 1 24 ? -2.412  1.553   0.877   1.00 0.00 ? 24 VAL A C    1 
ATOM 347  O O    . VAL A 1 24 ? -2.109  1.774   2.051   1.00 0.00 ? 24 VAL A O    1 
ATOM 348  C CB   . VAL A 1 24 ? -0.298  2.504   -0.085  1.00 0.00 ? 24 VAL A CB   1 
ATOM 349  C CG1  . VAL A 1 24 ? 0.410   2.100   -1.368  1.00 0.00 ? 24 VAL A CG1  1 
ATOM 350  C CG2  . VAL A 1 24 ? 0.067   3.919   0.286   1.00 0.00 ? 24 VAL A CG2  1 
ATOM 351  H H    . VAL A 1 24 ? -2.358  4.259   0.519   1.00 0.00 ? 24 VAL A H    1 
ATOM 352  H HA   . VAL A 1 24 ? -2.029  1.887   -1.200  1.00 0.00 ? 24 VAL A HA   1 
ATOM 353  H HB   . VAL A 1 24 ? 0.034   1.859   0.716   1.00 0.00 ? 24 VAL A HB   1 
ATOM 354  H HG11 . VAL A 1 24 ? 0.199   1.064   -1.586  1.00 0.00 ? 24 VAL A HG11 1 
ATOM 355  H HG12 . VAL A 1 24 ? 1.477   2.234   -1.250  1.00 0.00 ? 24 VAL A HG12 1 
ATOM 356  H HG13 . VAL A 1 24 ? 0.058   2.717   -2.183  1.00 0.00 ? 24 VAL A HG13 1 
ATOM 357  H HG21 . VAL A 1 24 ? 1.097   3.949   0.608   1.00 0.00 ? 24 VAL A HG21 1 
ATOM 358  H HG22 . VAL A 1 24 ? -0.570  4.256   1.088   1.00 0.00 ? 24 VAL A HG22 1 
ATOM 359  H HG23 . VAL A 1 24 ? -0.063  4.561   -0.573  1.00 0.00 ? 24 VAL A HG23 1 
ATOM 360  N N    . LYS A 1 25 ? -3.273  0.625   0.516   1.00 0.00 ? 25 LYS A N    1 
ATOM 361  C CA   . LYS A 1 25 ? -3.950  -0.188  1.498   1.00 0.00 ? 25 LYS A CA   1 
ATOM 362  C C    . LYS A 1 25 ? -3.472  -1.631  1.425   1.00 0.00 ? 25 LYS A C    1 
ATOM 363  O O    . LYS A 1 25 ? -2.879  -2.033  0.430   1.00 0.00 ? 25 LYS A O    1 
ATOM 364  C CB   . LYS A 1 25 ? -5.466  -0.113  1.317   1.00 0.00 ? 25 LYS A CB   1 
ATOM 365  C CG   . LYS A 1 25 ? -5.989  -0.639  -0.011  1.00 0.00 ? 25 LYS A CG   1 
ATOM 366  C CD   . LYS A 1 25 ? -7.469  -0.967  0.112   1.00 0.00 ? 25 LYS A CD   1 
ATOM 367  C CE   . LYS A 1 25 ? -8.055  -1.549  -1.164  1.00 0.00 ? 25 LYS A CE   1 
ATOM 368  N NZ   . LYS A 1 25 ? -9.478  -1.943  -0.979  1.00 0.00 ? 25 LYS A NZ   1 
ATOM 369  H H    . LYS A 1 25 ? -3.456  0.484   -0.440  1.00 0.00 ? 25 LYS A H    1 
ATOM 370  H HA   . LYS A 1 25 ? -3.705  0.214   2.463   1.00 0.00 ? 25 LYS A HA   1 
ATOM 371  H HB2  . LYS A 1 25 ? -5.929  -0.682  2.102   1.00 0.00 ? 25 LYS A HB2  1 
ATOM 372  H HB3  . LYS A 1 25 ? -5.774  0.919   1.415   1.00 0.00 ? 25 LYS A HB3  1 
ATOM 373  H HG2  . LYS A 1 25 ? -5.856  0.121   -0.768  1.00 0.00 ? 25 LYS A HG2  1 
ATOM 374  H HG3  . LYS A 1 25 ? -5.445  -1.528  -0.284  1.00 0.00 ? 25 LYS A HG3  1 
ATOM 375  H HD2  . LYS A 1 25 ? -7.599  -1.684  0.906   1.00 0.00 ? 25 LYS A HD2  1 
ATOM 376  H HD3  . LYS A 1 25 ? -7.999  -0.060  0.360   1.00 0.00 ? 25 LYS A HD3  1 
ATOM 377  H HE2  . LYS A 1 25 ? -7.994  -0.807  -1.947  1.00 0.00 ? 25 LYS A HE2  1 
ATOM 378  H HE3  . LYS A 1 25 ? -7.481  -2.420  -1.448  1.00 0.00 ? 25 LYS A HE3  1 
ATOM 379  H HZ1  . LYS A 1 25 ? -9.879  -2.271  -1.882  1.00 0.00 ? 25 LYS A HZ1  1 
ATOM 380  H HZ2  . LYS A 1 25 ? -10.036 -1.135  -0.641  1.00 0.00 ? 25 LYS A HZ2  1 
ATOM 381  H HZ3  . LYS A 1 25 ? -9.552  -2.720  -0.284  1.00 0.00 ? 25 LYS A HZ3  1 
ATOM 382  N N    . VAL A 1 26 ? -3.722  -2.400  2.477   1.00 0.00 ? 26 VAL A N    1 
ATOM 383  C CA   . VAL A 1 26 ? -3.348  -3.812  2.511   1.00 0.00 ? 26 VAL A CA   1 
ATOM 384  C C    . VAL A 1 26 ? -4.542  -4.686  2.859   1.00 0.00 ? 26 VAL A C    1 
ATOM 385  O O    . VAL A 1 26 ? -5.207  -4.445  3.863   1.00 0.00 ? 26 VAL A O    1 
ATOM 386  C CB   . VAL A 1 26 ? -2.215  -4.096  3.524   1.00 0.00 ? 26 VAL A CB   1 
ATOM 387  C CG1  . VAL A 1 26 ? -0.871  -4.029  2.856   1.00 0.00 ? 26 VAL A CG1  1 
ATOM 388  C CG2  . VAL A 1 26 ? -2.239  -3.132  4.696   1.00 0.00 ? 26 VAL A CG2  1 
ATOM 389  H H    . VAL A 1 26 ? -4.180  -2.008  3.260   1.00 0.00 ? 26 VAL A H    1 
ATOM 390  H HA   . VAL A 1 26 ? -2.994  -4.081  1.529   1.00 0.00 ? 26 VAL A HA   1 
ATOM 391  H HB   . VAL A 1 26 ? -2.349  -5.094  3.912   1.00 0.00 ? 26 VAL A HB   1 
ATOM 392  H HG11 . VAL A 1 26 ? -0.737  -3.061  2.400   1.00 0.00 ? 26 VAL A HG11 1 
ATOM 393  H HG12 . VAL A 1 26 ? -0.810  -4.799  2.102   1.00 0.00 ? 26 VAL A HG12 1 
ATOM 394  H HG13 . VAL A 1 26 ? -0.098  -4.191  3.602   1.00 0.00 ? 26 VAL A HG13 1 
ATOM 395  H HG21 . VAL A 1 26 ? -2.662  -3.622  5.558   1.00 0.00 ? 26 VAL A HG21 1 
ATOM 396  H HG22 . VAL A 1 26 ? -2.838  -2.273  4.446   1.00 0.00 ? 26 VAL A HG22 1 
ATOM 397  H HG23 . VAL A 1 26 ? -1.231  -2.809  4.921   1.00 0.00 ? 26 VAL A HG23 1 
ATOM 398  N N    . GLU A 1 27 ? -4.820  -5.707  2.053   1.00 0.00 ? 27 GLU A N    1 
ATOM 399  C CA   . GLU A 1 27 ? -5.948  -6.573  2.342   1.00 0.00 ? 27 GLU A CA   1 
ATOM 400  C C    . GLU A 1 27 ? -5.472  -7.984  2.620   1.00 0.00 ? 27 GLU A C    1 
ATOM 401  O O    . GLU A 1 27 ? -4.423  -8.410  2.130   1.00 0.00 ? 27 GLU A O    1 
ATOM 402  C CB   . GLU A 1 27 ? -6.984  -6.553  1.216   1.00 0.00 ? 27 GLU A CB   1 
ATOM 403  C CG   . GLU A 1 27 ? -7.488  -5.159  0.917   1.00 0.00 ? 27 GLU A CG   1 
ATOM 404  C CD   . GLU A 1 27 ? -8.710  -5.135  0.026   1.00 0.00 ? 27 GLU A CD   1 
ATOM 405  O OE1  . GLU A 1 27 ? -8.737  -5.852  -0.988  1.00 0.00 ? 27 GLU A OE1  1 
ATOM 406  O OE2  . GLU A 1 27 ? -9.655  -4.383  0.342   1.00 0.00 ? 27 GLU A OE2  1 
ATOM 407  H H    . GLU A 1 27 ? -4.249  -5.900  1.262   1.00 0.00 ? 27 GLU A H    1 
ATOM 408  H HA   . GLU A 1 27 ? -6.412  -6.188  3.233   1.00 0.00 ? 27 GLU A HA   1 
ATOM 409  H HB2  . GLU A 1 27 ? -6.543  -6.954  0.318   1.00 0.00 ? 27 GLU A HB2  1 
ATOM 410  H HB3  . GLU A 1 27 ? -7.827  -7.164  1.501   1.00 0.00 ? 27 GLU A HB3  1 
ATOM 411  H HG2  . GLU A 1 27 ? -7.739  -4.681  1.846   1.00 0.00 ? 27 GLU A HG2  1 
ATOM 412  H HG3  . GLU A 1 27 ? -6.697  -4.611  0.441   1.00 0.00 ? 27 GLU A HG3  1 
ATOM 413  N N    . ASN A 1 28 ? -6.236  -8.697  3.425   1.00 0.00 ? 28 ASN A N    1 
ATOM 414  C CA   . ASN A 1 28 ? -5.881  -10.046 3.813   1.00 0.00 ? 28 ASN A CA   1 
ATOM 415  C C    . ASN A 1 28 ? -6.506  -11.031 2.830   1.00 0.00 ? 28 ASN A C    1 
ATOM 416  O O    . ASN A 1 28 ? -7.161  -10.617 1.872   1.00 0.00 ? 28 ASN A O    1 
ATOM 417  C CB   . ASN A 1 28 ? -6.363  -10.307 5.237   1.00 0.00 ? 28 ASN A CB   1 
ATOM 418  C CG   . ASN A 1 28 ? -5.612  -11.416 5.963   1.00 0.00 ? 28 ASN A CG   1 
ATOM 419  O OD1  . ASN A 1 28 ? -5.067  -12.329 5.349   1.00 0.00 ? 28 ASN A OD1  1 
ATOM 420  N ND2  . ASN A 1 28 ? -5.595  -11.351 7.286   1.00 0.00 ? 28 ASN A ND2  1 
ATOM 421  H H    . ASN A 1 28 ? -7.076  -8.306  3.761   1.00 0.00 ? 28 ASN A H    1 
ATOM 422  H HA   . ASN A 1 28 ? -4.821  -10.142 3.783   1.00 0.00 ? 28 ASN A HA   1 
ATOM 423  H HB2  . ASN A 1 28 ? -6.259  -9.401  5.809   1.00 0.00 ? 28 ASN A HB2  1 
ATOM 424  H HB3  . ASN A 1 28 ? -7.388  -10.567 5.191   1.00 0.00 ? 28 ASN A HB3  1 
ATOM 425  H HD21 . ASN A 1 28 ? -6.059  -10.601 7.723   1.00 0.00 ? 28 ASN A HD21 1 
ATOM 426  H HD22 . ASN A 1 28 ? -5.122  -12.053 7.780   1.00 0.00 ? 28 ASN A HD22 1 
ATOM 427  N N    . ASP A 1 29 ? -6.350  -12.320 3.080   1.00 0.00 ? 29 ASP A N    1 
ATOM 428  C CA   . ASP A 1 29 ? -6.919  -13.347 2.211   1.00 0.00 ? 29 ASP A CA   1 
ATOM 429  C C    . ASP A 1 29 ? -8.429  -13.327 2.364   1.00 0.00 ? 29 ASP A C    1 
ATOM 430  O O    . ASP A 1 29 ? -9.181  -13.808 1.518   1.00 0.00 ? 29 ASP A O    1 
ATOM 431  C CB   . ASP A 1 29 ? -6.354  -14.724 2.581   1.00 0.00 ? 29 ASP A CB   1 
ATOM 432  C CG   . ASP A 1 29 ? -6.954  -15.855 1.767   1.00 0.00 ? 29 ASP A CG   1 
ATOM 433  O OD1  . ASP A 1 29 ? -6.443  -16.140 0.661   1.00 0.00 ? 29 ASP A OD1  1 
ATOM 434  O OD2  . ASP A 1 29 ? -7.923  -16.483 2.241   1.00 0.00 ? 29 ASP A OD2  1 
ATOM 435  H H    . ASP A 1 29 ? -5.870  -12.592 3.895   1.00 0.00 ? 29 ASP A H    1 
ATOM 436  H HA   . ASP A 1 29 ? -6.660  -13.111 1.188   1.00 0.00 ? 29 ASP A HA   1 
ATOM 437  H HB2  . ASP A 1 29 ? -5.286  -14.722 2.419   1.00 0.00 ? 29 ASP A HB2  1 
ATOM 438  H HB3  . ASP A 1 29 ? -6.552  -14.914 3.625   1.00 0.00 ? 29 ASP A HB3  1 
ATOM 439  N N    . GLU A 1 30 ? -8.848  -12.709 3.455   1.00 0.00 ? 30 GLU A N    1 
ATOM 440  C CA   . GLU A 1 30 ? -10.246 -12.576 3.793   1.00 0.00 ? 30 GLU A CA   1 
ATOM 441  C C    . GLU A 1 30 ? -10.903 -11.472 2.979   1.00 0.00 ? 30 GLU A C    1 
ATOM 442  O O    . GLU A 1 30 ? -12.115 -11.283 3.030   1.00 0.00 ? 30 GLU A O    1 
ATOM 443  C CB   . GLU A 1 30 ? -10.360 -12.271 5.269   1.00 0.00 ? 30 GLU A CB   1 
ATOM 444  C CG   . GLU A 1 30 ? -11.576 -12.904 5.920   1.00 0.00 ? 30 GLU A CG   1 
ATOM 445  C CD   . GLU A 1 30 ? -11.522 -14.421 5.898   1.00 0.00 ? 30 GLU A CD   1 
ATOM 446  O OE1  . GLU A 1 30 ? -11.781 -15.017 4.833   1.00 0.00 ? 30 GLU A OE1  1 
ATOM 447  O OE2  . GLU A 1 30 ? -11.225 -15.026 6.951   1.00 0.00 ? 30 GLU A OE2  1 
ATOM 448  H H    . GLU A 1 30 ? -8.180  -12.326 4.062   1.00 0.00 ? 30 GLU A H    1 
ATOM 449  H HA   . GLU A 1 30 ? -10.738 -13.497 3.592   1.00 0.00 ? 30 GLU A HA   1 
ATOM 450  H HB2  . GLU A 1 30 ? -9.475  -12.628 5.761   1.00 0.00 ? 30 GLU A HB2  1 
ATOM 451  H HB3  . GLU A 1 30 ? -10.415 -11.210 5.388   1.00 0.00 ? 30 GLU A HB3  1 
ATOM 452  H HG2  . GLU A 1 30 ? -11.632 -12.576 6.946   1.00 0.00 ? 30 GLU A HG2  1 
ATOM 453  H HG3  . GLU A 1 30 ? -12.459 -12.584 5.388   1.00 0.00 ? 30 GLU A HG3  1 
ATOM 454  N N    . GLY A 1 31 ? -10.091 -10.736 2.239   1.00 0.00 ? 31 GLY A N    1 
ATOM 455  C CA   . GLY A 1 31 ? -10.605 -9.658  1.420   1.00 0.00 ? 31 GLY A CA   1 
ATOM 456  C C    . GLY A 1 31 ? -10.768 -8.380  2.210   1.00 0.00 ? 31 GLY A C    1 
ATOM 457  O O    . GLY A 1 31 ? -11.136 -7.342  1.663   1.00 0.00 ? 31 GLY A O    1 
ATOM 458  H H    . GLY A 1 31 ? -9.127  -10.931 2.242   1.00 0.00 ? 31 GLY A H    1 
ATOM 459  H HA2  . GLY A 1 31 ? -9.922  -9.482  0.604   1.00 0.00 ? 31 GLY A HA2  1 
ATOM 460  H HA3  . GLY A 1 31 ? -11.565 -9.946  1.020   1.00 0.00 ? 31 GLY A HA3  1 
ATOM 461  N N    . TRP A 1 32 ? -10.505 -8.458  3.508   1.00 0.00 ? 32 TRP A N    1 
ATOM 462  C CA   . TRP A 1 32 ? -10.595 -7.316  4.372   1.00 0.00 ? 32 TRP A CA   1 
ATOM 463  C C    . TRP A 1 32 ? -9.336  -6.480  4.285   1.00 0.00 ? 32 TRP A C    1 
ATOM 464  O O    . TRP A 1 32 ? -8.232  -7.023  4.311   1.00 0.00 ? 32 TRP A O    1 
ATOM 465  C CB   . TRP A 1 32 ? -10.759 -7.800  5.794   1.00 0.00 ? 32 TRP A CB   1 
ATOM 466  C CG   . TRP A 1 32 ? -11.988 -8.586  6.077   1.00 0.00 ? 32 TRP A CG   1 
ATOM 467  C CD1  . TRP A 1 32 ? -12.082 -9.608  6.959   1.00 0.00 ? 32 TRP A CD1  1 
ATOM 468  C CD2  . TRP A 1 32 ? -13.280 -8.424  5.500   1.00 0.00 ? 32 TRP A CD2  1 
ATOM 469  N NE1  . TRP A 1 32 ? -13.364 -10.109 6.965   1.00 0.00 ? 32 TRP A NE1  1 
ATOM 470  C CE2  . TRP A 1 32 ? -14.120 -9.390  6.074   1.00 0.00 ? 32 TRP A CE2  1 
ATOM 471  C CE3  . TRP A 1 32 ? -13.799 -7.550  4.559   1.00 0.00 ? 32 TRP A CE3  1 
ATOM 472  C CZ2  . TRP A 1 32 ? -15.464 -9.506  5.727   1.00 0.00 ? 32 TRP A CZ2  1 
ATOM 473  C CZ3  . TRP A 1 32 ? -15.129 -7.659  4.206   1.00 0.00 ? 32 TRP A CZ3  1 
ATOM 474  C CH2  . TRP A 1 32 ? -15.952 -8.632  4.792   1.00 0.00 ? 32 TRP A CH2  1 
ATOM 475  H H    . TRP A 1 32 ? -10.251 -9.316  3.908   1.00 0.00 ? 32 TRP A H    1 
ATOM 476  H HA   . TRP A 1 32 ? -11.438 -6.728  4.092   1.00 0.00 ? 32 TRP A HA   1 
ATOM 477  H HB2  . TRP A 1 32 ? -9.937  -8.428  6.013   1.00 0.00 ? 32 TRP A HB2  1 
ATOM 478  H HB3  . TRP A 1 32 ? -10.739 -6.975  6.447   1.00 0.00 ? 32 TRP A HB3  1 
ATOM 479  H HD1  . TRP A 1 32 ? -11.252 -9.960  7.555   1.00 0.00 ? 32 TRP A HD1  1 
ATOM 480  H HE1  . TRP A 1 32 ? -13.685 -10.855 7.517   1.00 0.00 ? 32 TRP A HE1  1 
ATOM 481  H HE3  . TRP A 1 32 ? -13.172 -6.804  4.108   1.00 0.00 ? 32 TRP A HE3  1 
ATOM 482  H HZ2  . TRP A 1 32 ? -16.108 -10.251 6.170   1.00 0.00 ? 32 TRP A HZ2  1 
ATOM 483  H HZ3  . TRP A 1 32 ? -15.549 -6.986  3.474   1.00 0.00 ? 32 TRP A HZ3  1 
ATOM 484  H HH2  . TRP A 1 32 ? -16.987 -8.683  4.491   1.00 0.00 ? 32 TRP A HH2  1 
ATOM 485  N N    . THR A 1 33 ? -9.487  -5.171  4.178   1.00 0.00 ? 33 THR A N    1 
ATOM 486  C CA   . THR A 1 33 ? -8.340  -4.298  4.266   1.00 0.00 ? 33 THR A CA   1 
ATOM 487  C C    . THR A 1 33 ? -7.955  -4.152  5.714   1.00 0.00 ? 33 THR A C    1 
ATOM 488  O O    . THR A 1 33 ? -8.684  -3.574  6.518   1.00 0.00 ? 33 THR A O    1 
ATOM 489  C CB   . THR A 1 33 ? -8.589  -2.905  3.666   1.00 0.00 ? 33 THR A CB   1 
ATOM 490  O OG1  . THR A 1 33 ? -9.459  -2.994  2.528   1.00 0.00 ? 33 THR A OG1  1 
ATOM 491  C CG2  . THR A 1 33 ? -7.265  -2.263  3.250   1.00 0.00 ? 33 THR A CG2  1 
ATOM 492  H H    . THR A 1 33 ? -10.382 -4.788  4.047   1.00 0.00 ? 33 THR A H    1 
ATOM 493  H HA   . THR A 1 33 ? -7.521  -4.766  3.746   1.00 0.00 ? 33 THR A HA   1 
ATOM 494  H HB   . THR A 1 33 ? -9.052  -2.281  4.417   1.00 0.00 ? 33 THR A HB   1 
ATOM 495  H HG1  . THR A 1 33 ? -9.236  -3.781  2.008   1.00 0.00 ? 33 THR A HG1  1 
ATOM 496  H HG21 . THR A 1 33 ? -7.452  -1.262  2.894   1.00 0.00 ? 33 THR A HG21 1 
ATOM 497  H HG22 . THR A 1 33 ? -6.797  -2.850  2.457   1.00 0.00 ? 33 THR A HG22 1 
ATOM 498  H HG23 . THR A 1 33 ? -6.599  -2.222  4.099   1.00 0.00 ? 33 THR A HG23 1 
ATOM 499  N N    . LEU A 1 34 ? -6.809  -4.704  6.033   1.00 0.00 ? 34 LEU A N    1 
ATOM 500  C CA   . LEU A 1 34 ? -6.329  -4.755  7.388   1.00 0.00 ? 34 LEU A CA   1 
ATOM 501  C C    . LEU A 1 34 ? -5.930  -3.365  7.853   1.00 0.00 ? 34 LEU A C    1 
ATOM 502  O O    . LEU A 1 34 ? -6.336  -2.913  8.923   1.00 0.00 ? 34 LEU A O    1 
ATOM 503  C CB   . LEU A 1 34 ? -5.163  -5.731  7.458   1.00 0.00 ? 34 LEU A CB   1 
ATOM 504  C CG   . LEU A 1 34 ? -5.530  -7.189  7.125   1.00 0.00 ? 34 LEU A CG   1 
ATOM 505  C CD1  . LEU A 1 34 ? -4.493  -8.144  7.693   1.00 0.00 ? 34 LEU A CD1  1 
ATOM 506  C CD2  . LEU A 1 34 ? -6.930  -7.526  7.633   1.00 0.00 ? 34 LEU A CD2  1 
ATOM 507  H H    . LEU A 1 34 ? -6.255  -5.087  5.317   1.00 0.00 ? 34 LEU A H    1 
ATOM 508  H HA   . LEU A 1 34 ? -7.129  -5.116  8.012   1.00 0.00 ? 34 LEU A HA   1 
ATOM 509  H HB2  . LEU A 1 34 ? -4.409  -5.402  6.754   1.00 0.00 ? 34 LEU A HB2  1 
ATOM 510  H HB3  . LEU A 1 34 ? -4.745  -5.691  8.444   1.00 0.00 ? 34 LEU A HB3  1 
ATOM 511  H HG   . LEU A 1 34 ? -5.537  -7.316  6.048   1.00 0.00 ? 34 LEU A HG   1 
ATOM 512  H HD11 . LEU A 1 34 ? -3.529  -7.933  7.254   1.00 0.00 ? 34 LEU A HD11 1 
ATOM 513  H HD12 . LEU A 1 34 ? -4.777  -9.161  7.466   1.00 0.00 ? 34 LEU A HD12 1 
ATOM 514  H HD13 . LEU A 1 34 ? -4.434  -8.018  8.764   1.00 0.00 ? 34 LEU A HD13 1 
ATOM 515  H HD21 . LEU A 1 34 ? -7.658  -6.940  7.084   1.00 0.00 ? 34 LEU A HD21 1 
ATOM 516  H HD22 . LEU A 1 34 ? -6.999  -7.293  8.682   1.00 0.00 ? 34 LEU A HD22 1 
ATOM 517  H HD23 . LEU A 1 34 ? -7.130  -8.579  7.484   1.00 0.00 ? 34 LEU A HD23 1 
ATOM 518  N N    . VAL A 1 35 ? -5.150  -2.689  7.038   1.00 0.00 ? 35 VAL A N    1 
ATOM 519  C CA   . VAL A 1 35 ? -4.881  -1.274  7.250   1.00 0.00 ? 35 VAL A CA   1 
ATOM 520  C C    . VAL A 1 35 ? -4.724  -0.570  5.908   1.00 0.00 ? 35 VAL A C    1 
ATOM 521  O O    . VAL A 1 35 ? -4.496  -1.209  4.881   1.00 0.00 ? 35 VAL A O    1 
ATOM 522  C CB   . VAL A 1 35 ? -3.646  -1.036  8.152   1.00 0.00 ? 35 VAL A CB   1 
ATOM 523  C CG1  . VAL A 1 35 ? -2.379  -1.566  7.509   1.00 0.00 ? 35 VAL A CG1  1 
ATOM 524  C CG2  . VAL A 1 35 ? -3.493  0.433   8.521   1.00 0.00 ? 35 VAL A CG2  1 
ATOM 525  H H    . VAL A 1 35 ? -4.736  -3.154  6.277   1.00 0.00 ? 35 VAL A H    1 
ATOM 526  H HA   . VAL A 1 35 ? -5.743  -0.856  7.753   1.00 0.00 ? 35 VAL A HA   1 
ATOM 527  H HB   . VAL A 1 35 ? -3.808  -1.580  9.061   1.00 0.00 ? 35 VAL A HB   1 
ATOM 528  H HG11 . VAL A 1 35 ? -1.518  -1.305  8.120   1.00 0.00 ? 35 VAL A HG11 1 
ATOM 529  H HG12 . VAL A 1 35 ? -2.263  -1.131  6.527   1.00 0.00 ? 35 VAL A HG12 1 
ATOM 530  H HG13 . VAL A 1 35 ? -2.440  -2.641  7.421   1.00 0.00 ? 35 VAL A HG13 1 
ATOM 531  H HG21 . VAL A 1 35 ? -2.663  0.550   9.203   1.00 0.00 ? 35 VAL A HG21 1 
ATOM 532  H HG22 . VAL A 1 35 ? -4.401  0.779   8.992   1.00 0.00 ? 35 VAL A HG22 1 
ATOM 533  H HG23 . VAL A 1 35 ? -3.309  1.011   7.627   1.00 0.00 ? 35 VAL A HG23 1 
ATOM 534  N N    . GLU A 1 36 ? -4.880  0.734   5.921   1.00 0.00 ? 36 GLU A N    1 
ATOM 535  C CA   . GLU A 1 36 ? -4.823  1.530   4.713   1.00 0.00 ? 36 GLU A CA   1 
ATOM 536  C C    . GLU A 1 36 ? -4.240  2.903   5.016   1.00 0.00 ? 36 GLU A C    1 
ATOM 537  O O    . GLU A 1 36 ? -4.598  3.524   6.016   1.00 0.00 ? 36 GLU A O    1 
ATOM 538  C CB   . GLU A 1 36 ? -6.227  1.633   4.112   1.00 0.00 ? 36 GLU A CB   1 
ATOM 539  C CG   . GLU A 1 36 ? -6.419  2.780   3.144   1.00 0.00 ? 36 GLU A CG   1 
ATOM 540  C CD   . GLU A 1 36 ? -7.850  2.870   2.661   1.00 0.00 ? 36 GLU A CD   1 
ATOM 541  O OE1  . GLU A 1 36 ? -8.320  1.929   1.987   1.00 0.00 ? 36 GLU A OE1  1 
ATOM 542  O OE2  . GLU A 1 36 ? -8.525  3.867   2.989   1.00 0.00 ? 36 GLU A OE2  1 
ATOM 543  H H    . GLU A 1 36 ? -5.040  1.181   6.782   1.00 0.00 ? 36 GLU A H    1 
ATOM 544  H HA   . GLU A 1 36 ? -4.179  1.024   4.014   1.00 0.00 ? 36 GLU A HA   1 
ATOM 545  H HB2  . GLU A 1 36 ? -6.442  0.718   3.586   1.00 0.00 ? 36 GLU A HB2  1 
ATOM 546  H HB3  . GLU A 1 36 ? -6.937  1.742   4.908   1.00 0.00 ? 36 GLU A HB3  1 
ATOM 547  H HG2  . GLU A 1 36 ? -6.160  3.699   3.649   1.00 0.00 ? 36 GLU A HG2  1 
ATOM 548  H HG3  . GLU A 1 36 ? -5.769  2.637   2.296   1.00 0.00 ? 36 GLU A HG3  1 
ATOM 549  N N    . GLU A 1 37 ? -3.325  3.363   4.175   1.00 0.00 ? 37 GLU A N    1 
ATOM 550  C CA   . GLU A 1 37 ? -2.674  4.640   4.397   1.00 0.00 ? 37 GLU A CA   1 
ATOM 551  C C    . GLU A 1 37 ? -2.760  5.502   3.152   1.00 0.00 ? 37 GLU A C    1 
ATOM 552  O O    . GLU A 1 37 ? -2.852  4.988   2.037   1.00 0.00 ? 37 GLU A O    1 
ATOM 553  C CB   . GLU A 1 37 ? -1.209  4.441   4.768   1.00 0.00 ? 37 GLU A CB   1 
ATOM 554  C CG   . GLU A 1 37 ? -0.590  5.681   5.382   1.00 0.00 ? 37 GLU A CG   1 
ATOM 555  C CD   . GLU A 1 37 ? -1.424  6.251   6.507   1.00 0.00 ? 37 GLU A CD   1 
ATOM 556  O OE1  . GLU A 1 37 ? -2.317  7.075   6.230   1.00 0.00 ? 37 GLU A OE1  1 
ATOM 557  O OE2  . GLU A 1 37 ? -1.196  5.872   7.673   1.00 0.00 ? 37 GLU A OE2  1 
ATOM 558  H H    . GLU A 1 37 ? -3.087  2.838   3.378   1.00 0.00 ? 37 GLU A H    1 
ATOM 559  H HA   . GLU A 1 37 ? -3.169  5.141   5.212   1.00 0.00 ? 37 GLU A HA   1 
ATOM 560  H HB2  . GLU A 1 37 ? -1.122  3.629   5.467   1.00 0.00 ? 37 GLU A HB2  1 
ATOM 561  H HB3  . GLU A 1 37 ? -0.654  4.195   3.874   1.00 0.00 ? 37 GLU A HB3  1 
ATOM 562  H HG2  . GLU A 1 37 ? 0.375   5.424   5.770   1.00 0.00 ? 37 GLU A HG2  1 
ATOM 563  H HG3  . GLU A 1 37 ? -0.483  6.434   4.615   1.00 0.00 ? 37 GLU A HG3  1 
ATOM 564  N N    . ASP A 1 38 ? -2.742  6.809   3.338   1.00 0.00 ? 38 ASP A N    1 
ATOM 565  C CA   . ASP A 1 38 ? -2.652  7.721   2.214   1.00 0.00 ? 38 ASP A CA   1 
ATOM 566  C C    . ASP A 1 38 ? -1.356  8.502   2.290   1.00 0.00 ? 38 ASP A C    1 
ATOM 567  O O    . ASP A 1 38 ? -0.947  8.959   3.355   1.00 0.00 ? 38 ASP A O    1 
ATOM 568  C CB   . ASP A 1 38 ? -3.854  8.667   2.126   1.00 0.00 ? 38 ASP A CB   1 
ATOM 569  C CG   . ASP A 1 38 ? -4.023  9.569   3.334   1.00 0.00 ? 38 ASP A CG   1 
ATOM 570  O OD1  . ASP A 1 38 ? -3.396  10.647  3.372   1.00 0.00 ? 38 ASP A OD1  1 
ATOM 571  O OD2  . ASP A 1 38 ? -4.809  9.217   4.239   1.00 0.00 ? 38 ASP A OD2  1 
ATOM 572  H H    . ASP A 1 38 ? -2.772  7.169   4.256   1.00 0.00 ? 38 ASP A H    1 
ATOM 573  H HA   . ASP A 1 38 ? -2.626  7.115   1.318   1.00 0.00 ? 38 ASP A HA   1 
ATOM 574  H HB2  . ASP A 1 38 ? -3.739  9.294   1.256   1.00 0.00 ? 38 ASP A HB2  1 
ATOM 575  H HB3  . ASP A 1 38 ? -4.748  8.078   2.013   1.00 0.00 ? 38 ASP A HB3  1 
ATOM 576  N N    . PHE A 1 39 ? -0.705  8.620   1.157   1.00 0.00 ? 39 PHE A N    1 
ATOM 577  C CA   . PHE A 1 39 ? 0.573   9.293   1.067   1.00 0.00 ? 39 PHE A CA   1 
ATOM 578  C C    . PHE A 1 39 ? 0.548   10.321  -0.055  1.00 0.00 ? 39 PHE A C    1 
ATOM 579  O O    . PHE A 1 39 ? 0.427   9.961   -1.222  1.00 0.00 ? 39 PHE A O    1 
ATOM 580  C CB   . PHE A 1 39 ? 1.691   8.292   0.786   1.00 0.00 ? 39 PHE A CB   1 
ATOM 581  C CG   . PHE A 1 39 ? 2.028   7.354   1.914   1.00 0.00 ? 39 PHE A CG   1 
ATOM 582  C CD1  . PHE A 1 39 ? 2.914   7.751   2.890   1.00 0.00 ? 39 PHE A CD1  1 
ATOM 583  C CD2  . PHE A 1 39 ? 1.509   6.068   1.969   1.00 0.00 ? 39 PHE A CD2  1 
ATOM 584  C CE1  . PHE A 1 39 ? 3.285   6.895   3.908   1.00 0.00 ? 39 PHE A CE1  1 
ATOM 585  C CE2  . PHE A 1 39 ? 1.864   5.201   2.987   1.00 0.00 ? 39 PHE A CE2  1 
ATOM 586  C CZ   . PHE A 1 39 ? 2.758   5.619   3.959   1.00 0.00 ? 39 PHE A CZ   1 
ATOM 587  H H    . PHE A 1 39 ? -1.106  8.243   0.340   1.00 0.00 ? 39 PHE A H    1 
ATOM 588  H HA   . PHE A 1 39 ? 0.768   9.789   2.007   1.00 0.00 ? 39 PHE A HA   1 
ATOM 589  H HB2  . PHE A 1 39 ? 1.413   7.697   -0.064  1.00 0.00 ? 39 PHE A HB2  1 
ATOM 590  H HB3  . PHE A 1 39 ? 2.590   8.841   0.540   1.00 0.00 ? 39 PHE A HB3  1 
ATOM 591  H HD1  . PHE A 1 39 ? 3.317   8.752   2.855   1.00 0.00 ? 39 PHE A HD1  1 
ATOM 592  H HD2  . PHE A 1 39 ? 0.811   5.739   1.209   1.00 0.00 ? 39 PHE A HD2  1 
ATOM 593  H HE1  . PHE A 1 39 ? 3.997   7.222   4.659   1.00 0.00 ? 39 PHE A HE1  1 
ATOM 594  H HE2  . PHE A 1 39 ? 1.446   4.191   3.019   1.00 0.00 ? 39 PHE A HE2  1 
ATOM 595  H HZ   . PHE A 1 39 ? 3.046   4.947   4.754   1.00 0.00 ? 39 PHE A HZ   1 
ATOM 596  N N    . ASP A 1 40 ? 0.648   11.590  0.291   1.00 0.00 ? 40 ASP A N    1 
ATOM 597  C CA   . ASP A 1 40 ? 0.771   12.640  -0.710  1.00 0.00 ? 40 ASP A CA   1 
ATOM 598  C C    . ASP A 1 40 ? 2.245   12.971  -0.897  1.00 0.00 ? 40 ASP A C    1 
ATOM 599  O O    . ASP A 1 40 ? 3.010   13.015  0.069   1.00 0.00 ? 40 ASP A O    1 
ATOM 600  C CB   . ASP A 1 40 ? -0.041  13.871  -0.306  1.00 0.00 ? 40 ASP A CB   1 
ATOM 601  C CG   . ASP A 1 40 ? 0.589   14.687  0.800   1.00 0.00 ? 40 ASP A CG   1 
ATOM 602  O OD1  . ASP A 1 40 ? 0.631   14.214  1.948   1.00 0.00 ? 40 ASP A OD1  1 
ATOM 603  O OD2  . ASP A 1 40 ? 1.047   15.814  0.518   1.00 0.00 ? 40 ASP A OD2  1 
ATOM 604  H H    . ASP A 1 40 ? 0.652   11.832  1.240   1.00 0.00 ? 40 ASP A H    1 
ATOM 605  H HA   . ASP A 1 40 ? 0.383   12.262  -1.648  1.00 0.00 ? 40 ASP A HA   1 
ATOM 606  H HB2  . ASP A 1 40 ? -0.151  14.507  -1.164  1.00 0.00 ? 40 ASP A HB2  1 
ATOM 607  H HB3  . ASP A 1 40 ? -1.023  13.543  0.015   1.00 0.00 ? 40 ASP A HB3  1 
ATOM 608  N N    . ARG A 1 41 ? 2.650   13.184  -2.144  1.00 0.00 ? 41 ARG A N    1 
ATOM 609  C CA   . ARG A 1 41 ? 4.072   13.275  -2.474  1.00 0.00 ? 41 ARG A CA   1 
ATOM 610  C C    . ARG A 1 41 ? 4.703   14.567  -1.955  1.00 0.00 ? 41 ARG A C    1 
ATOM 611  O O    . ARG A 1 41 ? 5.922   14.739  -2.020  1.00 0.00 ? 41 ARG A O    1 
ATOM 612  C CB   . ARG A 1 41 ? 4.285   13.155  -3.985  1.00 0.00 ? 41 ARG A CB   1 
ATOM 613  C CG   . ARG A 1 41 ? 3.697   14.306  -4.782  1.00 0.00 ? 41 ARG A CG   1 
ATOM 614  C CD   . ARG A 1 41 ? 4.003   14.171  -6.263  1.00 0.00 ? 41 ARG A CD   1 
ATOM 615  N NE   . ARG A 1 41 ? 3.510   15.309  -7.033  1.00 0.00 ? 41 ARG A NE   1 
ATOM 616  C CZ   . ARG A 1 41 ? 4.121   15.806  -8.109  1.00 0.00 ? 41 ARG A CZ   1 
ATOM 617  N NH1  . ARG A 1 41 ? 5.298   15.321  -8.496  1.00 0.00 ? 41 ARG A NH1  1 
ATOM 618  N NH2  . ARG A 1 41 ? 3.564   16.805  -8.784  1.00 0.00 ? 41 ARG A NH2  1 
ATOM 619  H H    . ARG A 1 41 ? 1.979   13.289  -2.857  1.00 0.00 ? 41 ARG A H    1 
ATOM 620  H HA   . ARG A 1 41 ? 4.567   12.443  -1.994  1.00 0.00 ? 41 ARG A HA   1 
ATOM 621  H HB2  . ARG A 1 41 ? 5.346   13.111  -4.183  1.00 0.00 ? 41 ARG A HB2  1 
ATOM 622  H HB3  . ARG A 1 41 ? 3.826   12.238  -4.325  1.00 0.00 ? 41 ARG A HB3  1 
ATOM 623  H HG2  . ARG A 1 41 ? 2.628   14.314  -4.644  1.00 0.00 ? 41 ARG A HG2  1 
ATOM 624  H HG3  . ARG A 1 41 ? 4.115   15.235  -4.419  1.00 0.00 ? 41 ARG A HG3  1 
ATOM 625  H HD2  . ARG A 1 41 ? 5.070   14.094  -6.389  1.00 0.00 ? 41 ARG A HD2  1 
ATOM 626  H HD3  . ARG A 1 41 ? 3.533   13.270  -6.632  1.00 0.00 ? 41 ARG A HD3  1 
ATOM 627  H HE   . ARG A 1 41 ? 2.665   15.720  -6.737  1.00 0.00 ? 41 ARG A HE   1 
ATOM 628  H HH11 . ARG A 1 41 ? 5.735   14.582  -7.976  1.00 0.00 ? 41 ARG A HH11 1 
ATOM 629  H HH12 . ARG A 1 41 ? 5.754   15.690  -9.311  1.00 0.00 ? 41 ARG A HH12 1 
ATOM 630  H HH21 . ARG A 1 41 ? 2.687   17.193  -8.482  1.00 0.00 ? 41 ARG A HH21 1 
ATOM 631  H HH22 . ARG A 1 41 ? 4.012   17.176  -9.603  1.00 0.00 ? 41 ARG A HH22 1 
ATOM 632  N N    . ALA A 1 42 ? 3.879   15.458  -1.423  1.00 0.00 ? 42 ALA A N    1 
ATOM 633  C CA   . ALA A 1 42 ? 4.369   16.718  -0.880  1.00 0.00 ? 42 ALA A CA   1 
ATOM 634  C C    . ALA A 1 42 ? 5.040   16.502  0.473   1.00 0.00 ? 42 ALA A C    1 
ATOM 635  O O    . ALA A 1 42 ? 5.698   17.400  0.997   1.00 0.00 ? 42 ALA A O    1 
ATOM 636  C CB   . ALA A 1 42 ? 3.231   17.717  -0.755  1.00 0.00 ? 42 ALA A CB   1 
ATOM 637  H H    . ALA A 1 42 ? 2.917   15.263  -1.389  1.00 0.00 ? 42 ALA A H    1 
ATOM 638  H HA   . ALA A 1 42 ? 5.096   17.118  -1.572  1.00 0.00 ? 42 ALA A HA   1 
ATOM 639  H HB1  . ALA A 1 42 ? 2.494   17.338  -0.063  1.00 0.00 ? 42 ALA A HB1  1 
ATOM 640  H HB2  . ALA A 1 42 ? 2.773   17.865  -1.722  1.00 0.00 ? 42 ALA A HB2  1 
ATOM 641  H HB3  . ALA A 1 42 ? 3.617   18.658  -0.393  1.00 0.00 ? 42 ALA A HB3  1 
ATOM 642  N N    . ASP A 1 43 ? 4.889   15.299  1.022   1.00 0.00 ? 43 ASP A N    1 
ATOM 643  C CA   . ASP A 1 43 ? 5.479   14.960  2.311   1.00 0.00 ? 43 ASP A CA   1 
ATOM 644  C C    . ASP A 1 43 ? 6.947   14.615  2.122   1.00 0.00 ? 43 ASP A C    1 
ATOM 645  O O    . ASP A 1 43 ? 7.757   14.722  3.043   1.00 0.00 ? 43 ASP A O    1 
ATOM 646  C CB   . ASP A 1 43 ? 4.757   13.754  2.929   1.00 0.00 ? 43 ASP A CB   1 
ATOM 647  C CG   . ASP A 1 43 ? 5.035   13.593  4.412   1.00 0.00 ? 43 ASP A CG   1 
ATOM 648  O OD1  . ASP A 1 43 ? 4.799   14.549  5.176   1.00 0.00 ? 43 ASP A OD1  1 
ATOM 649  O OD2  . ASP A 1 43 ? 5.483   12.504  4.825   1.00 0.00 ? 43 ASP A OD2  1 
ATOM 650  H H    . ASP A 1 43 ? 4.371   14.618  0.544   1.00 0.00 ? 43 ASP A H    1 
ATOM 651  H HA   . ASP A 1 43 ? 5.391   15.811  2.968   1.00 0.00 ? 43 ASP A HA   1 
ATOM 652  H HB2  . ASP A 1 43 ? 3.696   13.848  2.784   1.00 0.00 ? 43 ASP A HB2  1 
ATOM 653  H HB3  . ASP A 1 43 ? 5.097   12.860  2.429   1.00 0.00 ? 43 ASP A HB3  1 
ATOM 654  N N    . TYR A 1 44 ? 7.272   14.199  0.908   1.00 0.00 ? 44 TYR A N    1 
ATOM 655  C CA   . TYR A 1 44 ? 8.558   13.676  0.590   1.00 0.00 ? 44 TYR A CA   1 
ATOM 656  C C    . TYR A 1 44 ? 9.348   14.665  -0.240  1.00 0.00 ? 44 TYR A C    1 
ATOM 657  O O    . TYR A 1 44 ? 8.813   15.671  -0.707  1.00 0.00 ? 44 TYR A O    1 
ATOM 658  C CB   . TYR A 1 44 ? 8.355   12.386  -0.173  1.00 0.00 ? 44 TYR A CB   1 
ATOM 659  C CG   . TYR A 1 44 ? 7.625   11.358  0.647   1.00 0.00 ? 44 TYR A CG   1 
ATOM 660  C CD1  . TYR A 1 44 ? 6.285   11.534  0.931   1.00 0.00 ? 44 TYR A CD1  1 
ATOM 661  C CD2  . TYR A 1 44 ? 8.267   10.250  1.175   1.00 0.00 ? 44 TYR A CD2  1 
ATOM 662  C CE1  . TYR A 1 44 ? 5.601   10.653  1.719   1.00 0.00 ? 44 TYR A CE1  1 
ATOM 663  C CE2  . TYR A 1 44 ? 7.589   9.359   1.953   1.00 0.00 ? 44 TYR A CE2  1 
ATOM 664  C CZ   . TYR A 1 44 ? 6.258   9.560   2.227   1.00 0.00 ? 44 TYR A CZ   1 
ATOM 665  O OH   . TYR A 1 44 ? 5.594   8.672   3.027   1.00 0.00 ? 44 TYR A OH   1 
ATOM 666  H H    . TYR A 1 44 ? 6.615   14.227  0.195   1.00 0.00 ? 44 TYR A H    1 
ATOM 667  H HA   . TYR A 1 44 ? 9.068   13.459  1.505   1.00 0.00 ? 44 TYR A HA   1 
ATOM 668  H HB2  . TYR A 1 44 ? 7.781   12.585  -1.056  1.00 0.00 ? 44 TYR A HB2  1 
ATOM 669  H HB3  . TYR A 1 44 ? 9.298   11.996  -0.445  1.00 0.00 ? 44 TYR A HB3  1 
ATOM 670  H HD1  . TYR A 1 44 ? 5.778   12.394  0.527   1.00 0.00 ? 44 TYR A HD1  1 
ATOM 671  H HD2  . TYR A 1 44 ? 9.316   10.081  0.967   1.00 0.00 ? 44 TYR A HD2  1 
ATOM 672  H HE1  . TYR A 1 44 ? 4.555   10.826  1.931   1.00 0.00 ? 44 TYR A HE1  1 
ATOM 673  H HE2  . TYR A 1 44 ? 8.103   8.505   2.347   1.00 0.00 ? 44 TYR A HE2  1 
ATOM 674  H HH   . TYR A 1 44 ? 6.187   8.355   3.719   1.00 0.00 ? 44 TYR A HH   1 
ATOM 675  N N    . GLY A 1 45 ? 10.619  14.373  -0.418  1.00 0.00 ? 45 GLY A N    1 
ATOM 676  C CA   . GLY A 1 45 ? 11.475  15.236  -1.193  1.00 0.00 ? 45 GLY A CA   1 
ATOM 677  C C    . GLY A 1 45 ? 11.779  14.654  -2.549  1.00 0.00 ? 45 GLY A C    1 
ATOM 678  O O    . GLY A 1 45 ? 12.308  15.336  -3.427  1.00 0.00 ? 45 GLY A O    1 
ATOM 679  H H    . GLY A 1 45 ? 10.982  13.549  -0.017  1.00 0.00 ? 45 GLY A H    1 
ATOM 680  H HA2  . GLY A 1 45 ? 10.981  16.179  -1.326  1.00 0.00 ? 45 GLY A HA2  1 
ATOM 681  H HA3  . GLY A 1 45 ? 12.400  15.391  -0.660  1.00 0.00 ? 45 GLY A HA3  1 
ATOM 682  N N    . SER A 1 46 ? 11.443  13.387  -2.722  1.00 0.00 ? 46 SER A N    1 
ATOM 683  C CA   . SER A 1 46 ? 11.654  12.713  -3.984  1.00 0.00 ? 46 SER A CA   1 
ATOM 684  C C    . SER A 1 46 ? 10.605  11.631  -4.222  1.00 0.00 ? 46 SER A C    1 
ATOM 685  O O    . SER A 1 46 ? 9.974   11.143  -3.279  1.00 0.00 ? 46 SER A O    1 
ATOM 686  C CB   . SER A 1 46 ? 13.055  12.106  -4.007  1.00 0.00 ? 46 SER A CB   1 
ATOM 687  O OG   . SER A 1 46 ? 13.456  11.678  -2.714  1.00 0.00 ? 46 SER A OG   1 
ATOM 688  H H    . SER A 1 46 ? 11.052  12.888  -1.975  1.00 0.00 ? 46 SER A H    1 
ATOM 689  H HA   . SER A 1 46 ? 11.578  13.448  -4.770  1.00 0.00 ? 46 SER A HA   1 
ATOM 690  H HB2  . SER A 1 46 ? 13.052  11.254  -4.659  1.00 0.00 ? 46 SER A HB2  1 
ATOM 691  H HB3  . SER A 1 46 ? 13.758  12.836  -4.371  1.00 0.00 ? 46 SER A HB3  1 
ATOM 692  H HG   . SER A 1 46 ? 13.254  12.370  -2.072  1.00 0.00 ? 46 SER A HG   1 
ATOM 693  N N    . ASP A 1 47 ? 10.419  11.275  -5.485  1.00 0.00 ? 47 ASP A N    1 
ATOM 694  C CA   . ASP A 1 47 ? 9.524   10.186  -5.856  1.00 0.00 ? 47 ASP A CA   1 
ATOM 695  C C    . ASP A 1 47 ? 10.025  8.842   -5.316  1.00 0.00 ? 47 ASP A C    1 
ATOM 696  O O    . ASP A 1 47 ? 9.242   8.083   -4.751  1.00 0.00 ? 47 ASP A O    1 
ATOM 697  C CB   . ASP A 1 47 ? 9.350   10.115  -7.377  1.00 0.00 ? 47 ASP A CB   1 
ATOM 698  C CG   . ASP A 1 47 ? 8.563   8.897   -7.810  1.00 0.00 ? 47 ASP A CG   1 
ATOM 699  O OD1  . ASP A 1 47 ? 7.326   8.891   -7.633  1.00 0.00 ? 47 ASP A OD1  1 
ATOM 700  O OD2  . ASP A 1 47 ? 9.176   7.949   -8.345  1.00 0.00 ? 47 ASP A OD2  1 
ATOM 701  H H    . ASP A 1 47 ? 10.901  11.757  -6.193  1.00 0.00 ? 47 ASP A H    1 
ATOM 702  H HA   . ASP A 1 47 ? 8.563   10.391  -5.411  1.00 0.00 ? 47 ASP A HA   1 
ATOM 703  H HB2  . ASP A 1 47 ? 8.827   10.998  -7.717  1.00 0.00 ? 47 ASP A HB2  1 
ATOM 704  H HB3  . ASP A 1 47 ? 10.324  10.077  -7.845  1.00 0.00 ? 47 ASP A HB3  1 
ATOM 705  N N    . PRO A 1 48 ? 11.330  8.518   -5.472  1.00 0.00 ? 48 PRO A N    1 
ATOM 706  C CA   . PRO A 1 48 ? 11.901  7.270   -4.948  1.00 0.00 ? 48 PRO A CA   1 
ATOM 707  C C    . PRO A 1 48 ? 11.653  7.111   -3.460  1.00 0.00 ? 48 PRO A C    1 
ATOM 708  O O    . PRO A 1 48 ? 11.304  6.032   -2.989  1.00 0.00 ? 48 PRO A O    1 
ATOM 709  C CB   . PRO A 1 48 ? 13.402  7.423   -5.197  1.00 0.00 ? 48 PRO A CB   1 
ATOM 710  C CG   . PRO A 1 48 ? 13.608  8.864   -5.495  1.00 0.00 ? 48 PRO A CG   1 
ATOM 711  C CD   . PRO A 1 48 ? 12.354  9.307   -6.174  1.00 0.00 ? 48 PRO A CD   1 
ATOM 712  H HA   . PRO A 1 48 ? 11.520  6.407   -5.475  1.00 0.00 ? 48 PRO A HA   1 
ATOM 713  H HB2  . PRO A 1 48 ? 13.943  7.122   -4.316  1.00 0.00 ? 48 PRO A HB2  1 
ATOM 714  H HB3  . PRO A 1 48 ? 13.686  6.812   -6.018  1.00 0.00 ? 48 PRO A HB3  1 
ATOM 715  H HG2  . PRO A 1 48 ? 13.754  9.408   -4.578  1.00 0.00 ? 48 PRO A HG2  1 
ATOM 716  H HG3  . PRO A 1 48 ? 14.450  8.993   -6.149  1.00 0.00 ? 48 PRO A HG3  1 
ATOM 717  H HD2  . PRO A 1 48 ? 12.197  10.367  -6.032  1.00 0.00 ? 48 PRO A HD2  1 
ATOM 718  H HD3  . PRO A 1 48 ? 12.379  9.063   -7.224  1.00 0.00 ? 48 PRO A HD3  1 
ATOM 719  N N    . GLU A 1 49 ? 11.849  8.202   -2.737  1.00 0.00 ? 49 GLU A N    1 
ATOM 720  C CA   . GLU A 1 49 ? 11.528  8.256   -1.313  1.00 0.00 ? 49 GLU A CA   1 
ATOM 721  C C    . GLU A 1 49 ? 10.124  7.777   -1.106  1.00 0.00 ? 49 GLU A C    1 
ATOM 722  O O    . GLU A 1 49 ? 9.854   6.881   -0.311  1.00 0.00 ? 49 GLU A O    1 
ATOM 723  C CB   . GLU A 1 49 ? 11.566  9.680   -0.796  1.00 0.00 ? 49 GLU A CB   1 
ATOM 724  C CG   . GLU A 1 49 ? 11.687  9.747   0.705   1.00 0.00 ? 49 GLU A CG   1 
ATOM 725  C CD   . GLU A 1 49 ? 11.473  11.144  1.241   1.00 0.00 ? 49 GLU A CD   1 
ATOM 726  O OE1  . GLU A 1 49 ? 11.664  12.112  0.476   1.00 0.00 ? 49 GLU A OE1  1 
ATOM 727  O OE2  . GLU A 1 49 ? 11.101  11.283  2.423   1.00 0.00 ? 49 GLU A OE2  1 
ATOM 728  H H    . GLU A 1 49 ? 12.243  8.984   -3.177  1.00 0.00 ? 49 GLU A H    1 
ATOM 729  H HA   . GLU A 1 49 ? 12.212  7.646   -0.752  1.00 0.00 ? 49 GLU A HA   1 
ATOM 730  H HB2  . GLU A 1 49 ? 12.377  10.214  -1.238  1.00 0.00 ? 49 GLU A HB2  1 
ATOM 731  H HB3  . GLU A 1 49 ? 10.646  10.159  -1.073  1.00 0.00 ? 49 GLU A HB3  1 
ATOM 732  H HG2  . GLU A 1 49 ? 10.956  9.081   1.134   1.00 0.00 ? 49 GLU A HG2  1 
ATOM 733  H HG3  . GLU A 1 49 ? 12.662  9.417   0.987   1.00 0.00 ? 49 GLU A HG3  1 
ATOM 734  N N    . PHE A 1 50 ? 9.245   8.400   -1.856  1.00 0.00 ? 50 PHE A N    1 
ATOM 735  C CA   . PHE A 1 50 ? 7.838   8.172   -1.749  1.00 0.00 ? 50 PHE A CA   1 
ATOM 736  C C    . PHE A 1 50 ? 7.515   6.711   -1.994  1.00 0.00 ? 50 PHE A C    1 
ATOM 737  O O    . PHE A 1 50 ? 6.973   6.039   -1.131  1.00 0.00 ? 50 PHE A O    1 
ATOM 738  C CB   . PHE A 1 50 ? 7.130   9.037   -2.781  1.00 0.00 ? 50 PHE A CB   1 
ATOM 739  C CG   . PHE A 1 50 ? 5.638   8.924   -2.780  1.00 0.00 ? 50 PHE A CG   1 
ATOM 740  C CD1  . PHE A 1 50 ? 4.876   9.597   -1.844  1.00 0.00 ? 50 PHE A CD1  1 
ATOM 741  C CD2  . PHE A 1 50 ? 5.000   8.149   -3.732  1.00 0.00 ? 50 PHE A CD2  1 
ATOM 742  C CE1  . PHE A 1 50 ? 3.499   9.496   -1.857  1.00 0.00 ? 50 PHE A CE1  1 
ATOM 743  C CE2  . PHE A 1 50 ? 3.628   8.047   -3.752  1.00 0.00 ? 50 PHE A CE2  1 
ATOM 744  C CZ   . PHE A 1 50 ? 2.875   8.719   -2.812  1.00 0.00 ? 50 PHE A CZ   1 
ATOM 745  H H    . PHE A 1 50 ? 9.567   9.048   -2.509  1.00 0.00 ? 50 PHE A H    1 
ATOM 746  H HA   . PHE A 1 50 ? 7.534   8.463   -0.766  1.00 0.00 ? 50 PHE A HA   1 
ATOM 747  H HB2  . PHE A 1 50 ? 7.387   10.062  -2.614  1.00 0.00 ? 50 PHE A HB2  1 
ATOM 748  H HB3  . PHE A 1 50 ? 7.479   8.749   -3.755  1.00 0.00 ? 50 PHE A HB3  1 
ATOM 749  H HD1  . PHE A 1 50 ? 5.366   10.204  -1.098  1.00 0.00 ? 50 PHE A HD1  1 
ATOM 750  H HD2  . PHE A 1 50 ? 5.591   7.620   -4.462  1.00 0.00 ? 50 PHE A HD2  1 
ATOM 751  H HE1  . PHE A 1 50 ? 2.910   10.020  -1.118  1.00 0.00 ? 50 PHE A HE1  1 
ATOM 752  H HE2  . PHE A 1 50 ? 3.144   7.439   -4.500  1.00 0.00 ? 50 PHE A HE2  1 
ATOM 753  H HZ   . PHE A 1 50 ? 1.799   8.640   -2.823  1.00 0.00 ? 50 PHE A HZ   1 
ATOM 754  N N    . VAL A 1 51 ? 7.918   6.215   -3.151  1.00 0.00 ? 51 VAL A N    1 
ATOM 755  C CA   . VAL A 1 51 ? 7.602   4.842   -3.542  1.00 0.00 ? 51 VAL A CA   1 
ATOM 756  C C    . VAL A 1 51 ? 8.201   3.839   -2.556  1.00 0.00 ? 51 VAL A C    1 
ATOM 757  O O    . VAL A 1 51 ? 7.584   2.818   -2.242  1.00 0.00 ? 51 VAL A O    1 
ATOM 758  C CB   . VAL A 1 51 ? 8.074   4.511   -4.985  1.00 0.00 ? 51 VAL A CB   1 
ATOM 759  C CG1  . VAL A 1 51 ? 7.701   5.624   -5.940  1.00 0.00 ? 51 VAL A CG1  1 
ATOM 760  C CG2  . VAL A 1 51 ? 9.570   4.250   -5.058  1.00 0.00 ? 51 VAL A CG2  1 
ATOM 761  H H    . VAL A 1 51 ? 8.421   6.800   -3.766  1.00 0.00 ? 51 VAL A H    1 
ATOM 762  H HA   . VAL A 1 51 ? 6.520   4.742   -3.514  1.00 0.00 ? 51 VAL A HA   1 
ATOM 763  H HB   . VAL A 1 51 ? 7.562   3.613   -5.306  1.00 0.00 ? 51 VAL A HB   1 
ATOM 764  H HG11 . VAL A 1 51 ? 7.716   5.248   -6.952  1.00 0.00 ? 51 VAL A HG11 1 
ATOM 765  H HG12 . VAL A 1 51 ? 8.425   6.427   -5.845  1.00 0.00 ? 51 VAL A HG12 1 
ATOM 766  H HG13 . VAL A 1 51 ? 6.712   5.991   -5.701  1.00 0.00 ? 51 VAL A HG13 1 
ATOM 767  H HG21 . VAL A 1 51 ? 9.814   3.395   -4.447  1.00 0.00 ? 51 VAL A HG21 1 
ATOM 768  H HG22 . VAL A 1 51 ? 10.102  5.117   -4.695  1.00 0.00 ? 51 VAL A HG22 1 
ATOM 769  H HG23 . VAL A 1 51 ? 9.854   4.056   -6.082  1.00 0.00 ? 51 VAL A HG23 1 
ATOM 770  N N    . ALA A 1 52 ? 9.396   4.147   -2.055  1.00 0.00 ? 52 ALA A N    1 
ATOM 771  C CA   . ALA A 1 52 ? 10.056  3.301   -1.078  1.00 0.00 ? 52 ALA A CA   1 
ATOM 772  C C    . ALA A 1 52 ? 9.292   3.318   0.234   1.00 0.00 ? 52 ALA A C    1 
ATOM 773  O O    . ALA A 1 52 ? 8.860   2.282   0.723   1.00 0.00 ? 52 ALA A O    1 
ATOM 774  C CB   . ALA A 1 52 ? 11.486  3.768   -0.867  1.00 0.00 ? 52 ALA A CB   1 
ATOM 775  H H    . ALA A 1 52 ? 9.849   4.965   -2.363  1.00 0.00 ? 52 ALA A H    1 
ATOM 776  H HA   . ALA A 1 52 ? 10.083  2.294   -1.463  1.00 0.00 ? 52 ALA A HA   1 
ATOM 777  H HB1  . ALA A 1 52 ? 11.942  3.189   -0.079  1.00 0.00 ? 52 ALA A HB1  1 
ATOM 778  H HB2  . ALA A 1 52 ? 11.489  4.818   -0.597  1.00 0.00 ? 52 ALA A HB2  1 
ATOM 779  H HB3  . ALA A 1 52 ? 12.042  3.632   -1.781  1.00 0.00 ? 52 ALA A HB3  1 
ATOM 780  N N    . GLU A 1 53 ? 9.084   4.518   0.756   1.00 0.00 ? 53 GLU A N    1 
ATOM 781  C CA   . GLU A 1 53 ? 8.407   4.722   2.027   1.00 0.00 ? 53 GLU A CA   1 
ATOM 782  C C    . GLU A 1 53 ? 6.971   4.191   1.980   1.00 0.00 ? 53 GLU A C    1 
ATOM 783  O O    . GLU A 1 53 ? 6.483   3.583   2.927   1.00 0.00 ? 53 GLU A O    1 
ATOM 784  C CB   . GLU A 1 53 ? 8.418   6.216   2.326   1.00 0.00 ? 53 GLU A CB   1 
ATOM 785  C CG   . GLU A 1 53 ? 7.833   6.600   3.672   1.00 0.00 ? 53 GLU A CG   1 
ATOM 786  C CD   . GLU A 1 53 ? 8.298   5.705   4.800   1.00 0.00 ? 53 GLU A CD   1 
ATOM 787  O OE1  . GLU A 1 53 ? 9.506   5.732   5.120   1.00 0.00 ? 53 GLU A OE1  1 
ATOM 788  O OE2  . GLU A 1 53 ? 7.469   4.977   5.376   1.00 0.00 ? 53 GLU A OE2  1 
ATOM 789  H H    . GLU A 1 53 ? 9.392   5.310   0.260   1.00 0.00 ? 53 GLU A H    1 
ATOM 790  H HA   . GLU A 1 53 ? 8.951   4.210   2.793   1.00 0.00 ? 53 GLU A HA   1 
ATOM 791  H HB2  . GLU A 1 53 ? 9.431   6.586   2.267   1.00 0.00 ? 53 GLU A HB2  1 
ATOM 792  H HB3  . GLU A 1 53 ? 7.838   6.696   1.565   1.00 0.00 ? 53 GLU A HB3  1 
ATOM 793  H HG2  . GLU A 1 53 ? 8.119   7.612   3.904   1.00 0.00 ? 53 GLU A HG2  1 
ATOM 794  H HG3  . GLU A 1 53 ? 6.768   6.559   3.594   1.00 0.00 ? 53 GLU A HG3  1 
ATOM 795  N N    . VAL A 1 54 ? 6.331   4.388   0.845   1.00 0.00 ? 54 VAL A N    1 
ATOM 796  C CA   . VAL A 1 54 ? 4.919   4.064   0.664   1.00 0.00 ? 54 VAL A CA   1 
ATOM 797  C C    . VAL A 1 54 ? 4.679   2.561   0.687   1.00 0.00 ? 54 VAL A C    1 
ATOM 798  O O    . VAL A 1 54 ? 3.901   2.059   1.503   1.00 0.00 ? 54 VAL A O    1 
ATOM 799  C CB   . VAL A 1 54 ? 4.408   4.670   -0.669  1.00 0.00 ? 54 VAL A CB   1 
ATOM 800  C CG1  . VAL A 1 54 ? 3.176   3.971   -1.192  1.00 0.00 ? 54 VAL A CG1  1 
ATOM 801  C CG2  . VAL A 1 54 ? 4.128   6.151   -0.499  1.00 0.00 ? 54 VAL A CG2  1 
ATOM 802  H H    . VAL A 1 54 ? 6.831   4.761   0.088   1.00 0.00 ? 54 VAL A H    1 
ATOM 803  H HA   . VAL A 1 54 ? 4.369   4.513   1.479   1.00 0.00 ? 54 VAL A HA   1 
ATOM 804  H HB   . VAL A 1 54 ? 5.180   4.562   -1.408  1.00 0.00 ? 54 VAL A HB   1 
ATOM 805  H HG11 . VAL A 1 54 ? 3.311   2.903   -1.130  1.00 0.00 ? 54 VAL A HG11 1 
ATOM 806  H HG12 . VAL A 1 54 ? 3.020   4.251   -2.224  1.00 0.00 ? 54 VAL A HG12 1 
ATOM 807  H HG13 . VAL A 1 54 ? 2.323   4.263   -0.611  1.00 0.00 ? 54 VAL A HG13 1 
ATOM 808  H HG21 . VAL A 1 54 ? 3.346   6.287   0.231   1.00 0.00 ? 54 VAL A HG21 1 
ATOM 809  H HG22 . VAL A 1 54 ? 3.817   6.571   -1.443  1.00 0.00 ? 54 VAL A HG22 1 
ATOM 810  H HG23 . VAL A 1 54 ? 5.023   6.650   -0.160  1.00 0.00 ? 54 VAL A HG23 1 
ATOM 811  N N    . SER A 1 55 ? 5.359   1.839   -0.186  1.00 0.00 ? 55 SER A N    1 
ATOM 812  C CA   . SER A 1 55 ? 5.160   0.407   -0.273  1.00 0.00 ? 55 SER A CA   1 
ATOM 813  C C    . SER A 1 55 ? 5.766   -0.291  0.940   1.00 0.00 ? 55 SER A C    1 
ATOM 814  O O    . SER A 1 55 ? 5.314   -1.362  1.341   1.00 0.00 ? 55 SER A O    1 
ATOM 815  C CB   . SER A 1 55 ? 5.747   -0.136  -1.575  1.00 0.00 ? 55 SER A CB   1 
ATOM 816  O OG   . SER A 1 55 ? 7.129   0.173   -1.687  1.00 0.00 ? 55 SER A OG   1 
ATOM 817  H H    . SER A 1 55 ? 6.007   2.276   -0.780  1.00 0.00 ? 55 SER A H    1 
ATOM 818  H HA   . SER A 1 55 ? 4.094   0.227   -0.271  1.00 0.00 ? 55 SER A HA   1 
ATOM 819  H HB2  . SER A 1 55 ? 5.624   -1.208  -1.600  1.00 0.00 ? 55 SER A HB2  1 
ATOM 820  H HB3  . SER A 1 55 ? 5.221   0.303   -2.411  1.00 0.00 ? 55 SER A HB3  1 
ATOM 821  H HG   . SER A 1 55 ? 7.236   0.973   -2.226  1.00 0.00 ? 55 SER A HG   1 
ATOM 822  N N    . SER A 1 56 ? 6.776   0.334   1.531   1.00 0.00 ? 56 SER A N    1 
ATOM 823  C CA   . SER A 1 56 ? 7.421   -0.211  2.709   1.00 0.00 ? 56 SER A CA   1 
ATOM 824  C C    . SER A 1 56 ? 6.535   -0.017  3.935   1.00 0.00 ? 56 SER A C    1 
ATOM 825  O O    . SER A 1 56 ? 6.595   -0.799  4.884   1.00 0.00 ? 56 SER A O    1 
ATOM 826  C CB   . SER A 1 56 ? 8.783   0.458   2.920   1.00 0.00 ? 56 SER A CB   1 
ATOM 827  O OG   . SER A 1 56 ? 9.531   -0.178  3.944   1.00 0.00 ? 56 SER A OG   1 
ATOM 828  H H    . SER A 1 56 ? 7.099   1.185   1.161   1.00 0.00 ? 56 SER A H    1 
ATOM 829  H HA   . SER A 1 56 ? 7.565   -1.265  2.549   1.00 0.00 ? 56 SER A HA   1 
ATOM 830  H HB2  . SER A 1 56 ? 9.346   0.408   1.999   1.00 0.00 ? 56 SER A HB2  1 
ATOM 831  H HB3  . SER A 1 56 ? 8.630   1.495   3.185   1.00 0.00 ? 56 SER A HB3  1 
ATOM 832  H HG   . SER A 1 56 ? 8.932   -0.492  4.632   1.00 0.00 ? 56 SER A HG   1 
ATOM 833  N N    . TYR A 1 57 ? 5.693   1.010   3.903   1.00 0.00 ? 57 TYR A N    1 
ATOM 834  C CA   . TYR A 1 57 ? 4.828   1.302   5.026   1.00 0.00 ? 57 TYR A CA   1 
ATOM 835  C C    . TYR A 1 57 ? 3.710   0.294   5.087   1.00 0.00 ? 57 TYR A C    1 
ATOM 836  O O    . TYR A 1 57 ? 3.487   -0.334  6.119   1.00 0.00 ? 57 TYR A O    1 
ATOM 837  C CB   . TYR A 1 57 ? 4.231   2.693   4.922   1.00 0.00 ? 57 TYR A CB   1 
ATOM 838  C CG   . TYR A 1 57 ? 3.542   3.110   6.196   1.00 0.00 ? 57 TYR A CG   1 
ATOM 839  C CD1  . TYR A 1 57 ? 4.275   3.361   7.342   1.00 0.00 ? 57 TYR A CD1  1 
ATOM 840  C CD2  . TYR A 1 57 ? 2.162   3.226   6.257   1.00 0.00 ? 57 TYR A CD2  1 
ATOM 841  C CE1  . TYR A 1 57 ? 3.653   3.716   8.520   1.00 0.00 ? 57 TYR A CE1  1 
ATOM 842  C CE2  . TYR A 1 57 ? 1.530   3.586   7.428   1.00 0.00 ? 57 TYR A CE2  1 
ATOM 843  C CZ   . TYR A 1 57 ? 2.279   3.830   8.557   1.00 0.00 ? 57 TYR A CZ   1 
ATOM 844  O OH   . TYR A 1 57 ? 1.653   4.182   9.733   1.00 0.00 ? 57 TYR A OH   1 
ATOM 845  H H    . TYR A 1 57 ? 5.649   1.577   3.107   1.00 0.00 ? 57 TYR A H    1 
ATOM 846  H HA   . TYR A 1 57 ? 5.405   1.231   5.927   1.00 0.00 ? 57 TYR A HA   1 
ATOM 847  H HB2  . TYR A 1 57 ? 5.003   3.412   4.688   1.00 0.00 ? 57 TYR A HB2  1 
ATOM 848  H HB3  . TYR A 1 57 ? 3.499   2.691   4.138   1.00 0.00 ? 57 TYR A HB3  1 
ATOM 849  H HD1  . TYR A 1 57 ? 5.351   3.272   7.303   1.00 0.00 ? 57 TYR A HD1  1 
ATOM 850  H HD2  . TYR A 1 57 ? 1.578   3.035   5.368   1.00 0.00 ? 57 TYR A HD2  1 
ATOM 851  H HE1  . TYR A 1 57 ? 4.238   3.906   9.403   1.00 0.00 ? 57 TYR A HE1  1 
ATOM 852  H HE2  . TYR A 1 57 ? 0.454   3.675   7.455   1.00 0.00 ? 57 TYR A HE2  1 
ATOM 853  H HH   . TYR A 1 57 ? 2.101   4.950   10.111  1.00 0.00 ? 57 TYR A HH   1 
ATOM 854  N N    . LEU A 1 58 ? 3.014   0.130   3.967   1.00 0.00 ? 58 LEU A N    1 
ATOM 855  C CA   . LEU A 1 58 ? 1.973   -0.875  3.875   1.00 0.00 ? 58 LEU A CA   1 
ATOM 856  C C    . LEU A 1 58 ? 2.569   -2.248  4.186   1.00 0.00 ? 58 LEU A C    1 
ATOM 857  O O    . LEU A 1 58 ? 1.928   -3.066  4.828   1.00 0.00 ? 58 LEU A O    1 
ATOM 858  C CB   . LEU A 1 58 ? 1.287   -0.821  2.496   1.00 0.00 ? 58 LEU A CB   1 
ATOM 859  C CG   . LEU A 1 58 ? 2.077   -1.355  1.293   1.00 0.00 ? 58 LEU A CG   1 
ATOM 860  C CD1  . LEU A 1 58 ? 2.020   -2.868  1.229   1.00 0.00 ? 58 LEU A CD1  1 
ATOM 861  C CD2  . LEU A 1 58 ? 1.540   -0.767  0.014   1.00 0.00 ? 58 LEU A CD2  1 
ATOM 862  H H    . LEU A 1 58 ? 3.196   0.715   3.194   1.00 0.00 ? 58 LEU A H    1 
ATOM 863  H HA   . LEU A 1 58 ? 1.232   -0.654  4.637   1.00 0.00 ? 58 LEU A HA   1 
ATOM 864  H HB2  . LEU A 1 58 ? 0.365   -1.375  2.559   1.00 0.00 ? 58 LEU A HB2  1 
ATOM 865  H HB3  . LEU A 1 58 ? 1.047   0.214   2.296   1.00 0.00 ? 58 LEU A HB3  1 
ATOM 866  H HG   . LEU A 1 58 ? 3.107   -1.063  1.380   1.00 0.00 ? 58 LEU A HG   1 
ATOM 867  H HD11 . LEU A 1 58 ? 2.604   -3.214  0.392   1.00 0.00 ? 58 LEU A HD11 1 
ATOM 868  H HD12 . LEU A 1 58 ? 0.992   -3.183  1.112   1.00 0.00 ? 58 LEU A HD12 1 
ATOM 869  H HD13 . LEU A 1 58 ? 2.422   -3.276  2.141   1.00 0.00 ? 58 LEU A HD13 1 
ATOM 870  H HD21 . LEU A 1 58 ? 0.500   -1.031  -0.092  1.00 0.00 ? 58 LEU A HD21 1 
ATOM 871  H HD22 . LEU A 1 58 ? 2.098   -1.162  -0.822  1.00 0.00 ? 58 LEU A HD22 1 
ATOM 872  H HD23 . LEU A 1 58 ? 1.640   0.305   0.041   1.00 0.00 ? 58 LEU A HD23 1 
ATOM 873  N N    . LYS A 1 59 ? 3.823   -2.466  3.773   1.00 0.00 ? 59 LYS A N    1 
ATOM 874  C CA   . LYS A 1 59 ? 4.539   -3.701  4.058   1.00 0.00 ? 59 LYS A CA   1 
ATOM 875  C C    . LYS A 1 59 ? 4.637   -3.922  5.564   1.00 0.00 ? 59 LYS A C    1 
ATOM 876  O O    . LYS A 1 59 ? 4.296   -4.985  6.081   1.00 0.00 ? 59 LYS A O    1 
ATOM 877  C CB   . LYS A 1 59 ? 5.940   -3.603  3.464   1.00 0.00 ? 59 LYS A CB   1 
ATOM 878  C CG   . LYS A 1 59 ? 6.705   -4.904  3.444   1.00 0.00 ? 59 LYS A CG   1 
ATOM 879  C CD   . LYS A 1 59 ? 8.132   -4.676  2.977   1.00 0.00 ? 59 LYS A CD   1 
ATOM 880  C CE   . LYS A 1 59 ? 8.950   -5.955  2.980   1.00 0.00 ? 59 LYS A CE   1 
ATOM 881  N NZ   . LYS A 1 59 ? 10.377  -5.696  2.649   1.00 0.00 ? 59 LYS A NZ   1 
ATOM 882  H H    . LYS A 1 59 ? 4.285   -1.775  3.253   1.00 0.00 ? 59 LYS A H    1 
ATOM 883  H HA   . LYS A 1 59 ? 4.012   -4.524  3.604   1.00 0.00 ? 59 LYS A HA   1 
ATOM 884  H HB2  . LYS A 1 59 ? 5.859   -3.250  2.447   1.00 0.00 ? 59 LYS A HB2  1 
ATOM 885  H HB3  . LYS A 1 59 ? 6.511   -2.885  4.038   1.00 0.00 ? 59 LYS A HB3  1 
ATOM 886  H HG2  . LYS A 1 59 ? 6.714   -5.331  4.439   1.00 0.00 ? 59 LYS A HG2  1 
ATOM 887  H HG3  . LYS A 1 59 ? 6.209   -5.570  2.764   1.00 0.00 ? 59 LYS A HG3  1 
ATOM 888  H HD2  . LYS A 1 59 ? 8.113   -4.280  1.975   1.00 0.00 ? 59 LYS A HD2  1 
ATOM 889  H HD3  . LYS A 1 59 ? 8.601   -3.961  3.636   1.00 0.00 ? 59 LYS A HD3  1 
ATOM 890  H HE2  . LYS A 1 59 ? 8.890   -6.407  3.958   1.00 0.00 ? 59 LYS A HE2  1 
ATOM 891  H HE3  . LYS A 1 59 ? 8.538   -6.631  2.245   1.00 0.00 ? 59 LYS A HE3  1 
ATOM 892  H HZ1  . LYS A 1 59 ? 10.905  -6.591  2.601   1.00 0.00 ? 59 LYS A HZ1  1 
ATOM 893  H HZ2  . LYS A 1 59 ? 10.808  -5.096  3.380   1.00 0.00 ? 59 LYS A HZ2  1 
ATOM 894  H HZ3  . LYS A 1 59 ? 10.453  -5.210  1.733   1.00 0.00 ? 59 LYS A HZ3  1 
ATOM 895  N N    . ARG A 1 60 ? 5.083   -2.886  6.253   1.00 0.00 ? 60 ARG A N    1 
ATOM 896  C CA   . ARG A 1 60 ? 5.257   -2.908  7.690   1.00 0.00 ? 60 ARG A CA   1 
ATOM 897  C C    . ARG A 1 60 ? 3.909   -2.838  8.419   1.00 0.00 ? 60 ARG A C    1 
ATOM 898  O O    . ARG A 1 60 ? 3.829   -3.072  9.623   1.00 0.00 ? 60 ARG A O    1 
ATOM 899  C CB   . ARG A 1 60 ? 6.182   -1.756  8.070   1.00 0.00 ? 60 ARG A CB   1 
ATOM 900  C CG   . ARG A 1 60 ? 5.754   -0.958  9.275   1.00 0.00 ? 60 ARG A CG   1 
ATOM 901  C CD   . ARG A 1 60 ? 6.922   -0.183  9.837   1.00 0.00 ? 60 ARG A CD   1 
ATOM 902  N NE   . ARG A 1 60 ? 6.571   0.558   11.048  1.00 0.00 ? 60 ARG A NE   1 
ATOM 903  C CZ   . ARG A 1 60 ? 7.237   1.621   11.497  1.00 0.00 ? 60 ARG A CZ   1 
ATOM 904  N NH1  . ARG A 1 60 ? 8.259   2.114   10.808  1.00 0.00 ? 60 ARG A NH1  1 
ATOM 905  N NH2  . ARG A 1 60 ? 6.874   2.198   12.633  1.00 0.00 ? 60 ARG A NH2  1 
ATOM 906  H H    . ARG A 1 60 ? 5.308   -2.060  5.772   1.00 0.00 ? 60 ARG A H    1 
ATOM 907  H HA   . ARG A 1 60 ? 5.748   -3.820  7.956   1.00 0.00 ? 60 ARG A HA   1 
ATOM 908  H HB2  . ARG A 1 60 ? 7.168   -2.153  8.268   1.00 0.00 ? 60 ARG A HB2  1 
ATOM 909  H HB3  . ARG A 1 60 ? 6.246   -1.090  7.230   1.00 0.00 ? 60 ARG A HB3  1 
ATOM 910  H HG2  . ARG A 1 60 ? 4.980   -0.269  8.974   1.00 0.00 ? 60 ARG A HG2  1 
ATOM 911  H HG3  . ARG A 1 60 ? 5.376   -1.632  10.028  1.00 0.00 ? 60 ARG A HG3  1 
ATOM 912  H HD2  . ARG A 1 60 ? 7.707   -0.887  10.068  1.00 0.00 ? 60 ARG A HD2  1 
ATOM 913  H HD3  . ARG A 1 60 ? 7.270   0.508   9.084   1.00 0.00 ? 60 ARG A HD3  1 
ATOM 914  H HE   . ARG A 1 60 ? 5.800   0.232   11.566  1.00 0.00 ? 60 ARG A HE   1 
ATOM 915  H HH11 . ARG A 1 60 ? 8.537   1.695   9.941   1.00 0.00 ? 60 ARG A HH11 1 
ATOM 916  H HH12 . ARG A 1 60 ? 8.755   2.917   11.149  1.00 0.00 ? 60 ARG A HH12 1 
ATOM 917  H HH21 . ARG A 1 60 ? 6.095   1.843   13.154  1.00 0.00 ? 60 ARG A HH21 1 
ATOM 918  H HH22 . ARG A 1 60 ? 7.375   2.999   12.975  1.00 0.00 ? 60 ARG A HH22 1 
ATOM 919  N N    . ASN A 1 61 ? 2.843   -2.548  7.687   1.00 0.00 ? 61 ASN A N    1 
ATOM 920  C CA   . ASN A 1 61 ? 1.541   -2.350  8.301   1.00 0.00 ? 61 ASN A CA   1 
ATOM 921  C C    . ASN A 1 61 ? 0.612   -3.544  8.090   1.00 0.00 ? 61 ASN A C    1 
ATOM 922  O O    . ASN A 1 61 ? -0.401  -3.667  8.776   1.00 0.00 ? 61 ASN A O    1 
ATOM 923  C CB   . ASN A 1 61 ? 0.894   -1.091  7.735   1.00 0.00 ? 61 ASN A CB   1 
ATOM 924  C CG   . ASN A 1 61 ? 0.278   -0.214  8.805   1.00 0.00 ? 61 ASN A CG   1 
ATOM 925  O OD1  . ASN A 1 61 ? 0.249   1.006   8.674   1.00 0.00 ? 61 ASN A OD1  1 
ATOM 926  N ND2  . ASN A 1 61 ? -0.224  -0.816  9.871   1.00 0.00 ? 61 ASN A ND2  1 
ATOM 927  H H    . ASN A 1 61 ? 2.933   -2.448  6.715   1.00 0.00 ? 61 ASN A H    1 
ATOM 928  H HA   . ASN A 1 61 ? 1.694   -2.214  9.359   1.00 0.00 ? 61 ASN A HA   1 
ATOM 929  H HB2  . ASN A 1 61 ? 1.629   -0.516  7.212   1.00 0.00 ? 61 ASN A HB2  1 
ATOM 930  H HB3  . ASN A 1 61 ? 0.125   -1.380  7.042   1.00 0.00 ? 61 ASN A HB3  1 
ATOM 931  H HD21 . ASN A 1 61 ? -0.179  -1.797  9.917   1.00 0.00 ? 61 ASN A HD21 1 
ATOM 932  H HD22 . ASN A 1 61 ? -0.616  -0.259  10.575  1.00 0.00 ? 61 ASN A HD22 1 
ATOM 933  N N    . GLY A 1 62 ? 0.962   -4.440  7.173   1.00 0.00 ? 62 GLY A N    1 
ATOM 934  C CA   . GLY A 1 62 ? 0.053   -5.528  6.844   1.00 0.00 ? 62 GLY A CA   1 
ATOM 935  C C    . GLY A 1 62 ? 0.301   -6.138  5.480   1.00 0.00 ? 62 GLY A C    1 
ATOM 936  O O    . GLY A 1 62 ? -0.299  -7.154  5.125   1.00 0.00 ? 62 GLY A O    1 
ATOM 937  H H    . GLY A 1 62 ? 1.833   -4.369  6.730   1.00 0.00 ? 62 GLY A H    1 
ATOM 938  H HA2  . GLY A 1 62 ? 0.145   -6.294  7.579   1.00 0.00 ? 62 GLY A HA2  1 
ATOM 939  H HA3  . GLY A 1 62 ? -0.956  -5.145  6.869   1.00 0.00 ? 62 GLY A HA3  1 
ATOM 940  N N    . GLY A 1 63 ? 1.181   -5.522  4.716   1.00 0.00 ? 63 GLY A N    1 
ATOM 941  C CA   . GLY A 1 63 ? 1.474   -5.992  3.387   1.00 0.00 ? 63 GLY A CA   1 
ATOM 942  C C    . GLY A 1 63 ? 2.520   -7.061  3.369   1.00 0.00 ? 63 GLY A C    1 
ATOM 943  O O    . GLY A 1 63 ? 3.700   -6.798  3.587   1.00 0.00 ? 63 GLY A O    1 
ATOM 944  H H    . GLY A 1 63 ? 1.629   -4.716  5.052   1.00 0.00 ? 63 GLY A H    1 
ATOM 945  H HA2  . GLY A 1 63 ? 0.567   -6.385  2.950   1.00 0.00 ? 63 GLY A HA2  1 
ATOM 946  H HA3  . GLY A 1 63 ? 1.815   -5.159  2.788   1.00 0.00 ? 63 GLY A HA3  1 
ATOM 947  N N    . ILE A 1 64 ? 2.083   -8.270  3.100   1.00 0.00 ? 64 ILE A N    1 
ATOM 948  C CA   . ILE A 1 64 ? 2.998   -9.373  2.939   1.00 0.00 ? 64 ILE A CA   1 
ATOM 949  C C    . ILE A 1 64 ? 3.393   -9.443  1.485   1.00 0.00 ? 64 ILE A C    1 
ATOM 950  O O    . ILE A 1 64 ? 2.527   -9.407  0.619   1.00 0.00 ? 64 ILE A O    1 
ATOM 951  C CB   . ILE A 1 64 ? 2.356   -10.714 3.348   1.00 0.00 ? 64 ILE A CB   1 
ATOM 952  C CG1  . ILE A 1 64 ? 1.740   -10.596 4.741   1.00 0.00 ? 64 ILE A CG1  1 
ATOM 953  C CG2  . ILE A 1 64 ? 3.386   -11.833 3.310   1.00 0.00 ? 64 ILE A CG2  1 
ATOM 954  C CD1  . ILE A 1 64 ? 2.728   -10.204 5.821   1.00 0.00 ? 64 ILE A CD1  1 
ATOM 955  H H    . ILE A 1 64 ? 1.119   -8.420  2.994   1.00 0.00 ? 64 ILE A H    1 
ATOM 956  H HA   . ILE A 1 64 ? 3.865   -9.194  3.551   1.00 0.00 ? 64 ILE A HA   1 
ATOM 957  H HB   . ILE A 1 64 ? 1.579   -10.953 2.632   1.00 0.00 ? 64 ILE A HB   1 
ATOM 958  H HG12 . ILE A 1 64 ? 0.967   -9.846  4.717   1.00 0.00 ? 64 ILE A HG12 1 
ATOM 959  H HG13 . ILE A 1 64 ? 1.304   -11.546 5.016   1.00 0.00 ? 64 ILE A HG13 1 
ATOM 960  H HG21 . ILE A 1 64 ? 4.177   -11.617 4.012   1.00 0.00 ? 64 ILE A HG21 1 
ATOM 961  H HG22 . ILE A 1 64 ? 3.798   -11.906 2.313   1.00 0.00 ? 64 ILE A HG22 1 
ATOM 962  H HG23 . ILE A 1 64 ? 2.913   -12.769 3.576   1.00 0.00 ? 64 ILE A HG23 1 
ATOM 963  H HD11 . ILE A 1 64 ? 3.493   -10.960 5.903   1.00 0.00 ? 64 ILE A HD11 1 
ATOM 964  H HD12 . ILE A 1 64 ? 2.212   -10.111 6.766   1.00 0.00 ? 64 ILE A HD12 1 
ATOM 965  H HD13 . ILE A 1 64 ? 3.181   -9.258  5.565   1.00 0.00 ? 64 ILE A HD13 1 
ATOM 966  N N    . LYS A 1 65 ? 4.687   -9.490  1.211   1.00 0.00 ? 65 LYS A N    1 
ATOM 967  C CA   . LYS A 1 65 ? 5.162   -9.653  -0.147  1.00 0.00 ? 65 LYS A CA   1 
ATOM 968  C C    . LYS A 1 65 ? 4.597   -10.922 -0.775  1.00 0.00 ? 65 LYS A C    1 
ATOM 969  O O    . LYS A 1 65 ? 4.018   -11.748 -0.068  1.00 0.00 ? 65 LYS A O    1 
ATOM 970  C CB   . LYS A 1 65 ? 6.665   -9.673  -0.171  1.00 0.00 ? 65 LYS A CB   1 
ATOM 971  C CG   . LYS A 1 65 ? 7.258   -8.327  0.170   1.00 0.00 ? 65 LYS A CG   1 
ATOM 972  C CD   . LYS A 1 65 ? 7.299   -7.403  -1.037  1.00 0.00 ? 65 LYS A CD   1 
ATOM 973  C CE   . LYS A 1 65 ? 7.966   -6.078  -0.698  1.00 0.00 ? 65 LYS A CE   1 
ATOM 974  N NZ   . LYS A 1 65 ? 7.991   -5.148  -1.858  1.00 0.00 ? 65 LYS A NZ   1 
ATOM 975  H H    . LYS A 1 65 ? 5.340   -9.409  1.940   1.00 0.00 ? 65 LYS A H    1 
ATOM 976  H HA   . LYS A 1 65 ? 4.839   -8.799  -0.708  1.00 0.00 ? 65 LYS A HA   1 
ATOM 977  H HB2  . LYS A 1 65 ? 7.018   -10.402 0.540   1.00 0.00 ? 65 LYS A HB2  1 
ATOM 978  H HB3  . LYS A 1 65 ? 6.990   -9.947  -1.160  1.00 0.00 ? 65 LYS A HB3  1 
ATOM 979  H HG2  . LYS A 1 65 ? 6.657   -7.865  0.942   1.00 0.00 ? 65 LYS A HG2  1 
ATOM 980  H HG3  . LYS A 1 65 ? 8.238   -8.478  0.532   1.00 0.00 ? 65 LYS A HG3  1 
ATOM 981  H HD2  . LYS A 1 65 ? 7.855   -7.886  -1.830  1.00 0.00 ? 65 LYS A HD2  1 
ATOM 982  H HD3  . LYS A 1 65 ? 6.287   -7.215  -1.366  1.00 0.00 ? 65 LYS A HD3  1 
ATOM 983  H HE2  . LYS A 1 65 ? 7.419   -5.615  0.110   1.00 0.00 ? 65 LYS A HE2  1 
ATOM 984  H HE3  . LYS A 1 65 ? 8.980   -6.271  -0.379  1.00 0.00 ? 65 LYS A HE3  1 
ATOM 985  H HZ1  . LYS A 1 65 ? 8.510   -5.574  -2.650  1.00 0.00 ? 65 LYS A HZ1  1 
ATOM 986  H HZ2  . LYS A 1 65 ? 8.457   -4.256  -1.596  1.00 0.00 ? 65 LYS A HZ2  1 
ATOM 987  H HZ3  . LYS A 1 65 ? 7.021   -4.936  -2.172  1.00 0.00 ? 65 LYS A HZ3  1 
ATOM 988  N N    . ASP A 1 66 ? 4.747   -11.061 -2.092  1.00 0.00 ? 66 ASP A N    1 
ATOM 989  C CA   . ASP A 1 66 ? 4.213   -12.214 -2.820  1.00 0.00 ? 66 ASP A CA   1 
ATOM 990  C C    . ASP A 1 66 ? 4.497   -13.516 -2.078  1.00 0.00 ? 66 ASP A C    1 
ATOM 991  O O    . ASP A 1 66 ? 5.622   -14.025 -2.088  1.00 0.00 ? 66 ASP A O    1 
ATOM 992  C CB   . ASP A 1 66 ? 4.788   -12.286 -4.232  1.00 0.00 ? 66 ASP A CB   1 
ATOM 993  C CG   . ASP A 1 66 ? 4.209   -13.441 -5.023  1.00 0.00 ? 66 ASP A CG   1 
ATOM 994  O OD1  . ASP A 1 66 ? 3.130   -13.272 -5.632  1.00 0.00 ? 66 ASP A OD1  1 
ATOM 995  O OD2  . ASP A 1 66 ? 4.819   -14.528 -5.036  1.00 0.00 ? 66 ASP A OD2  1 
ATOM 996  H H    . ASP A 1 66 ? 5.224   -10.363 -2.588  1.00 0.00 ? 66 ASP A H    1 
ATOM 997  H HA   . ASP A 1 66 ? 3.143   -12.086 -2.889  1.00 0.00 ? 66 ASP A HA   1 
ATOM 998  H HB2  . ASP A 1 66 ? 4.565   -11.369 -4.755  1.00 0.00 ? 66 ASP A HB2  1 
ATOM 999  H HB3  . ASP A 1 66 ? 5.859   -12.413 -4.174  1.00 0.00 ? 66 ASP A HB3  1 
ATOM 1000 N N    . LEU A 1 67 ? 3.456   -14.030 -1.431  1.00 0.00 ? 67 LEU A N    1 
ATOM 1001 C CA   . LEU A 1 67 ? 3.559   -15.176 -0.536  1.00 0.00 ? 67 LEU A CA   1 
ATOM 1002 C C    . LEU A 1 67 ? 2.231   -15.354 0.187   1.00 0.00 ? 67 LEU A C    1 
ATOM 1003 O O    . LEU A 1 67 ? 1.845   -16.474 0.509   1.00 0.00 ? 67 LEU A O    1 
ATOM 1004 C CB   . LEU A 1 67 ? 4.684   -14.972 0.493   1.00 0.00 ? 67 LEU A CB   1 
ATOM 1005 C CG   . LEU A 1 67 ? 4.943   -16.154 1.429   1.00 0.00 ? 67 LEU A CG   1 
ATOM 1006 C CD1  . LEU A 1 67 ? 5.324   -17.397 0.639   1.00 0.00 ? 67 LEU A CD1  1 
ATOM 1007 C CD2  . LEU A 1 67 ? 6.036   -15.802 2.428   1.00 0.00 ? 67 LEU A CD2  1 
ATOM 1008 H H    . LEU A 1 67 ? 2.576   -13.625 -1.573  1.00 0.00 ? 67 LEU A H    1 
ATOM 1009 H HA   . LEU A 1 67 ? 3.764   -16.055 -1.129  1.00 0.00 ? 67 LEU A HA   1 
ATOM 1010 H HB2  . LEU A 1 67 ? 5.596   -14.760 -0.044  1.00 0.00 ? 67 LEU A HB2  1 
ATOM 1011 H HB3  . LEU A 1 67 ? 4.435   -14.112 1.098   1.00 0.00 ? 67 LEU A HB3  1 
ATOM 1012 H HG   . LEU A 1 67 ? 4.040   -16.373 1.982   1.00 0.00 ? 67 LEU A HG   1 
ATOM 1013 H HD11 . LEU A 1 67 ? 6.215   -17.195 0.061   1.00 0.00 ? 67 LEU A HD11 1 
ATOM 1014 H HD12 . LEU A 1 67 ? 4.517   -17.664 -0.024  1.00 0.00 ? 67 LEU A HD12 1 
ATOM 1015 H HD13 . LEU A 1 67 ? 5.515   -18.211 1.322   1.00 0.00 ? 67 LEU A HD13 1 
ATOM 1016 H HD21 . LEU A 1 67 ? 5.721   -14.957 3.021   1.00 0.00 ? 67 LEU A HD21 1 
ATOM 1017 H HD22 . LEU A 1 67 ? 6.941   -15.552 1.897   1.00 0.00 ? 67 LEU A HD22 1 
ATOM 1018 H HD23 . LEU A 1 67 ? 6.218   -16.647 3.074   1.00 0.00 ? 67 LEU A HD23 1 
ATOM 1019 N N    . THR A 1 68 ? 1.547   -14.231 0.432   1.00 0.00 ? 68 THR A N    1 
ATOM 1020 C CA   . THR A 1 68 ? 0.208   -14.215 1.037   1.00 0.00 ? 68 THR A CA   1 
ATOM 1021 C C    . THR A 1 68 ? 0.178   -14.964 2.366   1.00 0.00 ? 68 THR A C    1 
ATOM 1022 O O    . THR A 1 68 ? -0.082  -16.168 2.415   1.00 0.00 ? 68 THR A O    1 
ATOM 1023 C CB   . THR A 1 68 ? -0.885  -14.782 0.088   1.00 0.00 ? 68 THR A CB   1 
ATOM 1024 O OG1  . THR A 1 68 ? -0.603  -16.138 -0.285  1.00 0.00 ? 68 THR A OG1  1 
ATOM 1025 C CG2  . THR A 1 68 ? -1.005  -13.935 -1.168  1.00 0.00 ? 68 THR A CG2  1 
ATOM 1026 H H    . THR A 1 68 ? 1.969   -13.369 0.216   1.00 0.00 ? 68 THR A H    1 
ATOM 1027 H HA   . THR A 1 68 ? -0.037  -13.179 1.233   1.00 0.00 ? 68 THR A HA   1 
ATOM 1028 H HB   . THR A 1 68 ? -1.831  -14.755 0.606   1.00 0.00 ? 68 THR A HB   1 
ATOM 1029 H HG1  . THR A 1 68 ? 0.282   -16.379 0.027   1.00 0.00 ? 68 THR A HG1  1 
ATOM 1030 H HG21 . THR A 1 68 ? -0.036  -13.846 -1.635  1.00 0.00 ? 68 THR A HG21 1 
ATOM 1031 H HG22 . THR A 1 68 ? -1.373  -12.955 -0.910  1.00 0.00 ? 68 THR A HG22 1 
ATOM 1032 H HG23 . THR A 1 68 ? -1.691  -14.408 -1.855  1.00 0.00 ? 68 THR A HG23 1 
ATOM 1033 N N    . LYS A 1 69 ? 0.438   -14.247 3.447   1.00 0.00 ? 69 LYS A N    1 
ATOM 1034 C CA   . LYS A 1 69 ? 0.435   -14.851 4.766   1.00 0.00 ? 69 LYS A CA   1 
ATOM 1035 C C    . LYS A 1 69 ? -0.674  -14.278 5.627   1.00 0.00 ? 69 LYS A C    1 
ATOM 1036 O O    . LYS A 1 69 ? -0.693  -13.080 5.912   1.00 0.00 ? 69 LYS A O    1 
ATOM 1037 C CB   . LYS A 1 69 ? 1.775   -14.664 5.461   1.00 0.00 ? 69 LYS A CB   1 
ATOM 1038 C CG   . LYS A 1 69 ? 2.914   -15.440 4.823   1.00 0.00 ? 69 LYS A CG   1 
ATOM 1039 C CD   . LYS A 1 69 ? 4.178   -15.393 5.670   1.00 0.00 ? 69 LYS A CD   1 
ATOM 1040 C CE   . LYS A 1 69 ? 4.002   -16.121 6.998   1.00 0.00 ? 69 LYS A CE   1 
ATOM 1041 N NZ   . LYS A 1 69 ? 3.685   -17.565 6.813   1.00 0.00 ? 69 LYS A NZ   1 
ATOM 1042 H H    . LYS A 1 69 ? 0.621   -13.289 3.359   1.00 0.00 ? 69 LYS A H    1 
ATOM 1043 H HA   . LYS A 1 69 ? 0.268   -15.895 4.639   1.00 0.00 ? 69 LYS A HA   1 
ATOM 1044 H HB2  . LYS A 1 69 ? 2.020   -13.624 5.434   1.00 0.00 ? 69 LYS A HB2  1 
ATOM 1045 H HB3  . LYS A 1 69 ? 1.681   -14.978 6.489   1.00 0.00 ? 69 LYS A HB3  1 
ATOM 1046 H HG2  . LYS A 1 69 ? 2.612   -16.470 4.707   1.00 0.00 ? 69 LYS A HG2  1 
ATOM 1047 H HG3  . LYS A 1 69 ? 3.126   -15.016 3.852   1.00 0.00 ? 69 LYS A HG3  1 
ATOM 1048 H HD2  . LYS A 1 69 ? 4.982   -15.861 5.121   1.00 0.00 ? 69 LYS A HD2  1 
ATOM 1049 H HD3  . LYS A 1 69 ? 4.430   -14.361 5.866   1.00 0.00 ? 69 LYS A HD3  1 
ATOM 1050 H HE2  . LYS A 1 69 ? 4.918   -16.036 7.563   1.00 0.00 ? 69 LYS A HE2  1 
ATOM 1051 H HE3  . LYS A 1 69 ? 3.200   -15.653 7.546   1.00 0.00 ? 69 LYS A HE3  1 
ATOM 1052 H HZ1  . LYS A 1 69 ? 2.802   -17.675 6.273   1.00 0.00 ? 69 LYS A HZ1  1 
ATOM 1053 H HZ2  . LYS A 1 69 ? 3.571   -18.029 7.737   1.00 0.00 ? 69 LYS A HZ2  1 
ATOM 1054 H HZ3  . LYS A 1 69 ? 4.453   -18.039 6.295   1.00 0.00 ? 69 LYS A HZ3  1 
ATOM 1055 N N    . VAL A 1 70 ? -1.606  -15.131 6.015   1.00 0.00 ? 70 VAL A N    1 
ATOM 1056 C CA   . VAL A 1 70 ? -2.634  -14.745 6.967   1.00 0.00 ? 70 VAL A CA   1 
ATOM 1057 C C    . VAL A 1 70 ? -2.040  -14.769 8.371   1.00 0.00 ? 70 VAL A C    1 
ATOM 1058 O O    . VAL A 1 70 ? -2.079  -15.789 9.064   1.00 0.00 ? 70 VAL A O    1 
ATOM 1059 C CB   . VAL A 1 70 ? -3.860  -15.682 6.896   1.00 0.00 ? 70 VAL A CB   1 
ATOM 1060 C CG1  . VAL A 1 70 ? -4.951  -15.219 7.848   1.00 0.00 ? 70 VAL A CG1  1 
ATOM 1061 C CG2  . VAL A 1 70 ? -4.391  -15.761 5.472   1.00 0.00 ? 70 VAL A CG2  1 
ATOM 1062 H H    . VAL A 1 70 ? -1.605  -16.043 5.655   1.00 0.00 ? 70 VAL A H    1 
ATOM 1063 H HA   . VAL A 1 70 ? -2.950  -13.740 6.734   1.00 0.00 ? 70 VAL A HA   1 
ATOM 1064 H HB   . VAL A 1 70 ? -3.546  -16.673 7.196   1.00 0.00 ? 70 VAL A HB   1 
ATOM 1065 H HG11 . VAL A 1 70 ? -4.580  -15.250 8.862   1.00 0.00 ? 70 VAL A HG11 1 
ATOM 1066 H HG12 . VAL A 1 70 ? -5.807  -15.871 7.756   1.00 0.00 ? 70 VAL A HG12 1 
ATOM 1067 H HG13 . VAL A 1 70 ? -5.240  -14.208 7.601   1.00 0.00 ? 70 VAL A HG13 1 
ATOM 1068 H HG21 . VAL A 1 70 ? -4.698  -14.777 5.148   1.00 0.00 ? 70 VAL A HG21 1 
ATOM 1069 H HG22 . VAL A 1 70 ? -5.238  -16.430 5.441   1.00 0.00 ? 70 VAL A HG22 1 
ATOM 1070 H HG23 . VAL A 1 70 ? -3.617  -16.130 4.818   1.00 0.00 ? 70 VAL A HG23 1 
ATOM 1071 N N    . LEU A 1 71 ? -1.445  -13.656 8.763   1.00 0.00 ? 71 LEU A N    1 
ATOM 1072 C CA   . LEU A 1 71 ? -0.754  -13.568 10.037  1.00 0.00 ? 71 LEU A CA   1 
ATOM 1073 C C    . LEU A 1 71 ? -1.349  -12.464 10.902  1.00 0.00 ? 71 LEU A C    1 
ATOM 1074 O O    . LEU A 1 71 ? -1.915  -12.736 11.960  1.00 0.00 ? 71 LEU A O    1 
ATOM 1075 C CB   . LEU A 1 71 ? 0.735   -13.306 9.804   1.00 0.00 ? 71 LEU A CB   1 
ATOM 1076 C CG   . LEU A 1 71 ? 1.598   -13.261 11.064  1.00 0.00 ? 71 LEU A CG   1 
ATOM 1077 C CD1  . LEU A 1 71 ? 1.653   -14.629 11.724  1.00 0.00 ? 71 LEU A CD1  1 
ATOM 1078 C CD2  . LEU A 1 71 ? 2.997   -12.769 10.732  1.00 0.00 ? 71 LEU A CD2  1 
ATOM 1079 H H    . LEU A 1 71 ? -1.467  -12.870 8.175   1.00 0.00 ? 71 LEU A H    1 
ATOM 1080 H HA   . LEU A 1 71 ? -0.872  -14.514 10.546  1.00 0.00 ? 71 LEU A HA   1 
ATOM 1081 H HB2  . LEU A 1 71 ? 1.117   -14.084 9.159   1.00 0.00 ? 71 LEU A HB2  1 
ATOM 1082 H HB3  . LEU A 1 71 ? 0.836   -12.359 9.294   1.00 0.00 ? 71 LEU A HB3  1 
ATOM 1083 H HG   . LEU A 1 71 ? 1.160   -12.569 11.767  1.00 0.00 ? 71 LEU A HG   1 
ATOM 1084 H HD11 . LEU A 1 71 ? 2.043   -15.352 11.023  1.00 0.00 ? 71 LEU A HD11 1 
ATOM 1085 H HD12 . LEU A 1 71 ? 0.659   -14.923 12.029  1.00 0.00 ? 71 LEU A HD12 1 
ATOM 1086 H HD13 . LEU A 1 71 ? 2.296   -14.585 12.591  1.00 0.00 ? 71 LEU A HD13 1 
ATOM 1087 H HD21 . LEU A 1 71 ? 2.940   -11.777 10.308  1.00 0.00 ? 71 LEU A HD21 1 
ATOM 1088 H HD22 . LEU A 1 71 ? 3.455   -13.438 10.019  1.00 0.00 ? 71 LEU A HD22 1 
ATOM 1089 H HD23 . LEU A 1 71 ? 3.592   -12.742 11.632  1.00 0.00 ? 71 LEU A HD23 1 
ATOM 1090 N N    . THR A 1 72 ? -1.233  -11.228 10.426  1.00 0.00 ? 72 THR A N    1 
ATOM 1091 C CA   . THR A 1 72 ? -1.695  -10.056 11.165  1.00 0.00 ? 72 THR A CA   1 
ATOM 1092 C C    . THR A 1 72 ? -0.883  -9.867  12.445  1.00 0.00 ? 72 THR A C    1 
ATOM 1093 O O    . THR A 1 72 ? -1.137  -10.513 13.464  1.00 0.00 ? 72 THR A O    1 
ATOM 1094 C CB   . THR A 1 72 ? -3.195  -10.154 11.510  1.00 0.00 ? 72 THR A CB   1 
ATOM 1095 O OG1  . THR A 1 72 ? -3.942  -10.465 10.326  1.00 0.00 ? 72 THR A OG1  1 
ATOM 1096 C CG2  . THR A 1 72 ? -3.710  -8.849  12.104  1.00 0.00 ? 72 THR A CG2  1 
ATOM 1097 H H    . THR A 1 72 ? -0.824  -11.098 9.546   1.00 0.00 ? 72 THR A H    1 
ATOM 1098 H HA   . THR A 1 72 ? -1.548  -9.191  10.533  1.00 0.00 ? 72 THR A HA   1 
ATOM 1099 H HB   . THR A 1 72 ? -3.333  -10.944 12.234  1.00 0.00 ? 72 THR A HB   1 
ATOM 1100 H HG1  . THR A 1 72 ? -3.909  -11.417 10.177  1.00 0.00 ? 72 THR A HG1  1 
ATOM 1101 H HG21 . THR A 1 72 ? -3.575  -8.050  11.390  1.00 0.00 ? 72 THR A HG21 1 
ATOM 1102 H HG22 . THR A 1 72 ? -3.158  -8.622  13.005  1.00 0.00 ? 72 THR A HG22 1 
ATOM 1103 H HG23 . THR A 1 72 ? -4.758  -8.948  12.340  1.00 0.00 ? 72 THR A HG23 1 
ATOM 1104 N N    . ARG A 1 73 ? 0.117   -8.997  12.374  1.00 0.00 ? 73 ARG A N    1 
ATOM 1105 C CA   . ARG A 1 73 ? 0.942   -8.682  13.532  1.00 0.00 ? 73 ARG A CA   1 
ATOM 1106 C C    . ARG A 1 73 ? 0.092   -8.047  14.624  1.00 0.00 ? 73 ARG A C    1 
ATOM 1107 O O    . ARG A 1 73 ? -0.426  -6.936  14.401  1.00 0.00 ? 73 ARG A O    1 
ATOM 1108 C CB   . ARG A 1 73 ? 2.086   -7.742  13.145  1.00 0.00 ? 73 ARG A CB   1 
ATOM 1109 C CG   . ARG A 1 73 ? 3.130   -8.375  12.235  1.00 0.00 ? 73 ARG A CG   1 
ATOM 1110 C CD   . ARG A 1 73 ? 3.845   -9.534  12.915  1.00 0.00 ? 73 ARG A CD   1 
ATOM 1111 N NE   . ARG A 1 73 ? 4.454   -9.136  14.184  1.00 0.00 ? 73 ARG A NE   1 
ATOM 1112 C CZ   . ARG A 1 73 ? 5.334   -9.872  14.859  1.00 0.00 ? 73 ARG A CZ   1 
ATOM 1113 N NH1  . ARG A 1 73 ? 5.764   -11.030 14.369  1.00 0.00 ? 73 ARG A NH1  1 
ATOM 1114 N NH2  . ARG A 1 73 ? 5.803   -9.436  16.020  1.00 0.00 ? 73 ARG A NH2  1 
ATOM 1115 O OXT  . ARG A 1 73 ? -0.050  -8.659  15.701  1.00 0.00 ? 73 ARG A OXT  1 
ATOM 1116 H H    . ARG A 1 73 ? 0.300   -8.552  11.521  1.00 0.00 ? 73 ARG A H    1 
ATOM 1117 H HA   . ARG A 1 73 ? 1.355   -9.605  13.906  1.00 0.00 ? 73 ARG A HA   1 
ATOM 1118 H HB2  . ARG A 1 73 ? 1.673   -6.884  12.638  1.00 0.00 ? 73 ARG A HB2  1 
ATOM 1119 H HB3  . ARG A 1 73 ? 2.581   -7.410  14.046  1.00 0.00 ? 73 ARG A HB3  1 
ATOM 1120 H HG2  . ARG A 1 73 ? 2.641   -8.741  11.345  1.00 0.00 ? 73 ARG A HG2  1 
ATOM 1121 H HG3  . ARG A 1 73 ? 3.858   -7.625  11.964  1.00 0.00 ? 73 ARG A HG3  1 
ATOM 1122 H HD2  . ARG A 1 73 ? 3.131   -10.322 13.101  1.00 0.00 ? 73 ARG A HD2  1 
ATOM 1123 H HD3  . ARG A 1 73 ? 4.617   -9.900  12.256  1.00 0.00 ? 73 ARG A HD3  1 
ATOM 1124 H HE   . ARG A 1 73 ? 4.174   -8.273  14.566  1.00 0.00 ? 73 ARG A HE   1 
ATOM 1125 H HH11 . ARG A 1 73 ? 5.425   -11.362 13.484  1.00 0.00 ? 73 ARG A HH11 1 
ATOM 1126 H HH12 . ARG A 1 73 ? 6.427   -11.579 14.883  1.00 0.00 ? 73 ARG A HH12 1 
ATOM 1127 H HH21 . ARG A 1 73 ? 5.490   -8.555  16.391  1.00 0.00 ? 73 ARG A HH21 1 
ATOM 1128 H HH22 . ARG A 1 73 ? 6.467   -9.985  16.537  1.00 0.00 ? 73 ARG A HH22 1 
# 
